data_8FF6
#
_entry.id   8FF6
#
_cell.length_a   78.558
_cell.length_b   79.984
_cell.length_c   80.147
_cell.angle_alpha   104.33
_cell.angle_beta   111.17
_cell.angle_gamma   101.78
#
_symmetry.space_group_name_H-M   'P 1'
#
loop_
_entity.id
_entity.type
_entity.pdbx_description
1 polymer 'Cytosolic ascorbate peroxidase'
2 non-polymer 'PROTOPORPHYRIN IX CONTAINING FE'
3 non-polymer 'SODIUM ION'
4 water water
#
_entity_poly.entity_id   1
_entity_poly.type   'polypeptide(L)'
_entity_poly.pdbx_seq_one_letter_code
;MAKSYPTVSAEYQDAVEKARRKLRALIAEKSCAPLMLRLAWHSAGTFDVSSKTGGPFGTMKNPAEQAHGANAGLDIAVRM
LEPVKEEFPILSYADLYQLAGVVAVEVTGGPEVPFHPGREDKPQPPPEGRLPDATKGSDHLRQVFGKQMGLSDQDIVALS
GGHTLGRAHKERSGFEGPWTRNPLVFDNSYFKELLSGDKEGLLQLPSDKALLSDPVFRPLAEKYAADEDAFFDDYKEAHL
KLSELGFADA
;
_entity_poly.pdbx_strand_id   A,B,C,D,E,F
#
loop_
_chem_comp.id
_chem_comp.type
_chem_comp.name
_chem_comp.formula
HEM non-polymer 'PROTOPORPHYRIN IX CONTAINING FE' 'C34 H32 Fe N4 O4'
NA non-polymer 'SODIUM ION' 'Na 1'
#
# COMPACT_ATOMS: atom_id res chain seq x y z
N MET A 1 17.80 44.26 -8.39
CA MET A 1 19.10 44.55 -7.81
C MET A 1 19.02 45.12 -6.38
N ALA A 2 17.78 45.27 -5.86
CA ALA A 2 17.56 45.78 -4.50
C ALA A 2 16.14 45.45 -4.04
N LYS A 3 16.01 45.11 -2.75
CA LYS A 3 14.73 44.70 -2.19
C LYS A 3 14.47 45.40 -0.88
N SER A 4 13.19 45.56 -0.54
CA SER A 4 12.78 45.96 0.79
C SER A 4 11.60 45.06 1.16
N TYR A 5 11.85 44.12 2.07
CA TYR A 5 10.92 43.03 2.37
C TYR A 5 9.90 43.47 3.40
N PRO A 6 8.62 43.13 3.19
CA PRO A 6 7.61 43.49 4.20
C PRO A 6 7.78 42.61 5.41
N THR A 7 7.54 43.18 6.57
CA THR A 7 7.46 42.40 7.79
C THR A 7 6.02 41.93 7.93
N VAL A 8 5.78 40.65 7.76
CA VAL A 8 4.41 40.16 7.79
C VAL A 8 4.02 39.89 9.24
N SER A 9 2.71 39.76 9.43
CA SER A 9 2.15 39.61 10.75
C SER A 9 2.56 38.29 11.37
N ALA A 10 2.65 38.30 12.71
CA ALA A 10 2.95 37.08 13.44
C ALA A 10 2.09 35.93 12.98
N GLU A 11 0.81 36.20 12.67
CA GLU A 11 -0.09 35.11 12.27
C GLU A 11 0.28 34.60 10.88
N TYR A 12 0.67 35.50 9.99
CA TYR A 12 1.10 35.07 8.67
C TYR A 12 2.40 34.27 8.75
N GLN A 13 3.38 34.77 9.50
CA GLN A 13 4.63 34.04 9.70
C GLN A 13 4.36 32.65 10.26
N ASP A 14 3.37 32.54 11.15
CA ASP A 14 3.06 31.25 11.73
C ASP A 14 2.39 30.35 10.69
N ALA A 15 1.52 30.93 9.87
CA ALA A 15 0.96 30.21 8.73
C ALA A 15 2.05 29.69 7.83
N VAL A 16 2.98 30.58 7.42
CA VAL A 16 4.07 30.18 6.53
C VAL A 16 4.78 28.96 7.10
N GLU A 17 5.13 29.02 8.40
CA GLU A 17 5.89 27.91 8.96
C GLU A 17 5.04 26.66 9.04
N LYS A 18 3.76 26.81 9.32
CA LYS A 18 2.91 25.64 9.35
C LYS A 18 2.78 25.06 7.96
N ALA A 19 2.56 25.92 6.98
CA ALA A 19 2.48 25.45 5.61
C ALA A 19 3.77 24.75 5.19
N ARG A 20 4.92 25.31 5.54
CA ARG A 20 6.19 24.69 5.15
C ARG A 20 6.24 23.24 5.58
N ARG A 21 5.87 22.98 6.85
CA ARG A 21 5.82 21.62 7.35
C ARG A 21 4.84 20.78 6.56
N LYS A 22 3.66 21.32 6.28
CA LYS A 22 2.68 20.51 5.56
C LYS A 22 3.21 20.17 4.16
N LEU A 23 3.84 21.15 3.50
CA LEU A 23 4.44 20.91 2.18
C LEU A 23 5.53 19.84 2.26
N ARG A 24 6.29 19.82 3.33
CA ARG A 24 7.31 18.79 3.45
C ARG A 24 6.66 17.43 3.40
N ALA A 25 5.59 17.27 4.16
CA ALA A 25 4.97 15.97 4.32
C ALA A 25 4.15 15.59 3.09
N LEU A 26 3.49 16.56 2.47
CA LEU A 26 2.82 16.30 1.20
C LEU A 26 3.82 15.88 0.14
N ILE A 27 4.88 16.67 -0.03
CA ILE A 27 5.83 16.42 -1.11
C ILE A 27 6.54 15.09 -0.89
N ALA A 28 7.19 14.95 0.27
CA ALA A 28 7.95 13.72 0.52
C ALA A 28 7.09 12.49 0.30
N GLU A 29 5.81 12.57 0.69
CA GLU A 29 4.91 11.42 0.59
C GLU A 29 4.60 11.07 -0.87
N LYS A 30 4.11 12.05 -1.64
CA LYS A 30 3.69 11.83 -3.02
C LYS A 30 4.82 11.94 -4.04
N SER A 31 6.06 12.19 -3.63
CA SER A 31 7.22 12.20 -4.54
C SER A 31 6.99 13.07 -5.76
N CYS A 32 6.45 14.27 -5.54
CA CYS A 32 6.13 15.20 -6.62
C CYS A 32 6.86 16.53 -6.43
N ALA A 33 8.00 16.50 -5.76
CA ALA A 33 8.91 17.64 -5.75
C ALA A 33 9.11 18.25 -7.14
N PRO A 34 9.39 17.49 -8.21
CA PRO A 34 9.76 18.15 -9.48
C PRO A 34 8.65 19.02 -10.02
N LEU A 35 7.43 18.48 -10.03
CA LEU A 35 6.29 19.26 -10.50
C LEU A 35 6.06 20.47 -9.62
N MET A 36 6.34 20.36 -8.33
CA MET A 36 6.19 21.52 -7.45
C MET A 36 7.19 22.61 -7.85
N LEU A 37 8.44 22.21 -8.10
CA LEU A 37 9.42 23.20 -8.57
C LEU A 37 8.94 23.82 -9.87
N ARG A 38 8.38 23.00 -10.78
CA ARG A 38 7.92 23.52 -12.06
C ARG A 38 6.83 24.57 -11.86
N LEU A 39 5.93 24.33 -10.90
CA LEU A 39 4.89 25.30 -10.59
C LEU A 39 5.48 26.62 -10.13
N ALA A 40 6.35 26.58 -9.11
CA ALA A 40 7.06 27.78 -8.69
C ALA A 40 7.74 28.45 -9.88
N TRP A 41 8.56 27.70 -10.61
CA TRP A 41 9.27 28.29 -11.73
C TRP A 41 8.31 28.92 -12.74
N HIS A 42 7.30 28.18 -13.17
CA HIS A 42 6.41 28.76 -14.17
C HIS A 42 5.61 29.93 -13.61
N SER A 43 5.29 29.92 -12.31
CA SER A 43 4.60 31.04 -11.70
C SER A 43 5.43 32.31 -11.70
N ALA A 44 6.75 32.18 -11.72
CA ALA A 44 7.64 33.33 -11.61
C ALA A 44 8.26 33.76 -12.93
N GLY A 45 8.47 32.81 -13.85
CA GLY A 45 9.18 33.13 -15.09
C GLY A 45 8.47 34.10 -16.01
N THR A 46 7.18 34.36 -15.78
CA THR A 46 6.41 35.23 -16.66
C THR A 46 6.68 36.72 -16.43
N PHE A 47 7.55 37.06 -15.48
CA PHE A 47 7.74 38.47 -15.13
C PHE A 47 8.48 39.20 -16.24
N ASP A 48 7.97 40.39 -16.62
CA ASP A 48 8.63 41.25 -17.59
C ASP A 48 9.01 42.55 -16.88
N VAL A 49 10.31 42.85 -16.86
CA VAL A 49 10.83 43.93 -16.05
C VAL A 49 10.39 45.29 -16.60
N SER A 50 10.25 45.42 -17.92
CA SER A 50 9.87 46.71 -18.49
C SER A 50 8.39 47.01 -18.23
N SER A 51 7.53 46.00 -18.32
CA SER A 51 6.11 46.23 -18.10
C SER A 51 5.68 46.00 -16.66
N LYS A 52 6.53 45.38 -15.83
CA LYS A 52 6.20 45.15 -14.42
C LYS A 52 4.92 44.34 -14.26
N THR A 53 4.70 43.41 -15.17
CA THR A 53 3.55 42.51 -15.14
C THR A 53 4.03 41.06 -15.04
N GLY A 54 3.13 40.17 -14.63
CA GLY A 54 3.49 38.77 -14.46
C GLY A 54 4.56 38.52 -13.41
N GLY A 55 4.75 37.26 -13.06
CA GLY A 55 5.70 36.89 -12.04
C GLY A 55 4.98 36.21 -10.90
N PRO A 56 5.72 35.91 -9.83
CA PRO A 56 5.16 35.04 -8.78
C PRO A 56 4.08 35.72 -7.96
N PHE A 57 2.87 35.82 -8.48
CA PHE A 57 1.84 36.58 -7.79
C PHE A 57 0.52 35.81 -7.75
N GLY A 58 0.62 34.48 -7.72
CA GLY A 58 -0.53 33.63 -7.51
C GLY A 58 -1.36 33.39 -8.75
N THR A 59 -1.03 34.05 -9.85
CA THR A 59 -1.86 33.98 -11.04
C THR A 59 -1.96 32.58 -11.61
N MET A 60 -1.02 31.70 -11.29
CA MET A 60 -1.15 30.32 -11.74
C MET A 60 -2.44 29.69 -11.24
N LYS A 61 -3.13 30.33 -10.29
CA LYS A 61 -4.38 29.79 -9.74
C LYS A 61 -5.55 30.00 -10.70
N ASN A 62 -5.58 31.13 -11.40
CA ASN A 62 -6.53 31.44 -12.45
C ASN A 62 -6.48 30.36 -13.51
N PRO A 63 -7.53 29.53 -13.67
CA PRO A 63 -7.48 28.45 -14.67
C PRO A 63 -7.17 28.92 -16.09
N ALA A 64 -7.11 30.23 -16.32
CA ALA A 64 -6.64 30.77 -17.60
C ALA A 64 -5.14 30.56 -17.79
N GLU A 65 -4.34 30.91 -16.78
CA GLU A 65 -2.88 30.70 -16.89
C GLU A 65 -2.53 29.22 -16.89
N GLN A 66 -3.33 28.39 -16.22
CA GLN A 66 -3.14 26.95 -16.30
C GLN A 66 -3.50 26.38 -17.66
N ALA A 67 -4.19 27.16 -18.50
CA ALA A 67 -4.51 26.77 -19.86
C ALA A 67 -3.46 27.23 -20.87
N HIS A 68 -2.56 28.12 -20.49
CA HIS A 68 -1.42 28.41 -21.36
C HIS A 68 -0.81 27.09 -21.81
N GLY A 69 -0.40 27.03 -23.07
CA GLY A 69 0.22 25.82 -23.59
C GLY A 69 1.41 25.38 -22.74
N ALA A 70 2.37 26.28 -22.56
CA ALA A 70 3.57 25.97 -21.76
C ALA A 70 3.27 25.38 -20.40
N ASN A 71 2.03 25.49 -19.90
CA ASN A 71 1.72 25.16 -18.50
C ASN A 71 0.97 23.85 -18.35
N ALA A 72 0.96 23.01 -19.39
CA ALA A 72 0.16 21.79 -19.32
C ALA A 72 0.63 20.94 -18.14
N GLY A 73 -0.29 20.64 -17.23
CA GLY A 73 0.01 19.81 -16.07
C GLY A 73 0.16 20.57 -14.77
N LEU A 74 0.40 21.88 -14.83
CA LEU A 74 0.43 22.68 -13.61
C LEU A 74 -0.89 22.60 -12.85
N ASP A 75 -2.02 22.44 -13.57
CA ASP A 75 -3.30 22.29 -12.91
C ASP A 75 -3.30 21.14 -11.91
N ILE A 76 -2.48 20.10 -12.14
CA ILE A 76 -2.32 19.05 -11.14
C ILE A 76 -1.61 19.58 -9.91
N ALA A 77 -0.55 20.37 -10.11
CA ALA A 77 0.12 20.94 -8.95
C ALA A 77 -0.81 21.88 -8.19
N VAL A 78 -1.56 22.71 -8.93
CA VAL A 78 -2.43 23.68 -8.28
C VAL A 78 -3.49 23.00 -7.43
N ARG A 79 -4.04 21.89 -7.94
CA ARG A 79 -5.03 21.14 -7.16
C ARG A 79 -4.37 20.40 -6.03
N MET A 80 -3.13 19.96 -6.22
CA MET A 80 -2.46 19.25 -5.14
C MET A 80 -2.17 20.16 -3.96
N LEU A 81 -1.99 21.46 -4.22
CA LEU A 81 -1.60 22.38 -3.17
C LEU A 81 -2.79 23.04 -2.50
N GLU A 82 -3.99 22.93 -3.09
CA GLU A 82 -5.16 23.57 -2.53
C GLU A 82 -5.49 23.13 -1.11
N PRO A 83 -5.41 21.87 -0.75
CA PRO A 83 -5.58 21.54 0.67
C PRO A 83 -4.70 22.41 1.56
N VAL A 84 -3.48 22.65 1.13
CA VAL A 84 -2.59 23.50 1.92
C VAL A 84 -3.18 24.90 2.08
N LYS A 85 -3.78 25.45 1.02
CA LYS A 85 -4.47 26.72 1.17
C LYS A 85 -5.68 26.59 2.08
N GLU A 86 -6.45 25.49 1.91
CA GLU A 86 -7.64 25.29 2.74
C GLU A 86 -7.31 25.43 4.22
N GLU A 87 -6.16 24.91 4.65
CA GLU A 87 -5.85 24.94 6.07
C GLU A 87 -5.25 26.28 6.51
N PHE A 88 -4.55 26.98 5.63
CA PHE A 88 -3.93 28.27 5.96
C PHE A 88 -4.38 29.31 4.95
N PRO A 89 -5.67 29.64 4.93
CA PRO A 89 -6.20 30.53 3.89
C PRO A 89 -5.62 31.92 3.92
N ILE A 90 -5.09 32.36 5.05
CA ILE A 90 -4.48 33.68 5.05
C ILE A 90 -3.32 33.75 4.04
N LEU A 91 -2.68 32.61 3.76
CA LEU A 91 -1.55 32.64 2.82
C LEU A 91 -2.03 33.04 1.44
N SER A 92 -1.25 33.87 0.77
CA SER A 92 -1.53 34.09 -0.64
C SER A 92 -1.16 32.86 -1.44
N TYR A 93 -1.77 32.73 -2.62
CA TYR A 93 -1.31 31.73 -3.57
C TYR A 93 0.10 32.06 -4.04
N ALA A 94 0.38 33.35 -4.22
CA ALA A 94 1.71 33.78 -4.62
C ALA A 94 2.76 33.17 -3.70
N ASP A 95 2.67 33.46 -2.41
CA ASP A 95 3.60 32.90 -1.43
C ASP A 95 3.57 31.38 -1.45
N LEU A 96 2.36 30.80 -1.50
CA LEU A 96 2.23 29.35 -1.32
C LEU A 96 2.95 28.60 -2.45
N TYR A 97 2.88 29.13 -3.68
CA TYR A 97 3.53 28.43 -4.78
C TYR A 97 5.05 28.57 -4.71
N GLN A 98 5.56 29.74 -4.32
CA GLN A 98 7.02 29.83 -4.20
C GLN A 98 7.53 28.99 -3.04
N LEU A 99 6.80 28.99 -1.92
CA LEU A 99 7.25 28.16 -0.80
C LEU A 99 7.32 26.69 -1.19
N ALA A 100 6.41 26.26 -2.07
CA ALA A 100 6.45 24.88 -2.56
C ALA A 100 7.72 24.64 -3.37
N GLY A 101 8.09 25.57 -4.22
CA GLY A 101 9.36 25.44 -4.94
C GLY A 101 10.51 25.26 -3.97
N VAL A 102 10.59 26.15 -2.98
CA VAL A 102 11.64 26.10 -1.96
C VAL A 102 11.63 24.75 -1.26
N VAL A 103 10.45 24.32 -0.84
CA VAL A 103 10.37 23.05 -0.12
C VAL A 103 10.72 21.87 -1.02
N ALA A 104 10.22 21.87 -2.27
CA ALA A 104 10.65 20.88 -3.26
C ALA A 104 12.16 20.74 -3.28
N VAL A 105 12.86 21.85 -3.44
CA VAL A 105 14.32 21.80 -3.54
C VAL A 105 14.94 21.26 -2.26
N GLU A 106 14.36 21.58 -1.11
CA GLU A 106 15.03 21.20 0.13
C GLU A 106 14.77 19.73 0.48
N VAL A 107 13.58 19.25 0.16
CA VAL A 107 13.26 17.85 0.42
C VAL A 107 14.09 16.93 -0.46
N THR A 108 14.30 17.30 -1.71
CA THR A 108 15.07 16.42 -2.58
C THR A 108 16.56 16.50 -2.34
N GLY A 109 17.03 17.19 -1.30
CA GLY A 109 18.45 17.21 -0.96
C GLY A 109 19.21 18.46 -1.38
N GLY A 110 18.51 19.47 -1.89
CA GLY A 110 19.14 20.63 -2.47
C GLY A 110 19.36 21.73 -1.47
N PRO A 111 19.86 22.86 -1.94
CA PRO A 111 20.25 23.95 -1.03
C PRO A 111 19.04 24.60 -0.39
N GLU A 112 19.33 25.39 0.66
CA GLU A 112 18.36 26.17 1.44
C GLU A 112 18.11 27.51 0.74
N VAL A 113 17.04 27.60 -0.03
CA VAL A 113 16.69 28.85 -0.71
C VAL A 113 15.94 29.70 0.29
N PRO A 114 16.43 30.89 0.68
CA PRO A 114 15.68 31.69 1.66
C PRO A 114 14.29 31.99 1.16
N PHE A 115 13.37 32.24 2.10
CA PHE A 115 12.02 32.61 1.75
C PHE A 115 11.60 33.86 2.50
N HIS A 116 11.21 34.88 1.74
CA HIS A 116 10.64 36.10 2.28
C HIS A 116 9.19 36.20 1.87
N PRO A 117 8.24 36.08 2.81
CA PRO A 117 6.82 36.07 2.44
C PRO A 117 6.29 37.49 2.28
N GLY A 118 5.04 37.57 1.82
CA GLY A 118 4.37 38.84 1.62
C GLY A 118 3.87 39.09 0.21
N ARG A 119 3.98 38.15 -0.72
CA ARG A 119 3.48 38.41 -2.06
C ARG A 119 1.96 38.52 -2.03
N GLU A 120 1.45 39.47 -2.79
CA GLU A 120 0.01 39.57 -2.93
C GLU A 120 -0.41 38.82 -4.18
N ASP A 121 -1.62 38.27 -4.14
CA ASP A 121 -2.25 37.72 -5.32
C ASP A 121 -2.71 38.85 -6.21
N LYS A 122 -2.12 38.96 -7.38
CA LYS A 122 -2.67 39.96 -8.28
C LYS A 122 -3.81 39.36 -9.08
N PRO A 123 -4.65 40.21 -9.68
CA PRO A 123 -5.86 39.70 -10.36
C PRO A 123 -5.64 39.36 -11.83
N GLN A 124 -4.70 40.04 -12.51
CA GLN A 124 -4.53 39.91 -13.95
C GLN A 124 -3.31 39.03 -14.30
N PRO A 125 -3.50 37.77 -14.68
CA PRO A 125 -2.38 36.94 -15.15
C PRO A 125 -1.62 37.62 -16.28
N PRO A 126 -0.35 37.30 -16.47
CA PRO A 126 0.39 37.88 -17.58
C PRO A 126 -0.16 37.34 -18.89
N PRO A 127 0.30 37.87 -20.02
CA PRO A 127 -0.02 37.25 -21.33
C PRO A 127 0.80 35.99 -21.58
N GLU A 128 0.15 35.04 -22.26
CA GLU A 128 0.78 33.76 -22.60
C GLU A 128 1.95 33.98 -23.56
N GLY A 129 2.95 33.10 -23.46
CA GLY A 129 4.10 33.14 -24.34
C GLY A 129 5.36 33.76 -23.79
N ARG A 130 5.37 34.14 -22.51
CA ARG A 130 6.58 34.75 -21.93
C ARG A 130 7.63 33.71 -21.59
N LEU A 131 7.23 32.51 -21.15
CA LEU A 131 8.20 31.53 -20.73
C LEU A 131 9.01 31.06 -21.93
N PRO A 132 10.13 30.40 -21.69
CA PRO A 132 11.06 30.04 -22.77
C PRO A 132 10.58 28.88 -23.63
N ASP A 133 11.04 28.87 -24.89
CA ASP A 133 10.68 27.84 -25.87
C ASP A 133 11.75 26.76 -25.86
N ALA A 134 11.35 25.53 -25.52
CA ALA A 134 12.32 24.45 -25.36
C ALA A 134 13.10 24.17 -26.64
N THR A 135 12.50 24.44 -27.81
CA THR A 135 13.18 24.16 -29.07
C THR A 135 14.15 25.25 -29.50
N LYS A 136 14.23 26.36 -28.74
CA LYS A 136 15.02 27.52 -29.17
C LYS A 136 16.42 27.50 -28.53
N GLY A 137 17.20 28.55 -28.79
CA GLY A 137 18.59 28.50 -28.40
C GLY A 137 19.08 29.63 -27.51
N SER A 138 20.41 29.75 -27.45
CA SER A 138 21.07 30.55 -26.44
C SER A 138 20.53 31.97 -26.40
N ASP A 139 20.22 32.56 -27.55
CA ASP A 139 19.79 33.95 -27.56
C ASP A 139 18.36 34.08 -27.05
N HIS A 140 17.56 33.04 -27.22
CA HIS A 140 16.23 33.06 -26.64
C HIS A 140 16.31 33.08 -25.11
N LEU A 141 17.15 32.21 -24.55
CA LEU A 141 17.37 32.21 -23.11
C LEU A 141 17.69 33.60 -22.58
N ARG A 142 18.51 34.37 -23.30
CA ARG A 142 18.80 35.72 -22.81
C ARG A 142 17.62 36.64 -22.99
N GLN A 143 16.78 36.40 -24.00
CA GLN A 143 15.57 37.21 -24.15
C GLN A 143 14.62 36.95 -22.99
N VAL A 144 14.38 35.69 -22.65
CA VAL A 144 13.43 35.35 -21.59
C VAL A 144 14.01 35.68 -20.22
N PHE A 145 15.10 35.00 -19.85
CA PHE A 145 15.72 35.23 -18.55
C PHE A 145 16.30 36.64 -18.46
N GLY A 146 17.04 37.06 -19.49
CA GLY A 146 17.79 38.30 -19.42
C GLY A 146 16.92 39.52 -19.61
N LYS A 147 16.44 39.75 -20.83
CA LYS A 147 15.74 40.99 -21.12
C LYS A 147 14.41 41.07 -20.36
N GLN A 148 13.64 39.98 -20.33
CA GLN A 148 12.33 40.07 -19.68
C GLN A 148 12.39 39.89 -18.17
N MET A 149 13.10 38.85 -17.73
CA MET A 149 13.14 38.49 -16.32
C MET A 149 14.16 39.31 -15.55
N GLY A 150 15.26 39.72 -16.18
CA GLY A 150 16.25 40.49 -15.48
C GLY A 150 17.29 39.67 -14.77
N LEU A 151 17.30 38.36 -14.98
CA LEU A 151 18.31 37.48 -14.42
C LEU A 151 19.57 37.48 -15.30
N SER A 152 20.63 36.90 -14.79
CA SER A 152 21.95 36.97 -15.39
C SER A 152 22.34 35.62 -15.97
N ASP A 153 23.39 35.65 -16.80
CA ASP A 153 23.87 34.45 -17.45
C ASP A 153 24.15 33.35 -16.45
N GLN A 154 24.74 33.69 -15.30
CA GLN A 154 24.94 32.69 -14.26
C GLN A 154 23.62 32.13 -13.81
N ASP A 155 22.61 32.99 -13.65
CA ASP A 155 21.31 32.50 -13.23
C ASP A 155 20.77 31.49 -14.21
N ILE A 156 21.08 31.66 -15.50
CA ILE A 156 20.49 30.79 -16.51
C ILE A 156 21.09 29.40 -16.42
N VAL A 157 22.41 29.30 -16.33
CA VAL A 157 22.97 27.97 -16.19
C VAL A 157 22.52 27.36 -14.87
N ALA A 158 22.68 28.08 -13.76
CA ALA A 158 22.36 27.49 -12.48
C ALA A 158 20.92 27.01 -12.47
N LEU A 159 19.99 27.90 -12.84
CA LEU A 159 18.57 27.55 -12.84
C LEU A 159 18.27 26.37 -13.75
N SER A 160 18.86 26.34 -14.96
CA SER A 160 18.66 25.19 -15.84
C SER A 160 18.99 23.90 -15.14
N GLY A 161 19.74 23.96 -14.04
CA GLY A 161 19.97 22.80 -13.19
C GLY A 161 18.73 22.27 -12.48
N GLY A 162 17.63 23.02 -12.47
CA GLY A 162 16.41 22.48 -11.89
C GLY A 162 15.98 21.18 -12.56
N HIS A 163 16.37 21.00 -13.83
CA HIS A 163 16.06 19.75 -14.52
C HIS A 163 16.82 18.56 -13.95
N THR A 164 17.66 18.74 -12.93
CA THR A 164 18.09 17.56 -12.17
C THR A 164 16.92 16.85 -11.51
N LEU A 165 15.76 17.52 -11.40
CA LEU A 165 14.53 16.89 -10.90
C LEU A 165 13.55 16.56 -12.01
N GLY A 166 12.91 15.42 -11.92
CA GLY A 166 11.72 15.22 -12.72
C GLY A 166 12.04 14.79 -14.12
N ARG A 167 11.07 15.00 -15.02
CA ARG A 167 11.06 14.43 -16.36
C ARG A 167 10.04 15.17 -17.20
N ALA A 168 10.11 14.98 -18.52
CA ALA A 168 9.04 15.42 -19.41
C ALA A 168 7.99 14.31 -19.58
N HIS A 169 6.80 14.72 -19.97
CA HIS A 169 5.70 13.79 -20.23
C HIS A 169 5.13 14.12 -21.60
N LYS A 170 4.82 13.08 -22.39
CA LYS A 170 4.38 13.30 -23.76
C LYS A 170 3.12 14.15 -23.80
N GLU A 171 2.19 13.91 -22.86
CA GLU A 171 0.90 14.56 -22.88
C GLU A 171 0.96 16.03 -22.47
N ARG A 172 2.06 16.46 -21.85
CA ARG A 172 2.22 17.83 -21.39
C ARG A 172 3.01 18.65 -22.41
N SER A 173 4.27 18.31 -22.65
CA SER A 173 5.12 19.12 -23.51
C SER A 173 5.46 18.47 -24.83
N GLY A 174 5.32 17.15 -24.93
CA GLY A 174 5.69 16.48 -26.16
C GLY A 174 6.93 15.64 -25.97
N PHE A 175 7.94 16.17 -25.25
CA PHE A 175 9.15 15.41 -24.95
C PHE A 175 8.85 14.39 -23.86
N GLU A 176 9.80 13.47 -23.62
CA GLU A 176 9.55 12.37 -22.69
C GLU A 176 10.82 11.90 -22.01
N GLY A 177 10.71 11.57 -20.73
CA GLY A 177 11.80 11.01 -19.95
C GLY A 177 12.50 12.04 -19.07
N PRO A 178 13.37 11.57 -18.19
CA PRO A 178 14.15 12.47 -17.34
C PRO A 178 15.50 12.86 -17.95
N TRP A 179 16.04 13.98 -17.43
CA TRP A 179 17.38 14.44 -17.73
C TRP A 179 18.46 13.69 -16.96
N THR A 180 18.15 13.08 -15.81
CA THR A 180 19.16 12.45 -14.98
C THR A 180 18.67 11.11 -14.48
N ARG A 181 19.62 10.29 -14.01
CA ARG A 181 19.33 8.93 -13.56
C ARG A 181 18.63 8.89 -12.21
N ASN A 182 18.56 10.01 -11.49
CA ASN A 182 18.05 10.08 -10.13
C ASN A 182 17.13 11.31 -10.06
N PRO A 183 15.94 11.21 -10.67
CA PRO A 183 15.10 12.40 -10.82
C PRO A 183 14.44 12.89 -9.53
N LEU A 184 14.63 12.24 -8.38
CA LEU A 184 14.15 12.78 -7.12
C LEU A 184 15.29 13.25 -6.20
N VAL A 185 16.46 13.54 -6.76
CA VAL A 185 17.60 13.98 -5.99
C VAL A 185 18.14 15.26 -6.62
N PHE A 186 18.20 16.32 -5.83
CA PHE A 186 18.76 17.58 -6.27
C PHE A 186 20.27 17.48 -6.14
N ASP A 187 20.96 17.29 -7.27
CA ASP A 187 22.40 17.36 -7.33
C ASP A 187 22.78 17.87 -8.71
N ASN A 188 24.08 17.90 -8.98
CA ASN A 188 24.61 18.53 -10.18
C ASN A 188 24.63 17.58 -11.38
N SER A 189 23.94 16.45 -11.27
CA SER A 189 24.00 15.41 -12.28
C SER A 189 23.53 15.93 -13.64
N TYR A 190 22.65 16.92 -13.63
CA TYR A 190 22.14 17.44 -14.89
C TYR A 190 23.27 17.93 -15.78
N PHE A 191 24.17 18.76 -15.23
CA PHE A 191 25.28 19.26 -16.05
C PHE A 191 26.24 18.15 -16.43
N LYS A 192 26.35 17.11 -15.60
CA LYS A 192 27.19 15.98 -15.99
C LYS A 192 26.60 15.24 -17.17
N GLU A 193 25.27 15.05 -17.20
CA GLU A 193 24.65 14.36 -18.32
C GLU A 193 24.73 15.18 -19.60
N LEU A 194 24.65 16.50 -19.51
CA LEU A 194 24.81 17.36 -20.68
C LEU A 194 26.18 17.16 -21.34
N LEU A 195 27.25 17.50 -20.61
CA LEU A 195 28.63 17.35 -21.07
C LEU A 195 28.95 15.94 -21.57
N SER A 196 28.22 14.92 -21.10
CA SER A 196 28.41 13.54 -21.55
C SER A 196 27.79 13.25 -22.91
N GLY A 197 27.03 14.19 -23.47
CA GLY A 197 26.35 13.97 -24.73
C GLY A 197 25.04 13.20 -24.59
N ASP A 198 24.35 13.08 -25.72
CA ASP A 198 23.12 12.30 -25.74
C ASP A 198 23.39 10.85 -25.41
N LYS A 199 22.38 10.20 -24.85
CA LYS A 199 22.44 8.81 -24.45
C LYS A 199 21.00 8.29 -24.34
N GLU A 200 20.85 6.96 -24.38
CA GLU A 200 19.52 6.36 -24.35
C GLU A 200 18.85 6.62 -23.01
N GLY A 201 17.52 6.82 -23.05
CA GLY A 201 16.73 6.91 -21.85
C GLY A 201 16.89 8.17 -21.04
N LEU A 202 17.59 9.18 -21.55
CA LEU A 202 17.76 10.45 -20.87
C LEU A 202 17.46 11.58 -21.84
N LEU A 203 16.75 12.58 -21.35
CA LEU A 203 16.31 13.68 -22.20
C LEU A 203 17.36 14.79 -22.26
N GLN A 204 17.33 15.53 -23.36
CA GLN A 204 18.11 16.74 -23.52
C GLN A 204 17.33 17.63 -24.47
N LEU A 205 16.74 18.70 -23.96
CA LEU A 205 16.09 19.62 -24.87
C LEU A 205 17.12 20.49 -25.57
N PRO A 206 16.76 21.06 -26.71
CA PRO A 206 17.67 22.03 -27.36
C PRO A 206 18.02 23.21 -26.47
N SER A 207 17.13 23.63 -25.57
CA SER A 207 17.52 24.68 -24.65
C SER A 207 18.59 24.19 -23.67
N ASP A 208 18.56 22.90 -23.33
CA ASP A 208 19.65 22.34 -22.56
C ASP A 208 20.95 22.42 -23.35
N LYS A 209 20.91 21.92 -24.60
CA LYS A 209 22.11 21.91 -25.42
C LYS A 209 22.68 23.30 -25.63
N ALA A 210 21.83 24.32 -25.61
CA ALA A 210 22.30 25.67 -25.83
C ALA A 210 23.42 26.07 -24.87
N LEU A 211 23.45 25.48 -23.68
CA LEU A 211 24.39 25.92 -22.66
C LEU A 211 25.79 25.42 -22.94
N LEU A 212 25.91 24.41 -23.81
CA LEU A 212 27.20 23.82 -24.13
C LEU A 212 27.85 24.47 -25.33
N SER A 213 27.11 25.29 -26.06
CA SER A 213 27.57 25.90 -27.29
C SER A 213 27.83 27.39 -27.13
N ASP A 214 28.01 27.86 -25.90
CA ASP A 214 28.15 29.29 -25.68
C ASP A 214 29.32 29.56 -24.74
N PRO A 215 30.17 30.53 -25.06
CA PRO A 215 31.40 30.73 -24.24
C PRO A 215 31.12 31.13 -22.81
N VAL A 216 30.01 31.81 -22.54
CA VAL A 216 29.69 32.10 -21.15
C VAL A 216 29.03 30.89 -20.48
N PHE A 217 28.06 30.29 -21.17
CA PHE A 217 27.26 29.22 -20.55
C PHE A 217 28.07 27.96 -20.39
N ARG A 218 29.02 27.74 -21.30
CA ARG A 218 29.77 26.48 -21.30
C ARG A 218 30.60 26.32 -20.03
N PRO A 219 31.51 27.22 -19.70
CA PRO A 219 32.34 27.02 -18.49
C PRO A 219 31.54 26.99 -17.20
N LEU A 220 30.44 27.73 -17.12
CA LEU A 220 29.59 27.62 -15.94
C LEU A 220 29.09 26.18 -15.78
N ALA A 221 28.59 25.60 -16.87
CA ALA A 221 28.14 24.20 -16.82
C ALA A 221 29.28 23.28 -16.42
N GLU A 222 30.48 23.49 -16.98
CA GLU A 222 31.64 22.72 -16.55
C GLU A 222 31.90 22.91 -15.05
N LYS A 223 31.90 24.14 -14.58
CA LYS A 223 32.09 24.36 -13.15
C LYS A 223 31.08 23.57 -12.35
N TYR A 224 29.78 23.71 -12.67
CA TYR A 224 28.77 23.02 -11.86
C TYR A 224 28.91 21.52 -11.97
N ALA A 225 29.34 21.03 -13.12
CA ALA A 225 29.55 19.59 -13.24
C ALA A 225 30.63 19.12 -12.30
N ALA A 226 31.66 19.95 -12.08
CA ALA A 226 32.81 19.59 -11.26
C ALA A 226 32.62 19.92 -9.79
N ASP A 227 31.80 20.91 -9.46
CA ASP A 227 31.80 21.48 -8.11
C ASP A 227 30.34 21.72 -7.67
N GLU A 228 29.83 20.80 -6.87
CA GLU A 228 28.43 20.83 -6.49
C GLU A 228 28.12 21.92 -5.48
N ASP A 229 29.10 22.33 -4.68
CA ASP A 229 28.93 23.49 -3.80
C ASP A 229 28.83 24.78 -4.61
N ALA A 230 29.68 24.93 -5.62
CA ALA A 230 29.52 26.04 -6.56
C ALA A 230 28.12 26.04 -7.15
N PHE A 231 27.68 24.91 -7.69
CA PHE A 231 26.32 24.81 -8.20
C PHE A 231 25.28 25.16 -7.13
N PHE A 232 25.33 24.49 -5.96
CA PHE A 232 24.31 24.77 -4.96
C PHE A 232 24.29 26.23 -4.57
N ASP A 233 25.46 26.85 -4.48
CA ASP A 233 25.48 28.26 -4.13
C ASP A 233 24.79 29.09 -5.20
N ASP A 234 25.28 29.02 -6.45
CA ASP A 234 24.68 29.83 -7.49
C ASP A 234 23.18 29.49 -7.66
N TYR A 235 22.81 28.21 -7.56
CA TYR A 235 21.41 27.88 -7.73
C TYR A 235 20.56 28.62 -6.69
N LYS A 236 20.98 28.53 -5.43
CA LYS A 236 20.31 29.19 -4.30
C LYS A 236 20.08 30.67 -4.59
N GLU A 237 21.14 31.33 -5.04
CA GLU A 237 21.06 32.74 -5.42
C GLU A 237 20.01 32.96 -6.52
N ALA A 238 20.11 32.20 -7.62
CA ALA A 238 19.19 32.37 -8.74
C ALA A 238 17.77 31.98 -8.37
N HIS A 239 17.60 30.85 -7.71
CA HIS A 239 16.24 30.48 -7.34
C HIS A 239 15.59 31.60 -6.54
N LEU A 240 16.34 32.24 -5.63
CA LEU A 240 15.78 33.30 -4.79
C LEU A 240 15.41 34.52 -5.60
N LYS A 241 16.31 34.95 -6.50
CA LYS A 241 15.96 36.04 -7.41
C LYS A 241 14.72 35.69 -8.23
N LEU A 242 14.65 34.46 -8.73
CA LEU A 242 13.51 34.06 -9.52
C LEU A 242 12.23 34.17 -8.72
N SER A 243 12.27 33.76 -7.45
CA SER A 243 11.06 33.64 -6.62
C SER A 243 10.52 34.99 -6.19
N GLU A 244 11.26 36.06 -6.44
CA GLU A 244 10.86 37.36 -5.95
C GLU A 244 10.79 38.38 -7.08
N LEU A 245 10.75 37.93 -8.33
CA LEU A 245 10.69 38.83 -9.48
C LEU A 245 9.51 39.78 -9.36
N GLY A 246 9.80 41.08 -9.33
CA GLY A 246 8.77 42.09 -9.16
C GLY A 246 8.24 42.24 -7.76
N PHE A 247 8.61 41.37 -6.83
CA PHE A 247 8.13 41.43 -5.47
C PHE A 247 9.07 42.27 -4.59
N ALA A 248 8.50 43.22 -3.86
CA ALA A 248 9.21 43.91 -2.77
C ALA A 248 10.45 44.65 -3.26
N ASP A 249 10.33 45.31 -4.40
CA ASP A 249 11.49 45.97 -4.99
C ASP A 249 11.77 47.31 -4.31
N ALA A 250 12.98 47.81 -4.55
CA ALA A 250 13.37 49.15 -4.12
C ALA A 250 13.54 49.12 -2.62
N MET B 1 21.07 19.37 34.90
CA MET B 1 20.31 19.29 33.65
C MET B 1 20.88 20.24 32.60
N ALA B 2 21.93 20.94 33.00
CA ALA B 2 22.46 22.00 32.17
C ALA B 2 23.45 21.42 31.16
N LYS B 3 23.54 22.10 30.01
CA LYS B 3 24.41 21.67 28.93
C LYS B 3 25.47 22.72 28.69
N SER B 4 26.56 22.29 28.06
CA SER B 4 27.65 23.18 27.64
C SER B 4 28.12 22.66 26.28
N TYR B 5 27.75 23.34 25.25
CA TYR B 5 27.97 22.62 24.00
C TYR B 5 29.32 22.95 23.38
N PRO B 6 29.94 21.95 22.75
CA PRO B 6 31.18 22.18 22.02
C PRO B 6 30.93 22.97 20.75
N THR B 7 31.91 23.78 20.38
CA THR B 7 31.94 24.41 19.06
C THR B 7 32.77 23.52 18.15
N VAL B 8 32.10 22.78 17.26
CA VAL B 8 32.85 21.89 16.38
C VAL B 8 33.59 22.68 15.33
N SER B 9 34.60 22.05 14.74
CA SER B 9 35.39 22.74 13.71
C SER B 9 34.47 23.15 12.59
N ALA B 10 34.93 24.12 11.80
CA ALA B 10 34.17 24.48 10.61
C ALA B 10 34.04 23.32 9.65
N GLU B 11 35.08 22.48 9.55
CA GLU B 11 34.96 21.36 8.64
C GLU B 11 33.84 20.42 9.08
N TYR B 12 33.77 20.12 10.38
CA TYR B 12 32.70 19.28 10.91
C TYR B 12 31.33 19.91 10.64
N GLN B 13 31.18 21.19 10.95
CA GLN B 13 29.91 21.85 10.70
C GLN B 13 29.49 21.73 9.24
N ASP B 14 30.45 21.85 8.33
CA ASP B 14 30.14 21.77 6.91
C ASP B 14 29.59 20.39 6.55
N ALA B 15 30.19 19.36 7.13
CA ALA B 15 29.73 17.99 6.88
C ALA B 15 28.37 17.72 7.54
N VAL B 16 28.09 18.30 8.72
CA VAL B 16 26.76 18.16 9.30
C VAL B 16 25.72 18.63 8.30
N GLU B 17 25.90 19.84 7.80
CA GLU B 17 24.97 20.42 6.84
C GLU B 17 24.91 19.62 5.54
N LYS B 18 26.05 19.18 5.03
CA LYS B 18 26.00 18.35 3.83
C LYS B 18 25.34 17.01 4.13
N ALA B 19 25.67 16.41 5.27
CA ALA B 19 25.02 15.16 5.65
C ALA B 19 23.52 15.34 5.76
N ARG B 20 23.06 16.47 6.32
CA ARG B 20 21.63 16.69 6.45
C ARG B 20 20.94 16.76 5.09
N ARG B 21 21.55 17.42 4.11
CA ARG B 21 20.92 17.46 2.79
C ARG B 21 20.86 16.08 2.17
N LYS B 22 21.91 15.29 2.36
CA LYS B 22 21.90 13.94 1.83
C LYS B 22 20.86 13.08 2.53
N LEU B 23 20.73 13.23 3.87
CA LEU B 23 19.72 12.48 4.61
C LEU B 23 18.32 12.79 4.11
N ARG B 24 18.03 14.06 3.85
CA ARG B 24 16.77 14.44 3.25
C ARG B 24 16.51 13.73 1.94
N ALA B 25 17.46 13.79 1.01
CA ALA B 25 17.30 13.12 -0.27
C ALA B 25 17.04 11.65 -0.06
N LEU B 26 17.74 11.06 0.90
CA LEU B 26 17.60 9.64 1.14
C LEU B 26 16.24 9.31 1.74
N ILE B 27 15.97 9.87 2.93
CA ILE B 27 14.79 9.49 3.70
C ILE B 27 13.53 9.77 2.89
N ALA B 28 13.45 10.95 2.26
CA ALA B 28 12.26 11.29 1.50
C ALA B 28 12.07 10.32 0.34
N GLU B 29 13.17 9.95 -0.34
CA GLU B 29 13.04 9.16 -1.56
C GLU B 29 12.79 7.67 -1.29
N LYS B 30 13.24 7.13 -0.15
CA LYS B 30 12.99 5.72 0.16
C LYS B 30 11.80 5.52 1.07
N SER B 31 11.22 6.58 1.62
CA SER B 31 10.06 6.46 2.51
C SER B 31 10.42 5.72 3.79
N CYS B 32 11.67 5.82 4.25
CA CYS B 32 12.10 5.12 5.47
C CYS B 32 12.21 6.04 6.68
N ALA B 33 11.59 7.21 6.63
CA ALA B 33 11.66 8.08 7.81
C ALA B 33 11.34 7.33 9.09
N PRO B 34 10.22 6.59 9.20
CA PRO B 34 9.87 5.97 10.50
C PRO B 34 10.95 5.06 11.02
N LEU B 35 11.55 4.25 10.15
CA LEU B 35 12.68 3.42 10.59
C LEU B 35 13.86 4.28 11.01
N MET B 36 14.05 5.44 10.37
CA MET B 36 15.17 6.29 10.77
C MET B 36 14.94 6.87 12.16
N LEU B 37 13.71 7.28 12.46
CA LEU B 37 13.45 7.80 13.80
C LEU B 37 13.61 6.69 14.83
N ARG B 38 13.17 5.47 14.51
CA ARG B 38 13.33 4.35 15.44
C ARG B 38 14.80 4.11 15.76
N LEU B 39 15.67 4.13 14.75
CA LEU B 39 17.09 3.95 15.01
C LEU B 39 17.62 5.03 15.95
N ALA B 40 17.31 6.29 15.68
CA ALA B 40 17.75 7.38 16.55
C ALA B 40 17.27 7.16 17.98
N TRP B 41 16.00 6.80 18.15
CA TRP B 41 15.45 6.58 19.48
C TRP B 41 16.11 5.39 20.16
N HIS B 42 16.21 4.26 19.44
CA HIS B 42 16.83 3.09 20.06
C HIS B 42 18.31 3.33 20.37
N SER B 43 18.98 4.15 19.57
CA SER B 43 20.37 4.52 19.88
C SER B 43 20.44 5.36 21.15
N ALA B 44 19.49 6.26 21.35
CA ALA B 44 19.55 7.17 22.48
C ALA B 44 18.90 6.60 23.73
N GLY B 45 17.84 5.80 23.56
CA GLY B 45 17.01 5.35 24.65
C GLY B 45 17.63 4.34 25.61
N THR B 46 18.90 3.98 25.44
CA THR B 46 19.54 3.08 26.37
C THR B 46 20.32 3.80 27.47
N PHE B 47 20.12 5.11 27.63
CA PHE B 47 20.93 5.84 28.59
C PHE B 47 20.49 5.54 30.01
N ASP B 48 21.47 5.31 30.88
CA ASP B 48 21.24 5.18 32.32
C ASP B 48 22.06 6.26 33.02
N VAL B 49 21.37 7.15 33.75
CA VAL B 49 22.02 8.33 34.29
C VAL B 49 22.90 7.98 35.49
N SER B 50 22.44 7.10 36.37
CA SER B 50 23.25 6.69 37.51
C SER B 50 24.59 6.13 37.04
N SER B 51 24.55 5.14 36.15
CA SER B 51 25.77 4.55 35.61
C SER B 51 26.46 5.42 34.56
N LYS B 52 25.76 6.38 33.94
CA LYS B 52 26.33 7.12 32.83
C LYS B 52 26.77 6.16 31.72
N THR B 53 25.85 5.29 31.31
CA THR B 53 26.13 4.27 30.31
C THR B 53 25.03 4.23 29.26
N GLY B 54 25.40 3.80 28.05
CA GLY B 54 24.48 3.89 26.93
C GLY B 54 24.32 5.32 26.42
N GLY B 55 23.18 5.58 25.82
CA GLY B 55 22.90 6.87 25.25
C GLY B 55 23.28 6.97 23.78
N PRO B 56 23.08 8.14 23.22
CA PRO B 56 23.23 8.33 21.75
C PRO B 56 24.69 8.50 21.33
N PHE B 57 25.45 7.40 21.35
CA PHE B 57 26.89 7.50 21.13
C PHE B 57 27.39 6.53 20.07
N GLY B 58 26.53 6.21 19.10
CA GLY B 58 26.93 5.50 17.91
C GLY B 58 26.98 3.98 18.03
N THR B 59 26.91 3.43 19.23
CA THR B 59 27.11 1.99 19.40
C THR B 59 26.23 1.15 18.46
N MET B 60 25.06 1.65 18.05
CA MET B 60 24.19 0.81 17.25
C MET B 60 24.84 0.33 15.95
N LYS B 61 26.01 0.89 15.61
CA LYS B 61 26.79 0.37 14.49
C LYS B 61 27.25 -1.06 14.78
N ASN B 62 27.64 -1.33 16.01
CA ASN B 62 28.03 -2.65 16.46
C ASN B 62 26.97 -3.70 16.09
N PRO B 63 27.32 -4.73 15.32
CA PRO B 63 26.36 -5.85 15.11
C PRO B 63 25.85 -6.44 16.41
N ALA B 64 26.63 -6.39 17.48
CA ALA B 64 26.14 -6.84 18.78
C ALA B 64 24.83 -6.16 19.13
N GLU B 65 24.88 -4.84 19.39
CA GLU B 65 23.68 -4.09 19.76
C GLU B 65 22.57 -4.24 18.72
N GLN B 66 22.92 -4.30 17.43
CA GLN B 66 21.91 -4.54 16.43
C GLN B 66 21.16 -5.83 16.71
N ALA B 67 21.86 -6.87 17.18
CA ALA B 67 21.20 -8.16 17.41
C ALA B 67 20.21 -8.12 18.58
N HIS B 68 20.31 -7.15 19.48
CA HIS B 68 19.33 -7.02 20.56
C HIS B 68 17.92 -7.21 20.02
N GLY B 69 17.00 -7.68 20.86
CA GLY B 69 15.68 -8.05 20.37
C GLY B 69 14.85 -6.86 19.93
N ALA B 70 14.91 -5.76 20.69
CA ALA B 70 14.14 -4.57 20.30
C ALA B 70 14.70 -3.95 19.01
N ASN B 71 15.99 -4.14 18.74
CA ASN B 71 16.63 -3.57 17.55
C ASN B 71 16.45 -4.42 16.31
N ALA B 72 15.41 -5.24 16.23
CA ALA B 72 15.27 -6.09 15.05
C ALA B 72 14.93 -5.23 13.84
N GLY B 73 15.73 -5.34 12.78
CA GLY B 73 15.52 -4.57 11.58
C GLY B 73 16.26 -3.26 11.56
N LEU B 74 16.84 -2.83 12.67
CA LEU B 74 17.63 -1.62 12.68
C LEU B 74 18.93 -1.79 11.91
N ASP B 75 19.41 -3.03 11.79
CA ASP B 75 20.53 -3.32 10.91
C ASP B 75 20.28 -2.78 9.50
N ILE B 76 19.05 -2.92 9.03
CA ILE B 76 18.68 -2.26 7.77
C ILE B 76 18.99 -0.78 7.87
N ALA B 77 18.45 -0.12 8.90
CA ALA B 77 18.71 1.31 9.07
C ALA B 77 20.20 1.60 9.03
N VAL B 78 21.00 0.83 9.75
CA VAL B 78 22.44 1.10 9.80
C VAL B 78 23.06 1.01 8.41
N ARG B 79 22.73 -0.05 7.66
CA ARG B 79 23.25 -0.17 6.30
C ARG B 79 22.80 1.00 5.45
N MET B 80 21.53 1.35 5.51
CA MET B 80 21.04 2.48 4.74
C MET B 80 21.79 3.75 5.08
N LEU B 81 22.43 3.84 6.25
CA LEU B 81 23.07 5.10 6.60
C LEU B 81 24.55 5.14 6.24
N GLU B 82 25.17 3.97 6.06
CA GLU B 82 26.61 3.90 5.79
C GLU B 82 27.07 4.75 4.61
N PRO B 83 26.35 4.84 3.50
CA PRO B 83 26.79 5.73 2.41
C PRO B 83 26.99 7.16 2.87
N VAL B 84 26.16 7.63 3.80
CA VAL B 84 26.36 8.97 4.34
C VAL B 84 27.66 9.05 5.11
N LYS B 85 27.87 8.14 6.07
CA LYS B 85 29.14 8.11 6.79
C LYS B 85 30.32 8.01 5.81
N GLU B 86 30.19 7.16 4.77
CA GLU B 86 31.22 7.02 3.75
C GLU B 86 31.62 8.38 3.18
N GLU B 87 30.62 9.17 2.79
CA GLU B 87 30.89 10.43 2.11
C GLU B 87 31.41 11.48 3.09
N PHE B 88 31.08 11.38 4.37
CA PHE B 88 31.53 12.35 5.36
C PHE B 88 32.10 11.61 6.56
N PRO B 89 33.13 10.80 6.33
CA PRO B 89 33.76 10.04 7.40
C PRO B 89 34.03 10.83 8.68
N ILE B 90 34.06 12.16 8.60
CA ILE B 90 34.45 12.92 9.78
C ILE B 90 33.41 12.82 10.89
N LEU B 91 32.13 12.72 10.52
CA LEU B 91 31.10 12.61 11.55
C LEU B 91 31.25 11.30 12.29
N SER B 92 30.87 11.33 13.56
CA SER B 92 30.65 10.10 14.31
C SER B 92 29.32 9.48 13.94
N TYR B 93 29.27 8.14 14.04
CA TYR B 93 27.99 7.45 13.93
C TYR B 93 27.01 7.99 14.97
N ALA B 94 27.53 8.48 16.09
CA ALA B 94 26.69 9.09 17.11
C ALA B 94 25.88 10.26 16.53
N ASP B 95 26.58 11.26 15.97
CA ASP B 95 25.90 12.39 15.37
C ASP B 95 25.08 11.94 14.18
N LEU B 96 25.63 11.03 13.38
CA LEU B 96 24.94 10.64 12.17
C LEU B 96 23.58 10.05 12.51
N TYR B 97 23.55 9.17 13.50
CA TYR B 97 22.29 8.50 13.80
C TYR B 97 21.30 9.46 14.45
N GLN B 98 21.78 10.34 15.32
CA GLN B 98 20.89 11.37 15.85
C GLN B 98 20.43 12.35 14.76
N LEU B 99 21.30 12.73 13.83
CA LEU B 99 20.86 13.66 12.81
C LEU B 99 19.79 13.05 11.90
N ALA B 100 19.82 11.72 11.74
CA ALA B 100 18.83 11.10 10.87
C ALA B 100 17.46 11.11 11.53
N GLY B 101 17.42 10.94 12.85
CA GLY B 101 16.14 11.02 13.54
C GLY B 101 15.56 12.42 13.49
N VAL B 102 16.40 13.40 13.77
CA VAL B 102 16.06 14.80 13.54
C VAL B 102 15.55 14.99 12.13
N VAL B 103 16.29 14.50 11.13
CA VAL B 103 15.87 14.74 9.76
C VAL B 103 14.60 13.99 9.44
N ALA B 104 14.43 12.79 10.00
CA ALA B 104 13.19 12.04 9.78
C ALA B 104 12.00 12.83 10.25
N VAL B 105 12.11 13.46 11.43
CA VAL B 105 10.98 14.22 11.96
C VAL B 105 10.67 15.38 11.04
N GLU B 106 11.69 16.04 10.52
CA GLU B 106 11.42 17.21 9.69
C GLU B 106 10.78 16.81 8.37
N VAL B 107 11.38 15.84 7.67
CA VAL B 107 10.94 15.44 6.34
C VAL B 107 9.47 15.02 6.34
N THR B 108 9.00 14.43 7.43
CA THR B 108 7.61 14.00 7.51
C THR B 108 6.65 15.09 7.97
N GLY B 109 7.12 16.33 8.09
CA GLY B 109 6.26 17.41 8.54
C GLY B 109 6.38 17.74 10.02
N GLY B 110 7.25 17.06 10.76
CA GLY B 110 7.37 17.29 12.17
C GLY B 110 7.99 18.63 12.50
N PRO B 111 8.21 18.87 13.78
CA PRO B 111 8.84 20.13 14.20
C PRO B 111 10.33 20.06 13.98
N GLU B 112 10.97 21.21 14.09
CA GLU B 112 12.40 21.33 13.87
C GLU B 112 13.12 21.11 15.20
N VAL B 113 13.69 19.93 15.38
CA VAL B 113 14.44 19.61 16.60
C VAL B 113 15.84 20.17 16.47
N PRO B 114 16.27 21.06 17.36
CA PRO B 114 17.65 21.57 17.27
C PRO B 114 18.64 20.42 17.27
N PHE B 115 19.77 20.62 16.59
CA PHE B 115 20.84 19.63 16.55
C PHE B 115 22.16 20.26 16.96
N HIS B 116 22.74 19.77 18.04
CA HIS B 116 24.05 20.22 18.48
C HIS B 116 25.04 19.09 18.32
N PRO B 117 26.04 19.22 17.44
CA PRO B 117 26.91 18.10 17.10
C PRO B 117 28.11 18.02 18.04
N GLY B 118 28.82 16.87 17.96
CA GLY B 118 30.01 16.66 18.75
C GLY B 118 30.01 15.39 19.57
N ARG B 119 29.06 14.49 19.32
CA ARG B 119 29.04 13.23 20.07
C ARG B 119 30.22 12.36 19.68
N GLU B 120 30.89 11.81 20.69
CA GLU B 120 31.95 10.82 20.49
C GLU B 120 31.37 9.44 20.30
N ASP B 121 32.08 8.61 19.56
CA ASP B 121 31.68 7.23 19.37
C ASP B 121 32.24 6.39 20.52
N LYS B 122 31.37 5.72 21.26
CA LYS B 122 31.90 5.01 22.42
C LYS B 122 32.12 3.54 22.11
N PRO B 123 33.32 3.02 22.41
CA PRO B 123 33.63 1.63 22.00
C PRO B 123 32.70 0.59 22.61
N GLN B 124 32.29 0.78 23.86
CA GLN B 124 31.52 -0.22 24.57
C GLN B 124 30.03 0.05 24.43
N PRO B 125 29.28 -0.81 23.74
CA PRO B 125 27.82 -0.67 23.76
C PRO B 125 27.28 -0.83 25.17
N PRO B 126 26.04 -0.46 25.41
CA PRO B 126 25.43 -0.73 26.71
C PRO B 126 24.92 -2.16 26.76
N PRO B 127 24.36 -2.59 27.88
CA PRO B 127 23.83 -3.96 27.97
C PRO B 127 22.39 -4.04 27.50
N GLU B 128 22.07 -5.17 26.86
CA GLU B 128 20.73 -5.40 26.34
C GLU B 128 19.69 -5.29 27.47
N GLY B 129 18.45 -4.95 27.08
CA GLY B 129 17.31 -4.95 27.99
C GLY B 129 16.72 -3.60 28.33
N ARG B 130 17.47 -2.50 28.16
CA ARG B 130 17.06 -1.22 28.74
C ARG B 130 15.82 -0.64 28.06
N LEU B 131 15.60 -0.93 26.79
CA LEU B 131 14.53 -0.25 26.08
C LEU B 131 13.17 -0.76 26.54
N PRO B 132 12.17 0.11 26.54
CA PRO B 132 10.85 -0.29 27.06
C PRO B 132 10.28 -1.52 26.35
N ASP B 133 9.51 -2.29 27.14
CA ASP B 133 8.77 -3.46 26.67
C ASP B 133 7.36 -3.05 26.27
N ALA B 134 6.94 -3.43 25.06
CA ALA B 134 5.65 -2.98 24.57
C ALA B 134 4.46 -3.47 25.41
N THR B 135 4.66 -4.46 26.31
CA THR B 135 3.57 -5.04 27.08
C THR B 135 3.45 -4.49 28.51
N LYS B 136 4.52 -3.94 29.08
CA LYS B 136 4.40 -3.39 30.42
C LYS B 136 3.63 -2.07 30.38
N GLY B 137 3.53 -1.40 31.51
CA GLY B 137 2.60 -0.30 31.65
C GLY B 137 3.27 0.93 32.23
N SER B 138 2.43 1.79 32.79
CA SER B 138 2.89 3.10 33.25
C SER B 138 4.07 2.99 34.20
N ASP B 139 4.10 1.95 35.03
CA ASP B 139 5.24 1.83 35.93
C ASP B 139 6.51 1.54 35.15
N HIS B 140 6.36 0.79 34.05
CA HIS B 140 7.50 0.46 33.22
C HIS B 140 8.05 1.71 32.55
N LEU B 141 7.18 2.53 31.98
CA LEU B 141 7.62 3.74 31.30
C LEU B 141 8.44 4.62 32.23
N ARG B 142 7.90 4.97 33.40
CA ARG B 142 8.69 5.81 34.30
C ARG B 142 9.95 5.11 34.76
N GLN B 143 10.02 3.79 34.60
CA GLN B 143 11.26 3.08 34.88
C GLN B 143 12.30 3.38 33.80
N VAL B 144 12.00 3.01 32.54
CA VAL B 144 12.92 3.23 31.43
C VAL B 144 13.16 4.72 31.24
N PHE B 145 12.10 5.48 30.95
CA PHE B 145 12.27 6.91 30.67
C PHE B 145 12.69 7.68 31.91
N GLY B 146 12.01 7.42 33.03
CA GLY B 146 12.17 8.24 34.22
C GLY B 146 13.47 8.00 34.96
N LYS B 147 13.66 6.79 35.48
CA LYS B 147 14.82 6.54 36.34
C LYS B 147 16.07 6.16 35.57
N GLN B 148 15.93 5.50 34.43
CA GLN B 148 17.12 5.21 33.61
C GLN B 148 17.53 6.43 32.78
N MET B 149 16.62 6.98 31.97
CA MET B 149 17.00 8.06 31.06
C MET B 149 17.01 9.42 31.73
N GLY B 150 16.08 9.67 32.66
CA GLY B 150 16.01 10.95 33.31
C GLY B 150 14.99 11.90 32.72
N LEU B 151 14.03 11.38 31.96
CA LEU B 151 13.02 12.19 31.30
C LEU B 151 11.72 12.27 32.14
N SER B 152 11.08 13.43 32.06
CA SER B 152 9.85 13.78 32.74
C SER B 152 8.64 13.13 32.08
N ASP B 153 7.55 13.05 32.85
CA ASP B 153 6.33 12.38 32.38
C ASP B 153 5.79 13.03 31.11
N GLN B 154 5.89 14.35 31.03
CA GLN B 154 5.62 15.04 29.76
C GLN B 154 6.40 14.38 28.63
N ASP B 155 7.73 14.26 28.79
CA ASP B 155 8.57 13.70 27.74
C ASP B 155 8.06 12.33 27.30
N ILE B 156 7.63 11.51 28.27
CA ILE B 156 7.17 10.17 27.95
C ILE B 156 6.00 10.24 26.97
N VAL B 157 5.04 11.11 27.27
CA VAL B 157 3.83 11.15 26.45
C VAL B 157 4.12 11.81 25.12
N ALA B 158 4.88 12.91 25.14
CA ALA B 158 5.21 13.58 23.90
C ALA B 158 5.98 12.65 22.98
N LEU B 159 6.94 11.92 23.54
CA LEU B 159 7.73 10.99 22.78
C LEU B 159 6.89 9.85 22.22
N SER B 160 5.99 9.28 23.02
CA SER B 160 5.17 8.21 22.48
C SER B 160 4.47 8.65 21.20
N GLY B 161 4.32 9.98 21.02
CA GLY B 161 3.76 10.50 19.78
C GLY B 161 4.56 10.14 18.55
N GLY B 162 5.82 9.76 18.72
CA GLY B 162 6.65 9.29 17.62
C GLY B 162 5.99 8.17 16.84
N HIS B 163 5.02 7.50 17.45
CA HIS B 163 4.33 6.42 16.74
C HIS B 163 3.32 6.96 15.71
N THR B 164 3.10 8.27 15.63
CA THR B 164 2.40 8.80 14.45
C THR B 164 3.12 8.44 13.15
N LEU B 165 4.36 7.96 13.22
CA LEU B 165 5.12 7.56 12.04
C LEU B 165 5.20 6.05 11.98
N GLY B 166 4.94 5.50 10.80
CA GLY B 166 5.30 4.11 10.57
C GLY B 166 4.34 3.10 11.17
N ARG B 167 4.88 1.93 11.47
CA ARG B 167 4.04 0.76 11.71
C ARG B 167 4.88 -0.31 12.36
N ALA B 168 4.23 -1.40 12.75
CA ALA B 168 4.95 -2.55 13.31
C ALA B 168 5.02 -3.66 12.29
N HIS B 169 5.92 -4.61 12.54
CA HIS B 169 6.13 -5.73 11.63
C HIS B 169 6.30 -7.02 12.43
N LYS B 170 5.53 -8.04 12.05
CA LYS B 170 5.60 -9.33 12.72
C LYS B 170 7.02 -9.87 12.77
N GLU B 171 7.75 -9.74 11.67
CA GLU B 171 9.13 -10.22 11.63
C GLU B 171 10.00 -9.56 12.70
N ARG B 172 9.72 -8.31 13.05
CA ARG B 172 10.61 -7.57 13.95
C ARG B 172 10.20 -7.65 15.42
N SER B 173 8.93 -7.32 15.73
CA SER B 173 8.50 -7.23 17.13
C SER B 173 7.33 -8.13 17.49
N GLY B 174 6.54 -8.59 16.52
CA GLY B 174 5.39 -9.42 16.78
C GLY B 174 4.05 -8.73 16.60
N PHE B 175 4.01 -7.40 16.65
CA PHE B 175 2.80 -6.67 16.30
C PHE B 175 2.88 -6.24 14.85
N GLU B 176 1.75 -5.82 14.30
CA GLU B 176 1.64 -5.55 12.87
C GLU B 176 0.69 -4.40 12.65
N GLY B 177 1.11 -3.40 11.87
CA GLY B 177 0.22 -2.35 11.41
C GLY B 177 0.58 -0.97 11.90
N PRO B 178 0.04 0.05 11.23
CA PRO B 178 0.29 1.43 11.64
C PRO B 178 -0.48 1.77 12.90
N TRP B 179 0.02 2.77 13.63
CA TRP B 179 -0.81 3.42 14.61
C TRP B 179 -1.76 4.45 14.00
N THR B 180 -1.45 4.97 12.81
CA THR B 180 -2.28 6.02 12.21
C THR B 180 -2.57 5.71 10.74
N ARG B 181 -3.46 6.54 10.19
CA ARG B 181 -3.86 6.45 8.80
C ARG B 181 -2.88 7.15 7.87
N ASN B 182 -1.96 7.95 8.42
CA ASN B 182 -0.95 8.68 7.64
C ASN B 182 0.43 8.35 8.18
N PRO B 183 0.88 7.10 8.03
CA PRO B 183 2.13 6.71 8.72
C PRO B 183 3.39 7.39 8.19
N LEU B 184 3.27 8.27 7.21
CA LEU B 184 4.42 9.06 6.76
C LEU B 184 4.20 10.56 6.96
N VAL B 185 3.24 10.93 7.81
CA VAL B 185 2.99 12.31 8.22
C VAL B 185 3.19 12.39 9.72
N PHE B 186 4.00 13.37 10.17
CA PHE B 186 4.19 13.62 11.59
C PHE B 186 3.14 14.61 12.06
N ASP B 187 2.17 14.11 12.83
CA ASP B 187 1.09 14.94 13.34
C ASP B 187 0.63 14.32 14.64
N ASN B 188 -0.35 14.96 15.27
CA ASN B 188 -0.86 14.48 16.55
C ASN B 188 -1.87 13.32 16.40
N SER B 189 -1.95 12.69 15.23
CA SER B 189 -2.99 11.68 15.00
C SER B 189 -2.90 10.56 16.01
N TYR B 190 -1.70 10.07 16.29
CA TYR B 190 -1.56 8.98 17.25
C TYR B 190 -2.47 9.18 18.47
N PHE B 191 -2.42 10.38 19.06
CA PHE B 191 -3.18 10.60 20.28
C PHE B 191 -4.69 10.56 20.01
N LYS B 192 -5.14 11.07 18.87
CA LYS B 192 -6.56 10.97 18.60
C LYS B 192 -6.98 9.52 18.39
N GLU B 193 -6.12 8.73 17.74
CA GLU B 193 -6.47 7.32 17.48
C GLU B 193 -6.51 6.53 18.78
N LEU B 194 -5.63 6.83 19.73
CA LEU B 194 -5.75 6.22 21.04
C LEU B 194 -7.06 6.62 21.73
N LEU B 195 -7.31 7.93 21.84
CA LEU B 195 -8.46 8.46 22.56
C LEU B 195 -9.77 8.06 21.89
N SER B 196 -9.66 7.28 20.81
CA SER B 196 -10.79 6.90 20.01
C SER B 196 -11.06 5.40 20.06
N GLY B 197 -10.23 4.66 20.79
CA GLY B 197 -10.39 3.24 20.92
C GLY B 197 -9.89 2.50 19.70
N ASP B 198 -9.61 1.20 19.90
CA ASP B 198 -9.15 0.35 18.81
C ASP B 198 -10.10 0.37 17.62
N LYS B 199 -9.64 -0.15 16.49
CA LYS B 199 -10.37 -0.03 15.23
C LYS B 199 -9.54 -0.77 14.18
N GLU B 200 -10.21 -1.17 13.11
CA GLU B 200 -9.60 -2.08 12.14
C GLU B 200 -8.52 -1.39 11.32
N GLY B 201 -7.44 -2.13 11.07
CA GLY B 201 -6.31 -1.61 10.33
C GLY B 201 -5.44 -0.61 11.07
N LEU B 202 -5.61 -0.46 12.39
CA LEU B 202 -4.84 0.50 13.19
C LEU B 202 -4.37 -0.19 14.46
N LEU B 203 -3.07 -0.17 14.69
CA LEU B 203 -2.46 -0.85 15.82
C LEU B 203 -2.51 0.00 17.07
N GLN B 204 -2.35 -0.65 18.21
CA GLN B 204 -2.23 0.01 19.50
C GLN B 204 -1.52 -0.94 20.44
N LEU B 205 -0.38 -0.54 20.96
CA LEU B 205 0.34 -1.34 21.92
C LEU B 205 -0.28 -1.22 23.31
N PRO B 206 0.02 -2.16 24.20
CA PRO B 206 -0.34 -1.98 25.61
C PRO B 206 0.35 -0.78 26.21
N SER B 207 1.59 -0.49 25.78
CA SER B 207 2.30 0.67 26.32
C SER B 207 1.67 1.97 25.84
N ASP B 208 1.06 1.97 24.65
CA ASP B 208 0.28 3.13 24.22
C ASP B 208 -0.98 3.27 25.06
N LYS B 209 -1.69 2.15 25.29
CA LYS B 209 -2.87 2.15 26.17
C LYS B 209 -2.52 2.68 27.55
N ALA B 210 -1.37 2.26 28.08
CA ALA B 210 -0.95 2.73 29.40
C ALA B 210 -0.95 4.26 29.53
N LEU B 211 -0.82 4.99 28.43
CA LEU B 211 -0.99 6.44 28.50
C LEU B 211 -2.42 6.80 28.85
N LEU B 212 -3.38 6.02 28.33
CA LEU B 212 -4.79 6.34 28.53
C LEU B 212 -5.25 6.04 29.95
N SER B 213 -4.65 5.03 30.59
CA SER B 213 -5.04 4.64 31.94
C SER B 213 -4.21 5.32 33.02
N ASP B 214 -3.62 6.48 32.75
CA ASP B 214 -2.79 7.05 33.81
C ASP B 214 -3.14 8.51 34.09
N PRO B 215 -3.24 8.88 35.37
CA PRO B 215 -3.68 10.24 35.71
C PRO B 215 -2.72 11.32 35.26
N VAL B 216 -1.42 11.03 35.22
CA VAL B 216 -0.48 12.00 34.66
C VAL B 216 -0.52 11.96 33.14
N PHE B 217 -0.33 10.78 32.56
CA PHE B 217 -0.24 10.63 31.10
C PHE B 217 -1.52 11.11 30.43
N ARG B 218 -2.64 10.43 30.71
CA ARG B 218 -3.97 10.70 30.18
C ARG B 218 -4.17 12.17 29.80
N PRO B 219 -4.17 13.10 30.76
CA PRO B 219 -4.45 14.51 30.40
C PRO B 219 -3.49 15.06 29.37
N LEU B 220 -2.24 14.56 29.35
CA LEU B 220 -1.29 14.99 28.32
C LEU B 220 -1.70 14.49 26.94
N ALA B 221 -2.16 13.25 26.84
CA ALA B 221 -2.60 12.73 25.56
C ALA B 221 -3.75 13.58 25.02
N GLU B 222 -4.73 13.89 25.87
CA GLU B 222 -5.85 14.73 25.46
C GLU B 222 -5.38 16.11 25.07
N LYS B 223 -4.40 16.65 25.81
CA LYS B 223 -3.77 17.89 25.36
C LYS B 223 -3.21 17.73 23.95
N TYR B 224 -2.24 16.82 23.77
CA TYR B 224 -1.63 16.66 22.44
C TYR B 224 -2.67 16.32 21.39
N ALA B 225 -3.67 15.52 21.74
CA ALA B 225 -4.68 15.18 20.74
C ALA B 225 -5.57 16.36 20.39
N ALA B 226 -5.69 17.33 21.28
CA ALA B 226 -6.51 18.50 21.04
C ALA B 226 -5.75 19.67 20.42
N ASP B 227 -4.42 19.72 20.56
CA ASP B 227 -3.63 20.91 20.20
C ASP B 227 -2.28 20.49 19.58
N GLU B 228 -2.25 20.43 18.24
CA GLU B 228 -1.05 19.97 17.56
C GLU B 228 0.17 20.79 17.96
N ASP B 229 0.04 22.12 17.97
CA ASP B 229 1.16 22.97 18.35
C ASP B 229 1.74 22.56 19.69
N ALA B 230 0.89 22.34 20.70
CA ALA B 230 1.39 21.95 22.00
C ALA B 230 2.16 20.63 21.92
N PHE B 231 1.68 19.68 21.12
CA PHE B 231 2.44 18.46 20.89
C PHE B 231 3.80 18.76 20.25
N PHE B 232 3.81 19.61 19.22
CA PHE B 232 5.07 19.89 18.53
C PHE B 232 6.07 20.57 19.46
N ASP B 233 5.61 21.54 20.26
CA ASP B 233 6.55 22.17 21.21
C ASP B 233 7.04 21.15 22.23
N ASP B 234 6.13 20.34 22.76
CA ASP B 234 6.54 19.37 23.76
C ASP B 234 7.42 18.29 23.14
N TYR B 235 7.04 17.82 21.94
CA TYR B 235 7.85 16.80 21.26
C TYR B 235 9.24 17.34 20.91
N LYS B 236 9.31 18.56 20.38
CA LYS B 236 10.62 19.17 20.07
C LYS B 236 11.53 19.10 21.28
N GLU B 237 11.00 19.48 22.44
CA GLU B 237 11.77 19.58 23.68
C GLU B 237 12.22 18.22 24.17
N ALA B 238 11.29 17.24 24.20
CA ALA B 238 11.64 15.88 24.60
C ALA B 238 12.65 15.26 23.65
N HIS B 239 12.36 15.29 22.35
CA HIS B 239 13.30 14.71 21.39
C HIS B 239 14.69 15.33 21.55
N LEU B 240 14.76 16.64 21.72
CA LEU B 240 16.08 17.23 21.89
C LEU B 240 16.77 16.66 23.11
N LYS B 241 16.02 16.44 24.20
CA LYS B 241 16.66 15.91 25.41
C LYS B 241 17.07 14.45 25.23
N LEU B 242 16.18 13.62 24.69
CA LEU B 242 16.53 12.24 24.38
C LEU B 242 17.78 12.17 23.50
N SER B 243 17.86 13.01 22.47
CA SER B 243 19.00 12.93 21.54
C SER B 243 20.35 13.29 22.16
N GLU B 244 20.36 13.92 23.34
CA GLU B 244 21.60 14.43 23.92
C GLU B 244 21.90 13.83 25.28
N LEU B 245 21.12 12.84 25.74
CA LEU B 245 21.38 12.20 27.03
C LEU B 245 22.84 11.79 27.17
N GLY B 246 23.47 12.23 28.26
CA GLY B 246 24.85 11.95 28.50
C GLY B 246 25.84 12.81 27.73
N PHE B 247 25.36 13.69 26.87
CA PHE B 247 26.21 14.44 25.94
C PHE B 247 26.28 15.90 26.32
N ALA B 248 27.49 16.43 26.44
CA ALA B 248 27.68 17.86 26.64
C ALA B 248 27.17 18.36 27.98
N ASP B 249 27.04 17.47 28.97
CA ASP B 249 26.57 17.87 30.29
C ASP B 249 27.50 18.90 30.89
N ALA B 250 26.92 19.95 31.45
CA ALA B 250 27.68 20.98 32.13
C ALA B 250 27.96 20.52 33.55
N MET C 1 -22.63 -18.18 -18.88
CA MET C 1 -22.05 -16.90 -19.31
C MET C 1 -23.01 -15.73 -19.02
N ALA C 2 -24.00 -16.03 -18.21
CA ALA C 2 -25.02 -15.07 -17.86
C ALA C 2 -24.51 -14.08 -16.81
N LYS C 3 -25.14 -12.90 -16.77
CA LYS C 3 -24.74 -11.83 -15.88
C LYS C 3 -25.81 -11.58 -14.81
N SER C 4 -25.41 -10.85 -13.77
CA SER C 4 -26.34 -10.35 -12.75
C SER C 4 -25.74 -9.02 -12.29
N TYR C 5 -26.13 -7.99 -12.96
CA TYR C 5 -25.52 -6.69 -12.84
C TYR C 5 -26.03 -5.99 -11.59
N PRO C 6 -25.15 -5.33 -10.86
CA PRO C 6 -25.58 -4.57 -9.68
C PRO C 6 -26.21 -3.24 -10.02
N THR C 7 -27.23 -2.88 -9.26
CA THR C 7 -27.77 -1.53 -9.28
C THR C 7 -26.90 -0.66 -8.37
N VAL C 8 -26.10 0.21 -8.98
CA VAL C 8 -25.26 1.10 -8.21
C VAL C 8 -26.07 2.29 -7.74
N SER C 9 -25.55 2.98 -6.74
CA SER C 9 -26.28 4.04 -6.06
C SER C 9 -26.62 5.16 -7.04
N ALA C 10 -27.53 6.04 -6.61
CA ALA C 10 -27.79 7.23 -7.41
C ALA C 10 -26.55 8.09 -7.53
N GLU C 11 -25.75 8.16 -6.46
CA GLU C 11 -24.52 8.95 -6.52
C GLU C 11 -23.54 8.36 -7.53
N TYR C 12 -23.35 7.04 -7.47
CA TYR C 12 -22.43 6.38 -8.38
C TYR C 12 -22.90 6.54 -9.82
N GLN C 13 -24.20 6.43 -10.06
CA GLN C 13 -24.67 6.51 -11.43
C GLN C 13 -24.52 7.92 -11.99
N ASP C 14 -24.70 8.94 -11.16
CA ASP C 14 -24.47 10.31 -11.58
C ASP C 14 -23.02 10.54 -11.92
N ALA C 15 -22.12 9.98 -11.11
CA ALA C 15 -20.70 10.12 -11.40
C ALA C 15 -20.37 9.52 -12.76
N VAL C 16 -20.91 8.33 -13.04
CA VAL C 16 -20.64 7.67 -14.31
C VAL C 16 -21.03 8.58 -15.46
N GLU C 17 -22.20 9.21 -15.39
CA GLU C 17 -22.62 10.06 -16.49
C GLU C 17 -21.74 11.31 -16.59
N LYS C 18 -21.50 11.98 -15.47
CA LYS C 18 -20.64 13.19 -15.48
C LYS C 18 -19.24 12.88 -16.00
N ALA C 19 -18.69 11.74 -15.57
CA ALA C 19 -17.43 11.25 -16.11
C ALA C 19 -17.49 11.03 -17.62
N ARG C 20 -18.62 10.52 -18.14
CA ARG C 20 -18.67 10.21 -19.57
C ARG C 20 -18.55 11.49 -20.38
N ARG C 21 -19.26 12.54 -19.95
CA ARG C 21 -19.12 13.83 -20.62
C ARG C 21 -17.70 14.35 -20.53
N LYS C 22 -17.04 14.13 -19.39
CA LYS C 22 -15.68 14.64 -19.28
C LYS C 22 -14.73 13.83 -20.14
N LEU C 23 -14.95 12.52 -20.24
CA LEU C 23 -14.12 11.70 -21.12
C LEU C 23 -14.28 12.10 -22.56
N ARG C 24 -15.52 12.39 -22.97
CA ARG C 24 -15.75 12.82 -24.33
C ARG C 24 -14.93 14.06 -24.65
N ALA C 25 -15.01 15.07 -23.79
CA ALA C 25 -14.28 16.31 -24.05
C ALA C 25 -12.77 16.07 -24.02
N LEU C 26 -12.31 15.23 -23.09
CA LEU C 26 -10.90 14.88 -23.05
C LEU C 26 -10.47 14.19 -24.35
N ILE C 27 -11.09 13.03 -24.65
CA ILE C 27 -10.59 12.18 -25.74
C ILE C 27 -10.79 12.85 -27.10
N ALA C 28 -11.87 13.59 -27.27
CA ALA C 28 -11.97 14.38 -28.49
C ALA C 28 -10.82 15.37 -28.58
N GLU C 29 -10.53 16.07 -27.47
CA GLU C 29 -9.63 17.22 -27.48
C GLU C 29 -8.20 16.81 -27.83
N LYS C 30 -7.64 15.85 -27.09
CA LYS C 30 -6.25 15.43 -27.23
C LYS C 30 -6.05 14.39 -28.32
N SER C 31 -7.13 13.91 -28.94
CA SER C 31 -7.03 12.94 -30.05
C SER C 31 -6.33 11.66 -29.61
N CYS C 32 -6.68 11.14 -28.44
CA CYS C 32 -6.01 9.96 -27.89
C CYS C 32 -6.96 8.78 -27.75
N ALA C 33 -8.09 8.80 -28.46
CA ALA C 33 -9.00 7.67 -28.41
C ALA C 33 -8.30 6.34 -28.59
N PRO C 34 -7.42 6.17 -29.57
CA PRO C 34 -6.80 4.85 -29.75
C PRO C 34 -6.06 4.40 -28.52
N LEU C 35 -5.29 5.29 -27.90
CA LEU C 35 -4.58 4.92 -26.68
C LEU C 35 -5.56 4.55 -25.58
N MET C 36 -6.65 5.30 -25.44
CA MET C 36 -7.65 4.98 -24.44
C MET C 36 -8.27 3.61 -24.71
N LEU C 37 -8.49 3.25 -25.97
CA LEU C 37 -9.01 1.90 -26.23
C LEU C 37 -7.98 0.84 -25.88
N ARG C 38 -6.70 1.10 -26.18
CA ARG C 38 -5.65 0.14 -25.84
C ARG C 38 -5.56 -0.08 -24.33
N LEU C 39 -5.65 1.01 -23.56
CA LEU C 39 -5.66 0.88 -22.10
C LEU C 39 -6.83 0.00 -21.65
N ALA C 40 -8.05 0.29 -22.11
CA ALA C 40 -9.19 -0.53 -21.73
C ALA C 40 -8.99 -1.99 -22.12
N TRP C 41 -8.48 -2.22 -23.34
CA TRP C 41 -8.31 -3.59 -23.80
C TRP C 41 -7.23 -4.31 -23.02
N HIS C 42 -6.11 -3.62 -22.72
CA HIS C 42 -5.09 -4.26 -21.91
C HIS C 42 -5.52 -4.41 -20.45
N SER C 43 -6.33 -3.47 -19.94
CA SER C 43 -6.91 -3.63 -18.61
C SER C 43 -7.76 -4.89 -18.50
N ALA C 44 -8.56 -5.19 -19.53
CA ALA C 44 -9.47 -6.34 -19.43
C ALA C 44 -8.86 -7.65 -19.94
N GLY C 45 -8.00 -7.59 -20.96
CA GLY C 45 -7.56 -8.76 -21.73
C GLY C 45 -6.74 -9.79 -20.97
N THR C 46 -6.35 -9.50 -19.73
CA THR C 46 -5.50 -10.42 -18.95
C THR C 46 -6.28 -11.48 -18.18
N PHE C 47 -7.60 -11.59 -18.37
CA PHE C 47 -8.42 -12.44 -17.51
C PHE C 47 -8.25 -13.93 -17.87
N ASP C 48 -8.04 -14.76 -16.84
CA ASP C 48 -8.02 -16.21 -17.01
C ASP C 48 -9.25 -16.80 -16.32
N VAL C 49 -10.06 -17.52 -17.07
CA VAL C 49 -11.31 -18.06 -16.55
C VAL C 49 -11.06 -19.20 -15.58
N SER C 50 -9.94 -19.90 -15.72
CA SER C 50 -9.69 -21.06 -14.88
C SER C 50 -9.18 -20.68 -13.50
N SER C 51 -8.50 -19.55 -13.37
CA SER C 51 -8.08 -19.05 -12.08
C SER C 51 -8.91 -17.86 -11.58
N LYS C 52 -9.82 -17.34 -12.43
CA LYS C 52 -10.59 -16.15 -12.10
C LYS C 52 -9.68 -14.99 -11.68
N THR C 53 -8.56 -14.84 -12.38
CA THR C 53 -7.59 -13.79 -12.10
C THR C 53 -7.47 -12.81 -13.28
N GLY C 54 -7.01 -11.60 -12.97
CA GLY C 54 -6.92 -10.55 -13.99
C GLY C 54 -8.29 -9.97 -14.37
N GLY C 55 -8.38 -9.50 -15.60
CA GLY C 55 -9.59 -8.89 -16.09
C GLY C 55 -9.72 -7.44 -15.70
N PRO C 56 -10.84 -6.83 -16.05
CA PRO C 56 -11.01 -5.36 -15.90
C PRO C 56 -11.28 -4.90 -14.47
N PHE C 57 -10.23 -4.80 -13.66
CA PHE C 57 -10.43 -4.45 -12.26
C PHE C 57 -9.42 -3.43 -11.78
N GLY C 58 -9.12 -2.46 -12.65
CA GLY C 58 -8.39 -1.28 -12.28
C GLY C 58 -6.92 -1.47 -12.03
N THR C 59 -6.42 -2.70 -12.08
CA THR C 59 -5.02 -2.95 -11.72
C THR C 59 -4.05 -2.14 -12.58
N MET C 60 -4.42 -1.82 -13.82
CA MET C 60 -3.53 -1.02 -14.67
C MET C 60 -3.09 0.27 -13.98
N LYS C 61 -3.75 0.63 -12.87
CA LYS C 61 -3.30 1.77 -12.06
C LYS C 61 -1.99 1.45 -11.37
N ASN C 62 -1.78 0.20 -10.99
CA ASN C 62 -0.55 -0.28 -10.41
C ASN C 62 0.64 0.07 -11.32
N PRO C 63 1.65 0.78 -10.83
CA PRO C 63 2.85 0.99 -11.65
C PRO C 63 3.51 -0.32 -12.07
N ALA C 64 3.30 -1.40 -11.32
CA ALA C 64 3.84 -2.70 -11.73
C ALA C 64 3.21 -3.16 -13.04
N GLU C 65 1.87 -3.21 -13.11
CA GLU C 65 1.21 -3.62 -14.36
C GLU C 65 1.53 -2.63 -15.49
N GLN C 66 1.59 -1.33 -15.19
CA GLN C 66 2.02 -0.36 -16.19
C GLN C 66 3.39 -0.69 -16.74
N ALA C 67 4.18 -1.46 -15.97
CA ALA C 67 5.54 -1.80 -16.34
C ALA C 67 5.62 -2.97 -17.30
N HIS C 68 4.64 -3.87 -17.27
CA HIS C 68 4.65 -5.05 -18.13
C HIS C 68 5.06 -4.69 -19.56
N GLY C 69 5.72 -5.62 -20.26
CA GLY C 69 6.23 -5.31 -21.59
C GLY C 69 5.15 -4.89 -22.57
N ALA C 70 4.07 -5.68 -22.64
CA ALA C 70 3.01 -5.29 -23.58
C ALA C 70 2.33 -3.97 -23.22
N ASN C 71 2.61 -3.39 -22.05
CA ASN C 71 1.87 -2.20 -21.60
C ASN C 71 2.63 -0.91 -21.80
N ALA C 72 3.82 -0.96 -22.39
CA ALA C 72 4.56 0.24 -22.73
C ALA C 72 3.62 1.30 -23.31
N GLY C 73 3.71 2.51 -22.77
CA GLY C 73 2.89 3.62 -23.18
C GLY C 73 1.62 3.81 -22.37
N LEU C 74 1.08 2.74 -21.78
CA LEU C 74 -0.17 2.89 -21.01
C LEU C 74 -0.01 3.83 -19.82
N ASP C 75 1.17 3.87 -19.20
CA ASP C 75 1.39 4.82 -18.10
C ASP C 75 0.92 6.22 -18.48
N ILE C 76 0.96 6.55 -19.77
CA ILE C 76 0.49 7.86 -20.25
C ILE C 76 -1.02 7.97 -20.17
N ALA C 77 -1.72 6.93 -20.63
CA ALA C 77 -3.17 6.97 -20.59
C ALA C 77 -3.67 7.00 -19.15
N VAL C 78 -3.03 6.22 -18.27
CA VAL C 78 -3.32 6.30 -16.83
C VAL C 78 -3.17 7.72 -16.33
N ARG C 79 -2.05 8.39 -16.68
CA ARG C 79 -1.84 9.75 -16.20
C ARG C 79 -2.91 10.69 -16.74
N MET C 80 -3.22 10.59 -18.04
CA MET C 80 -4.28 11.39 -18.63
C MET C 80 -5.64 11.12 -17.97
N LEU C 81 -5.86 9.92 -17.43
CA LEU C 81 -7.20 9.66 -16.90
C LEU C 81 -7.37 10.12 -15.47
N GLU C 82 -6.28 10.45 -14.78
CA GLU C 82 -6.35 10.70 -13.34
C GLU C 82 -7.17 11.93 -12.95
N PRO C 83 -7.08 13.04 -13.67
CA PRO C 83 -7.98 14.17 -13.38
C PRO C 83 -9.44 13.76 -13.30
N VAL C 84 -9.84 12.80 -14.14
CA VAL C 84 -11.21 12.31 -14.09
C VAL C 84 -11.46 11.58 -12.77
N LYS C 85 -10.54 10.68 -12.38
CA LYS C 85 -10.63 10.08 -11.06
C LYS C 85 -10.61 11.15 -9.96
N GLU C 86 -9.79 12.21 -10.11
CA GLU C 86 -9.77 13.25 -9.08
C GLU C 86 -11.14 13.86 -8.90
N GLU C 87 -11.85 14.08 -10.00
CA GLU C 87 -13.10 14.82 -9.92
C GLU C 87 -14.28 13.94 -9.50
N PHE C 88 -14.20 12.65 -9.78
CA PHE C 88 -15.25 11.69 -9.42
C PHE C 88 -14.56 10.54 -8.69
N PRO C 89 -14.01 10.82 -7.51
CA PRO C 89 -13.28 9.78 -6.75
C PRO C 89 -14.13 8.59 -6.38
N ILE C 90 -15.46 8.67 -6.53
CA ILE C 90 -16.27 7.52 -6.14
C ILE C 90 -16.09 6.36 -7.11
N LEU C 91 -15.72 6.64 -8.35
CA LEU C 91 -15.56 5.60 -9.35
C LEU C 91 -14.32 4.76 -9.09
N SER C 92 -14.45 3.44 -9.28
CA SER C 92 -13.25 2.63 -9.26
C SER C 92 -12.46 2.87 -10.55
N TYR C 93 -11.17 2.54 -10.49
CA TYR C 93 -10.39 2.64 -11.71
C TYR C 93 -10.87 1.62 -12.72
N ALA C 94 -11.31 0.46 -12.23
CA ALA C 94 -11.96 -0.54 -13.05
C ALA C 94 -12.97 0.10 -13.97
N ASP C 95 -13.97 0.75 -13.38
CA ASP C 95 -15.03 1.37 -14.18
C ASP C 95 -14.47 2.51 -15.03
N LEU C 96 -13.65 3.36 -14.42
CA LEU C 96 -13.09 4.49 -15.16
C LEU C 96 -12.39 4.02 -16.44
N TYR C 97 -11.56 2.99 -16.34
CA TYR C 97 -10.78 2.62 -17.51
C TYR C 97 -11.65 1.92 -18.55
N GLN C 98 -12.58 1.08 -18.14
CA GLN C 98 -13.49 0.47 -19.12
C GLN C 98 -14.38 1.52 -19.78
N LEU C 99 -14.80 2.52 -19.01
CA LEU C 99 -15.65 3.57 -19.58
C LEU C 99 -14.91 4.38 -20.63
N ALA C 100 -13.62 4.66 -20.39
CA ALA C 100 -12.84 5.40 -21.38
C ALA C 100 -12.77 4.64 -22.70
N GLY C 101 -12.49 3.34 -22.64
CA GLY C 101 -12.51 2.54 -23.85
C GLY C 101 -13.82 2.63 -24.59
N VAL C 102 -14.93 2.54 -23.87
CA VAL C 102 -16.24 2.60 -24.49
C VAL C 102 -16.44 3.95 -25.13
N VAL C 103 -16.08 5.01 -24.40
CA VAL C 103 -16.22 6.35 -24.93
C VAL C 103 -15.25 6.58 -26.09
N ALA C 104 -14.05 6.00 -26.03
CA ALA C 104 -13.14 6.13 -27.18
C ALA C 104 -13.79 5.62 -28.45
N VAL C 105 -14.49 4.47 -28.35
CA VAL C 105 -15.16 3.90 -29.51
C VAL C 105 -16.27 4.83 -30.00
N GLU C 106 -16.99 5.44 -29.08
CA GLU C 106 -18.12 6.25 -29.51
C GLU C 106 -17.65 7.57 -30.14
N VAL C 107 -16.70 8.24 -29.49
CA VAL C 107 -16.20 9.52 -30.01
C VAL C 107 -15.60 9.39 -31.41
N THR C 108 -14.95 8.26 -31.71
CA THR C 108 -14.41 8.06 -33.05
C THR C 108 -15.44 7.54 -34.07
N GLY C 109 -16.74 7.54 -33.74
CA GLY C 109 -17.78 7.07 -34.66
C GLY C 109 -18.11 5.60 -34.59
N GLY C 110 -17.66 4.89 -33.56
CA GLY C 110 -17.96 3.48 -33.39
C GLY C 110 -19.35 3.22 -32.82
N PRO C 111 -19.65 1.95 -32.64
CA PRO C 111 -20.97 1.58 -32.10
C PRO C 111 -21.09 1.91 -30.62
N GLU C 112 -22.31 1.81 -30.10
CA GLU C 112 -22.59 2.13 -28.69
C GLU C 112 -22.46 0.85 -27.85
N VAL C 113 -21.36 0.72 -27.13
CA VAL C 113 -21.12 -0.45 -26.29
C VAL C 113 -21.81 -0.21 -24.94
N PRO C 114 -22.80 -1.02 -24.55
CA PRO C 114 -23.46 -0.77 -23.25
C PRO C 114 -22.42 -0.71 -22.13
N PHE C 115 -22.72 0.06 -21.10
CA PHE C 115 -21.83 0.12 -19.95
C PHE C 115 -22.59 -0.21 -18.69
N HIS C 116 -22.09 -1.19 -17.96
CA HIS C 116 -22.66 -1.60 -16.68
C HIS C 116 -21.67 -1.31 -15.57
N PRO C 117 -21.92 -0.31 -14.73
CA PRO C 117 -20.93 0.06 -13.70
C PRO C 117 -20.92 -0.91 -12.54
N GLY C 118 -19.96 -0.70 -11.64
CA GLY C 118 -19.86 -1.47 -10.41
C GLY C 118 -18.67 -2.42 -10.29
N ARG C 119 -17.69 -2.34 -11.19
CA ARG C 119 -16.49 -3.15 -11.00
C ARG C 119 -15.73 -2.68 -9.77
N GLU C 120 -15.12 -3.64 -9.08
CA GLU C 120 -14.38 -3.32 -7.85
C GLU C 120 -12.88 -3.34 -8.14
N ASP C 121 -12.17 -2.31 -7.66
CA ASP C 121 -10.72 -2.21 -7.86
C ASP C 121 -10.02 -3.30 -7.07
N LYS C 122 -9.50 -4.32 -7.75
CA LYS C 122 -8.82 -5.38 -7.02
C LYS C 122 -7.36 -5.03 -6.82
N PRO C 123 -6.72 -5.60 -5.79
CA PRO C 123 -5.36 -5.15 -5.43
C PRO C 123 -4.27 -5.88 -6.20
N GLN C 124 -4.45 -7.18 -6.43
CA GLN C 124 -3.39 -7.98 -7.03
C GLN C 124 -3.46 -7.90 -8.55
N PRO C 125 -2.48 -7.28 -9.22
CA PRO C 125 -2.48 -7.30 -10.68
C PRO C 125 -2.17 -8.68 -11.20
N PRO C 126 -2.63 -9.03 -12.39
CA PRO C 126 -2.44 -10.38 -12.89
C PRO C 126 -0.98 -10.65 -13.19
N PRO C 127 -0.57 -11.91 -13.23
CA PRO C 127 0.79 -12.23 -13.71
C PRO C 127 1.00 -11.66 -15.11
N GLU C 128 2.21 -11.17 -15.36
CA GLU C 128 2.53 -10.68 -16.69
C GLU C 128 2.53 -11.83 -17.70
N GLY C 129 2.19 -11.50 -18.96
CA GLY C 129 2.32 -12.43 -20.06
C GLY C 129 1.05 -13.00 -20.62
N ARG C 130 -0.12 -12.58 -20.14
CA ARG C 130 -1.37 -13.11 -20.67
C ARG C 130 -1.75 -12.47 -21.99
N LEU C 131 -1.24 -11.29 -22.31
CA LEU C 131 -1.72 -10.60 -23.48
C LEU C 131 -1.20 -11.29 -24.73
N PRO C 132 -1.86 -11.08 -25.86
CA PRO C 132 -1.46 -11.78 -27.10
C PRO C 132 -0.21 -11.16 -27.72
N ASP C 133 0.64 -12.04 -28.27
CA ASP C 133 1.91 -11.68 -28.88
C ASP C 133 1.73 -11.40 -30.37
N ALA C 134 2.27 -10.27 -30.83
CA ALA C 134 2.04 -9.81 -32.19
C ALA C 134 2.83 -10.59 -33.25
N THR C 135 3.67 -11.55 -32.87
CA THR C 135 4.40 -12.35 -33.85
C THR C 135 3.89 -13.78 -33.94
N LYS C 136 2.97 -14.18 -33.07
CA LYS C 136 2.37 -15.51 -33.10
C LYS C 136 1.14 -15.52 -34.01
N GLY C 137 0.48 -16.66 -34.08
CA GLY C 137 -0.56 -16.90 -35.06
C GLY C 137 -1.89 -17.30 -34.47
N SER C 138 -2.74 -17.92 -35.31
CA SER C 138 -4.11 -18.20 -34.92
C SER C 138 -4.16 -19.10 -33.70
N ASP C 139 -3.37 -20.17 -33.70
CA ASP C 139 -3.36 -21.05 -32.54
C ASP C 139 -3.06 -20.28 -31.26
N HIS C 140 -2.30 -19.18 -31.34
CA HIS C 140 -2.00 -18.39 -30.17
C HIS C 140 -3.15 -17.47 -29.80
N LEU C 141 -3.73 -16.80 -30.80
CA LEU C 141 -4.95 -16.02 -30.58
C LEU C 141 -6.01 -16.83 -29.85
N ARG C 142 -6.20 -18.09 -30.25
CA ARG C 142 -7.23 -18.89 -29.60
C ARG C 142 -6.83 -19.25 -28.19
N GLN C 143 -5.53 -19.30 -27.90
CA GLN C 143 -5.10 -19.55 -26.52
C GLN C 143 -5.46 -18.39 -25.62
N VAL C 144 -5.17 -17.15 -26.06
CA VAL C 144 -5.38 -15.97 -25.23
C VAL C 144 -6.86 -15.63 -25.15
N PHE C 145 -7.46 -15.32 -26.29
CA PHE C 145 -8.86 -14.91 -26.30
C PHE C 145 -9.78 -16.05 -25.87
N GLY C 146 -9.48 -17.28 -26.27
CA GLY C 146 -10.42 -18.36 -26.10
C GLY C 146 -10.32 -19.12 -24.80
N LYS C 147 -9.13 -19.63 -24.48
CA LYS C 147 -8.96 -20.46 -23.29
C LYS C 147 -8.77 -19.62 -22.04
N GLN C 148 -7.91 -18.59 -22.13
CA GLN C 148 -7.75 -17.65 -21.03
C GLN C 148 -9.02 -16.82 -20.85
N MET C 149 -9.42 -16.08 -21.89
CA MET C 149 -10.48 -15.08 -21.74
C MET C 149 -11.86 -15.72 -21.77
N GLY C 150 -12.05 -16.74 -22.60
CA GLY C 150 -13.35 -17.36 -22.72
C GLY C 150 -14.20 -16.77 -23.80
N LEU C 151 -13.59 -16.21 -24.83
CA LEU C 151 -14.28 -15.58 -25.95
C LEU C 151 -14.33 -16.52 -27.15
N SER C 152 -15.15 -16.17 -28.13
CA SER C 152 -15.42 -16.95 -29.32
C SER C 152 -14.48 -16.55 -30.45
N ASP C 153 -14.36 -17.43 -31.45
CA ASP C 153 -13.60 -17.08 -32.65
C ASP C 153 -14.15 -15.80 -33.28
N GLN C 154 -15.46 -15.56 -33.17
CA GLN C 154 -16.04 -14.34 -33.70
C GLN C 154 -15.48 -13.11 -32.98
N ASP C 155 -15.53 -13.11 -31.63
CA ASP C 155 -15.02 -11.98 -30.87
C ASP C 155 -13.58 -11.66 -31.28
N ILE C 156 -12.78 -12.70 -31.53
CA ILE C 156 -11.38 -12.50 -31.92
C ILE C 156 -11.31 -11.60 -33.13
N VAL C 157 -12.03 -11.98 -34.19
CA VAL C 157 -11.95 -11.24 -35.43
C VAL C 157 -12.54 -9.85 -35.27
N ALA C 158 -13.75 -9.76 -34.73
CA ALA C 158 -14.36 -8.44 -34.54
C ALA C 158 -13.46 -7.55 -33.70
N LEU C 159 -12.99 -8.05 -32.56
CA LEU C 159 -12.17 -7.20 -31.70
C LEU C 159 -10.88 -6.79 -32.40
N SER C 160 -10.37 -7.63 -33.32
CA SER C 160 -9.19 -7.23 -34.09
C SER C 160 -9.42 -5.93 -34.86
N GLY C 161 -10.67 -5.69 -35.28
CA GLY C 161 -11.01 -4.44 -35.93
C GLY C 161 -10.79 -3.21 -35.08
N GLY C 162 -10.43 -3.36 -33.81
CA GLY C 162 -10.02 -2.19 -33.04
C GLY C 162 -8.79 -1.50 -33.63
N HIS C 163 -7.93 -2.26 -34.32
CA HIS C 163 -6.77 -1.63 -34.95
C HIS C 163 -7.17 -0.62 -36.01
N THR C 164 -8.45 -0.51 -36.34
CA THR C 164 -8.90 0.63 -37.14
C THR C 164 -8.63 1.98 -36.45
N LEU C 165 -8.22 1.98 -35.18
CA LEU C 165 -7.81 3.18 -34.47
C LEU C 165 -6.32 3.12 -34.20
N GLY C 166 -5.65 4.24 -34.43
CA GLY C 166 -4.29 4.41 -33.94
C GLY C 166 -3.21 3.74 -34.79
N ARG C 167 -2.07 3.52 -34.14
CA ARG C 167 -0.88 3.04 -34.84
C ARG C 167 0.03 2.36 -33.84
N ALA C 168 1.04 1.67 -34.36
CA ALA C 168 2.09 1.17 -33.50
C ALA C 168 3.16 2.25 -33.35
N HIS C 169 3.94 2.14 -32.27
CA HIS C 169 5.02 3.09 -31.97
C HIS C 169 6.28 2.31 -31.68
N LYS C 170 7.35 2.58 -32.46
CA LYS C 170 8.63 1.89 -32.29
C LYS C 170 9.01 1.78 -30.82
N GLU C 171 8.87 2.89 -30.09
CA GLU C 171 9.31 2.95 -28.71
C GLU C 171 8.49 2.06 -27.78
N ARG C 172 7.27 1.67 -28.19
CA ARG C 172 6.37 0.92 -27.30
C ARG C 172 6.54 -0.59 -27.46
N SER C 173 6.07 -1.13 -28.60
CA SER C 173 6.15 -2.56 -28.89
C SER C 173 7.27 -2.91 -29.86
N GLY C 174 7.72 -1.95 -30.68
CA GLY C 174 8.71 -2.17 -31.70
C GLY C 174 8.18 -2.12 -33.11
N PHE C 175 6.86 -2.03 -33.28
CA PHE C 175 6.26 -1.85 -34.59
C PHE C 175 5.96 -0.38 -34.83
N GLU C 176 5.75 0.00 -36.09
CA GLU C 176 5.54 1.40 -36.42
C GLU C 176 4.50 1.54 -37.52
N GLY C 177 3.61 2.52 -37.37
CA GLY C 177 2.66 2.86 -38.39
C GLY C 177 1.22 2.54 -38.04
N PRO C 178 0.31 3.18 -38.73
CA PRO C 178 -1.11 2.91 -38.54
C PRO C 178 -1.53 1.73 -39.38
N TRP C 179 -2.75 1.26 -39.13
CA TRP C 179 -3.35 0.22 -39.96
C TRP C 179 -4.18 0.81 -41.10
N THR C 180 -4.70 2.03 -40.91
CA THR C 180 -5.71 2.59 -41.80
C THR C 180 -5.34 4.02 -42.16
N ARG C 181 -5.93 4.51 -43.24
CA ARG C 181 -5.67 5.86 -43.68
C ARG C 181 -6.35 6.90 -42.79
N ASN C 182 -7.32 6.46 -41.97
CA ASN C 182 -8.12 7.34 -41.13
C ASN C 182 -8.04 6.83 -39.70
N PRO C 183 -6.90 7.02 -39.02
CA PRO C 183 -6.66 6.34 -37.75
C PRO C 183 -7.43 6.92 -36.56
N LEU C 184 -8.22 7.98 -36.76
CA LEU C 184 -9.08 8.51 -35.72
C LEU C 184 -10.56 8.24 -36.01
N VAL C 185 -10.85 7.33 -36.91
CA VAL C 185 -12.20 7.03 -37.34
C VAL C 185 -12.45 5.55 -37.13
N PHE C 186 -13.52 5.24 -36.44
CA PHE C 186 -13.83 3.84 -36.15
C PHE C 186 -14.73 3.34 -37.28
N ASP C 187 -14.14 2.59 -38.20
CA ASP C 187 -14.86 1.98 -39.32
C ASP C 187 -14.29 0.58 -39.54
N ASN C 188 -14.73 -0.07 -40.61
CA ASN C 188 -14.25 -1.41 -40.90
C ASN C 188 -13.06 -1.40 -41.86
N SER C 189 -12.41 -0.24 -42.04
CA SER C 189 -11.30 -0.14 -42.99
C SER C 189 -10.21 -1.15 -42.68
N TYR C 190 -10.00 -1.45 -41.40
CA TYR C 190 -8.94 -2.38 -41.03
C TYR C 190 -9.05 -3.68 -41.81
N PHE C 191 -10.26 -4.26 -41.88
CA PHE C 191 -10.42 -5.48 -42.63
C PHE C 191 -10.26 -5.23 -44.12
N LYS C 192 -10.68 -4.07 -44.63
CA LYS C 192 -10.46 -3.77 -46.04
C LYS C 192 -8.96 -3.71 -46.35
N GLU C 193 -8.22 -2.89 -45.60
CA GLU C 193 -6.77 -2.85 -45.75
C GLU C 193 -6.17 -4.24 -45.64
N LEU C 194 -6.65 -5.03 -44.67
CA LEU C 194 -6.09 -6.35 -44.43
C LEU C 194 -6.21 -7.26 -45.67
N LEU C 195 -7.41 -7.33 -46.26
CA LEU C 195 -7.58 -8.18 -47.43
C LEU C 195 -6.84 -7.62 -48.65
N SER C 196 -6.34 -6.39 -48.60
CA SER C 196 -5.62 -5.75 -49.70
C SER C 196 -4.14 -6.13 -49.75
N GLY C 197 -3.62 -6.83 -48.74
CA GLY C 197 -2.19 -7.09 -48.69
C GLY C 197 -1.39 -5.85 -48.34
N ASP C 198 -0.11 -6.04 -47.97
CA ASP C 198 0.70 -4.94 -47.48
C ASP C 198 0.83 -3.84 -48.54
N LYS C 199 1.12 -2.63 -48.07
CA LYS C 199 1.29 -1.46 -48.93
C LYS C 199 2.02 -0.40 -48.14
N GLU C 200 2.45 0.66 -48.83
CA GLU C 200 3.31 1.64 -48.19
C GLU C 200 2.54 2.48 -47.19
N GLY C 201 3.15 2.71 -46.02
CA GLY C 201 2.61 3.61 -45.02
C GLY C 201 1.68 2.97 -44.00
N LEU C 202 1.23 1.73 -44.24
CA LEU C 202 0.32 1.03 -43.36
C LEU C 202 1.02 -0.19 -42.78
N LEU C 203 0.54 -0.64 -41.63
CA LEU C 203 1.16 -1.72 -40.87
C LEU C 203 0.25 -2.94 -40.86
N GLN C 204 0.87 -4.12 -40.77
CA GLN C 204 0.13 -5.37 -40.59
C GLN C 204 0.99 -6.28 -39.73
N LEU C 205 0.64 -6.43 -38.46
CA LEU C 205 1.33 -7.41 -37.64
C LEU C 205 1.05 -8.82 -38.16
N PRO C 206 2.01 -9.70 -38.04
CA PRO C 206 1.72 -11.11 -38.29
C PRO C 206 0.38 -11.53 -37.70
N SER C 207 0.14 -11.20 -36.42
CA SER C 207 -1.10 -11.62 -35.75
C SER C 207 -2.34 -11.14 -36.49
N ASP C 208 -2.31 -9.92 -37.04
CA ASP C 208 -3.35 -9.50 -37.98
C ASP C 208 -3.45 -10.50 -39.13
N LYS C 209 -2.32 -10.78 -39.80
CA LYS C 209 -2.33 -11.67 -40.96
C LYS C 209 -2.93 -13.03 -40.63
N ALA C 210 -2.74 -13.51 -39.40
CA ALA C 210 -3.24 -14.83 -39.04
C ALA C 210 -4.76 -14.91 -39.13
N LEU C 211 -5.40 -13.80 -39.49
CA LEU C 211 -6.85 -13.79 -39.73
C LEU C 211 -7.17 -14.18 -41.17
N LEU C 212 -6.35 -13.73 -42.13
CA LEU C 212 -6.57 -14.13 -43.52
C LEU C 212 -6.30 -15.61 -43.74
N SER C 213 -5.39 -16.20 -42.97
CA SER C 213 -4.94 -17.55 -43.25
C SER C 213 -5.80 -18.64 -42.61
N ASP C 214 -6.62 -18.29 -41.63
CA ASP C 214 -7.41 -19.26 -40.88
C ASP C 214 -8.74 -19.53 -41.58
N PRO C 215 -9.20 -20.79 -41.62
CA PRO C 215 -10.48 -21.08 -42.28
C PRO C 215 -11.71 -20.60 -41.51
N VAL C 216 -11.60 -20.26 -40.23
CA VAL C 216 -12.74 -19.71 -39.49
C VAL C 216 -12.67 -18.19 -39.40
N PHE C 217 -11.48 -17.60 -39.24
CA PHE C 217 -11.35 -16.15 -39.13
C PHE C 217 -11.52 -15.45 -40.48
N ARG C 218 -11.08 -16.08 -41.55
CA ARG C 218 -11.10 -15.55 -42.91
C ARG C 218 -12.48 -15.02 -43.28
N PRO C 219 -13.49 -15.89 -43.42
CA PRO C 219 -14.81 -15.38 -43.83
C PRO C 219 -15.35 -14.29 -42.91
N LEU C 220 -15.08 -14.37 -41.60
CA LEU C 220 -15.51 -13.29 -40.70
C LEU C 220 -14.93 -11.95 -41.14
N ALA C 221 -13.62 -11.89 -41.39
CA ALA C 221 -12.99 -10.64 -41.81
C ALA C 221 -13.56 -10.17 -43.15
N GLU C 222 -13.80 -11.09 -44.07
CA GLU C 222 -14.43 -10.74 -45.34
C GLU C 222 -15.83 -10.18 -45.10
N LYS C 223 -16.63 -10.86 -44.27
CA LYS C 223 -17.93 -10.29 -43.93
C LYS C 223 -17.79 -8.87 -43.36
N TYR C 224 -16.85 -8.65 -42.44
CA TYR C 224 -16.70 -7.30 -41.89
C TYR C 224 -16.20 -6.32 -42.94
N ALA C 225 -15.31 -6.76 -43.84
CA ALA C 225 -14.86 -5.86 -44.90
C ALA C 225 -16.04 -5.43 -45.77
N ALA C 226 -17.01 -6.31 -45.95
CA ALA C 226 -18.11 -6.05 -46.86
C ALA C 226 -19.32 -5.41 -46.18
N ASP C 227 -19.46 -5.54 -44.85
CA ASP C 227 -20.70 -5.20 -44.13
C ASP C 227 -20.31 -4.51 -42.83
N GLU C 228 -20.25 -3.18 -42.85
CA GLU C 228 -19.83 -2.45 -41.65
C GLU C 228 -20.86 -2.57 -40.53
N ASP C 229 -22.14 -2.72 -40.88
CA ASP C 229 -23.15 -2.91 -39.84
C ASP C 229 -22.90 -4.20 -39.07
N ALA C 230 -22.61 -5.29 -39.77
CA ALA C 230 -22.37 -6.54 -39.07
C ALA C 230 -21.14 -6.44 -38.17
N PHE C 231 -20.08 -5.76 -38.66
CA PHE C 231 -18.90 -5.52 -37.84
C PHE C 231 -19.23 -4.74 -36.56
N PHE C 232 -20.02 -3.66 -36.67
CA PHE C 232 -20.38 -2.90 -35.46
C PHE C 232 -21.16 -3.75 -34.47
N ASP C 233 -22.10 -4.55 -34.96
CA ASP C 233 -22.88 -5.43 -34.09
C ASP C 233 -21.98 -6.47 -33.42
N ASP C 234 -21.13 -7.15 -34.19
CA ASP C 234 -20.26 -8.13 -33.56
C ASP C 234 -19.28 -7.47 -32.62
N TYR C 235 -18.72 -6.32 -33.01
CA TYR C 235 -17.75 -5.64 -32.16
C TYR C 235 -18.38 -5.20 -30.84
N LYS C 236 -19.47 -4.42 -30.94
CA LYS C 236 -20.24 -4.02 -29.77
C LYS C 236 -20.50 -5.21 -28.85
N GLU C 237 -20.97 -6.31 -29.43
CA GLU C 237 -21.12 -7.55 -28.69
C GLU C 237 -19.79 -7.96 -28.06
N ALA C 238 -18.73 -8.02 -28.88
CA ALA C 238 -17.42 -8.47 -28.40
C ALA C 238 -16.83 -7.49 -27.40
N HIS C 239 -16.93 -6.20 -27.66
CA HIS C 239 -16.38 -5.24 -26.70
C HIS C 239 -17.08 -5.38 -25.35
N LEU C 240 -18.40 -5.54 -25.36
CA LEU C 240 -19.09 -5.59 -24.07
C LEU C 240 -18.58 -6.78 -23.27
N LYS C 241 -18.48 -7.96 -23.90
CA LYS C 241 -18.00 -9.14 -23.20
C LYS C 241 -16.61 -8.91 -22.61
N LEU C 242 -15.65 -8.56 -23.47
CA LEU C 242 -14.30 -8.29 -22.98
C LEU C 242 -14.33 -7.30 -21.81
N SER C 243 -15.07 -6.21 -21.97
CA SER C 243 -15.11 -5.22 -20.89
C SER C 243 -15.70 -5.75 -19.58
N GLU C 244 -16.29 -6.95 -19.56
CA GLU C 244 -16.88 -7.45 -18.32
C GLU C 244 -16.35 -8.84 -17.95
N LEU C 245 -15.24 -9.27 -18.52
CA LEU C 245 -14.68 -10.55 -18.15
C LEU C 245 -14.51 -10.61 -16.65
N GLY C 246 -15.11 -11.64 -16.05
CA GLY C 246 -15.05 -11.86 -14.62
C GLY C 246 -15.89 -10.93 -13.77
N PHE C 247 -16.62 -10.00 -14.37
CA PHE C 247 -17.40 -9.05 -13.60
C PHE C 247 -18.89 -9.39 -13.63
N ALA C 248 -19.50 -9.43 -12.45
CA ALA C 248 -20.95 -9.59 -12.30
C ALA C 248 -21.48 -10.91 -12.90
N ASP C 249 -20.79 -12.01 -12.60
CA ASP C 249 -21.16 -13.32 -13.09
C ASP C 249 -22.32 -13.93 -12.32
N ALA C 250 -23.02 -14.83 -13.01
CA ALA C 250 -24.02 -15.73 -12.42
C ALA C 250 -25.39 -15.12 -12.48
N MET D 1 -22.09 -0.38 -1.33
CA MET D 1 -23.09 0.60 -1.78
C MET D 1 -24.18 0.02 -2.70
N ALA D 2 -23.84 -1.07 -3.41
CA ALA D 2 -24.62 -1.54 -4.55
C ALA D 2 -25.75 -2.48 -4.13
N LYS D 3 -26.84 -2.47 -4.89
CA LYS D 3 -27.97 -3.33 -4.59
C LYS D 3 -28.25 -4.32 -5.72
N SER D 4 -28.95 -5.41 -5.35
CA SER D 4 -29.48 -6.42 -6.29
C SER D 4 -30.90 -6.78 -5.82
N TYR D 5 -31.84 -5.95 -6.24
CA TYR D 5 -33.21 -6.07 -5.78
C TYR D 5 -33.81 -7.40 -6.23
N PRO D 6 -34.57 -8.08 -5.35
CA PRO D 6 -35.31 -9.27 -5.76
C PRO D 6 -36.56 -8.90 -6.51
N THR D 7 -36.96 -9.80 -7.40
CA THR D 7 -38.17 -9.64 -8.18
C THR D 7 -39.26 -10.47 -7.49
N VAL D 8 -40.18 -9.78 -6.83
CA VAL D 8 -41.13 -10.47 -5.97
C VAL D 8 -42.26 -11.05 -6.82
N SER D 9 -42.97 -12.01 -6.24
CA SER D 9 -44.05 -12.65 -6.96
C SER D 9 -45.10 -11.63 -7.39
N ALA D 10 -45.93 -12.05 -8.34
CA ALA D 10 -47.00 -11.17 -8.79
C ALA D 10 -47.98 -10.91 -7.68
N GLU D 11 -48.35 -11.93 -6.93
CA GLU D 11 -49.25 -11.73 -5.82
C GLU D 11 -48.70 -10.70 -4.84
N TYR D 12 -47.38 -10.66 -4.65
CA TYR D 12 -46.79 -9.76 -3.67
C TYR D 12 -46.67 -8.33 -4.19
N GLN D 13 -46.33 -8.17 -5.47
CA GLN D 13 -46.46 -6.85 -6.06
C GLN D 13 -47.90 -6.36 -5.97
N ASP D 14 -48.85 -7.24 -6.13
CA ASP D 14 -50.25 -6.86 -6.07
C ASP D 14 -50.62 -6.39 -4.67
N ALA D 15 -50.19 -7.12 -3.64
CA ALA D 15 -50.35 -6.63 -2.27
C ALA D 15 -49.67 -5.29 -2.07
N VAL D 16 -48.48 -5.09 -2.63
CA VAL D 16 -47.78 -3.83 -2.41
C VAL D 16 -48.62 -2.68 -2.96
N GLU D 17 -49.18 -2.85 -4.16
CA GLU D 17 -49.95 -1.76 -4.74
C GLU D 17 -51.31 -1.61 -4.06
N LYS D 18 -51.92 -2.71 -3.64
CA LYS D 18 -53.15 -2.58 -2.86
C LYS D 18 -52.88 -1.88 -1.53
N ALA D 19 -51.75 -2.20 -0.88
CA ALA D 19 -51.40 -1.56 0.38
C ALA D 19 -51.09 -0.09 0.21
N ARG D 20 -50.37 0.28 -0.84
CA ARG D 20 -50.10 1.70 -1.04
C ARG D 20 -51.40 2.48 -1.08
N ARG D 21 -52.39 2.01 -1.84
CA ARG D 21 -53.64 2.76 -1.96
C ARG D 21 -54.35 2.86 -0.61
N LYS D 22 -54.42 1.75 0.12
CA LYS D 22 -55.07 1.76 1.42
C LYS D 22 -54.30 2.64 2.40
N LEU D 23 -52.97 2.74 2.23
CA LEU D 23 -52.18 3.60 3.13
C LEU D 23 -52.45 5.06 2.85
N ARG D 24 -52.58 5.42 1.57
CA ARG D 24 -52.94 6.79 1.24
C ARG D 24 -54.25 7.17 1.90
N ALA D 25 -55.24 6.28 1.81
CA ALA D 25 -56.56 6.59 2.34
C ALA D 25 -56.54 6.69 3.86
N LEU D 26 -55.82 5.76 4.49
CA LEU D 26 -55.62 5.86 5.93
C LEU D 26 -54.89 7.14 6.33
N ILE D 27 -53.73 7.41 5.71
CA ILE D 27 -52.83 8.45 6.21
C ILE D 27 -53.43 9.83 5.99
N ALA D 28 -53.87 10.12 4.77
CA ALA D 28 -54.49 11.42 4.53
C ALA D 28 -55.68 11.64 5.45
N GLU D 29 -56.44 10.58 5.75
CA GLU D 29 -57.65 10.72 6.57
C GLU D 29 -57.32 11.10 8.01
N LYS D 30 -56.53 10.26 8.70
CA LYS D 30 -56.19 10.44 10.12
C LYS D 30 -55.06 11.44 10.35
N SER D 31 -54.47 12.00 9.28
CA SER D 31 -53.30 12.88 9.38
C SER D 31 -52.21 12.32 10.28
N CYS D 32 -52.04 11.01 10.32
CA CYS D 32 -50.87 10.44 10.96
C CYS D 32 -49.62 10.51 10.07
N ALA D 33 -49.62 11.31 9.00
CA ALA D 33 -48.48 11.32 8.09
C ALA D 33 -47.15 11.53 8.82
N PRO D 34 -47.00 12.53 9.70
CA PRO D 34 -45.70 12.69 10.36
C PRO D 34 -45.34 11.53 11.25
N LEU D 35 -46.30 11.02 12.03
CA LEU D 35 -45.98 9.87 12.87
C LEU D 35 -45.60 8.67 12.02
N MET D 36 -46.18 8.54 10.82
CA MET D 36 -45.83 7.43 9.94
C MET D 36 -44.38 7.56 9.45
N LEU D 37 -43.94 8.78 9.11
CA LEU D 37 -42.56 8.94 8.67
C LEU D 37 -41.61 8.53 9.76
N ARG D 38 -41.94 8.89 11.01
CA ARG D 38 -41.11 8.54 12.16
C ARG D 38 -41.04 7.03 12.34
N LEU D 39 -42.15 6.34 12.10
CA LEU D 39 -42.18 4.89 12.19
C LEU D 39 -41.17 4.24 11.24
N ALA D 40 -41.21 4.64 9.97
CA ALA D 40 -40.24 4.16 8.98
C ALA D 40 -38.83 4.54 9.38
N TRP D 41 -38.64 5.82 9.72
CA TRP D 41 -37.33 6.33 10.10
C TRP D 41 -36.75 5.53 11.28
N HIS D 42 -37.54 5.36 12.34
CA HIS D 42 -36.98 4.70 13.51
C HIS D 42 -36.90 3.19 13.31
N SER D 43 -37.68 2.63 12.37
CA SER D 43 -37.52 1.23 12.00
C SER D 43 -36.20 0.98 11.31
N ALA D 44 -35.66 2.00 10.67
CA ALA D 44 -34.51 1.85 9.78
C ALA D 44 -33.22 2.41 10.36
N GLY D 45 -33.28 3.51 11.12
CA GLY D 45 -32.09 4.13 11.66
C GLY D 45 -31.38 3.32 12.74
N THR D 46 -31.87 2.13 13.05
CA THR D 46 -31.23 1.25 14.01
C THR D 46 -30.17 0.37 13.36
N PHE D 47 -29.88 0.61 12.10
CA PHE D 47 -28.95 -0.23 11.37
C PHE D 47 -27.50 0.12 11.73
N ASP D 48 -26.73 -0.91 12.08
CA ASP D 48 -25.29 -0.80 12.26
C ASP D 48 -24.59 -1.66 11.23
N VAL D 49 -23.67 -1.06 10.48
CA VAL D 49 -23.13 -1.72 9.29
C VAL D 49 -22.01 -2.69 9.64
N SER D 50 -21.12 -2.31 10.55
CA SER D 50 -20.04 -3.21 10.97
C SER D 50 -20.60 -4.57 11.38
N SER D 51 -21.56 -4.58 12.30
CA SER D 51 -22.19 -5.81 12.77
C SER D 51 -23.31 -6.31 11.86
N LYS D 52 -23.92 -5.43 11.08
CA LYS D 52 -25.03 -5.80 10.19
C LYS D 52 -26.26 -6.20 11.01
N THR D 53 -26.58 -5.39 12.00
CA THR D 53 -27.75 -5.62 12.83
C THR D 53 -28.64 -4.39 12.79
N GLY D 54 -29.88 -4.56 13.27
CA GLY D 54 -30.83 -3.48 13.13
C GLY D 54 -31.31 -3.32 11.69
N GLY D 55 -31.85 -2.15 11.43
CA GLY D 55 -32.34 -1.83 10.11
C GLY D 55 -33.83 -2.09 9.98
N PRO D 56 -34.37 -1.77 8.80
CA PRO D 56 -35.82 -1.87 8.52
C PRO D 56 -36.26 -3.30 8.22
N PHE D 57 -36.31 -4.12 9.26
CA PHE D 57 -36.73 -5.52 9.11
C PHE D 57 -37.90 -5.87 10.02
N GLY D 58 -38.81 -4.91 10.14
CA GLY D 58 -40.08 -5.12 10.80
C GLY D 58 -40.04 -5.27 12.30
N THR D 59 -38.88 -5.13 12.94
CA THR D 59 -38.80 -5.36 14.39
C THR D 59 -39.67 -4.41 15.19
N MET D 60 -40.05 -3.25 14.64
CA MET D 60 -40.92 -2.34 15.38
C MET D 60 -42.24 -3.00 15.77
N LYS D 61 -42.61 -4.11 15.12
CA LYS D 61 -43.79 -4.86 15.53
C LYS D 61 -43.62 -5.39 16.94
N ASN D 62 -42.39 -5.58 17.35
CA ASN D 62 -42.11 -6.05 18.71
C ASN D 62 -42.41 -4.98 19.75
N PRO D 63 -43.28 -5.26 20.74
CA PRO D 63 -43.56 -4.25 21.77
C PRO D 63 -42.31 -3.78 22.47
N ALA D 64 -41.39 -4.70 22.76
CA ALA D 64 -40.12 -4.31 23.35
C ALA D 64 -39.48 -3.15 22.58
N GLU D 65 -39.49 -3.20 21.23
CA GLU D 65 -38.85 -2.13 20.46
C GLU D 65 -39.71 -0.86 20.44
N GLN D 66 -41.04 -0.99 20.37
CA GLN D 66 -41.89 0.19 20.55
C GLN D 66 -41.71 0.86 21.92
N ALA D 67 -41.15 0.15 22.91
CA ALA D 67 -40.99 0.69 24.25
C ALA D 67 -39.66 1.43 24.46
N HIS D 68 -38.71 1.32 23.53
CA HIS D 68 -37.49 2.11 23.58
C HIS D 68 -37.82 3.59 23.74
N GLY D 69 -37.06 4.28 24.60
CA GLY D 69 -37.38 5.67 24.92
C GLY D 69 -37.58 6.54 23.69
N ALA D 70 -36.76 6.33 22.66
CA ALA D 70 -36.90 7.15 21.46
C ALA D 70 -38.16 6.85 20.67
N ASN D 71 -38.78 5.68 20.86
CA ASN D 71 -39.91 5.27 20.04
C ASN D 71 -41.26 5.49 20.71
N ALA D 72 -41.34 6.41 21.66
CA ALA D 72 -42.59 6.67 22.35
C ALA D 72 -43.61 7.24 21.37
N GLY D 73 -44.79 6.64 21.32
CA GLY D 73 -45.80 7.01 20.38
C GLY D 73 -45.88 6.11 19.17
N LEU D 74 -44.81 5.40 18.85
CA LEU D 74 -44.85 4.56 17.67
C LEU D 74 -45.77 3.36 17.83
N ASP D 75 -46.11 2.99 19.08
CA ASP D 75 -47.10 1.93 19.27
C ASP D 75 -48.46 2.32 18.67
N ILE D 76 -48.78 3.61 18.65
CA ILE D 76 -49.98 4.08 17.97
C ILE D 76 -49.89 3.79 16.48
N ALA D 77 -48.79 4.22 15.85
CA ALA D 77 -48.56 3.98 14.42
C ALA D 77 -48.65 2.49 14.11
N VAL D 78 -48.05 1.66 14.97
CA VAL D 78 -48.10 0.24 14.75
C VAL D 78 -49.54 -0.27 14.81
N ARG D 79 -50.30 0.15 15.84
CA ARG D 79 -51.69 -0.26 15.89
C ARG D 79 -52.45 0.26 14.68
N MET D 80 -52.12 1.48 14.24
CA MET D 80 -52.89 2.03 13.13
C MET D 80 -52.60 1.30 11.82
N LEU D 81 -51.47 0.61 11.70
CA LEU D 81 -51.16 -0.08 10.45
C LEU D 81 -51.58 -1.54 10.43
N GLU D 82 -51.88 -2.11 11.59
CA GLU D 82 -52.23 -3.53 11.61
C GLU D 82 -53.41 -3.87 10.68
N PRO D 83 -54.47 -3.06 10.61
CA PRO D 83 -55.51 -3.37 9.63
C PRO D 83 -54.95 -3.63 8.25
N VAL D 84 -53.96 -2.85 7.84
CA VAL D 84 -53.35 -3.06 6.52
C VAL D 84 -52.65 -4.41 6.46
N LYS D 85 -51.79 -4.70 7.42
CA LYS D 85 -51.20 -6.04 7.46
C LYS D 85 -52.29 -7.12 7.41
N GLU D 86 -53.48 -6.82 7.95
CA GLU D 86 -54.53 -7.84 8.03
C GLU D 86 -55.15 -8.10 6.67
N GLU D 87 -55.47 -7.04 5.95
CA GLU D 87 -56.03 -7.24 4.62
C GLU D 87 -55.00 -7.83 3.66
N PHE D 88 -53.71 -7.55 3.85
CA PHE D 88 -52.65 -8.07 2.97
C PHE D 88 -51.61 -8.79 3.81
N PRO D 89 -51.98 -9.89 4.45
CA PRO D 89 -51.04 -10.60 5.32
C PRO D 89 -49.73 -10.98 4.65
N ILE D 90 -49.70 -11.16 3.32
CA ILE D 90 -48.46 -11.56 2.65
C ILE D 90 -47.33 -10.56 2.91
N LEU D 91 -47.64 -9.25 2.89
CA LEU D 91 -46.62 -8.23 3.10
C LEU D 91 -45.83 -8.47 4.38
N SER D 92 -44.52 -8.31 4.32
CA SER D 92 -43.73 -8.27 5.56
C SER D 92 -44.02 -6.98 6.31
N TYR D 93 -43.95 -7.04 7.64
CA TYR D 93 -44.03 -5.81 8.41
C TYR D 93 -42.90 -4.86 8.00
N ALA D 94 -41.71 -5.43 7.80
CA ALA D 94 -40.60 -4.69 7.23
C ALA D 94 -41.07 -3.79 6.10
N ASP D 95 -41.63 -4.39 5.06
CA ASP D 95 -42.06 -3.65 3.89
C ASP D 95 -43.18 -2.69 4.24
N LEU D 96 -44.15 -3.16 5.01
CA LEU D 96 -45.29 -2.31 5.37
C LEU D 96 -44.83 -1.04 6.05
N TYR D 97 -43.89 -1.16 6.98
CA TYR D 97 -43.49 0.04 7.67
C TYR D 97 -42.71 0.96 6.75
N GLN D 98 -41.76 0.41 5.98
CA GLN D 98 -41.07 1.24 4.99
C GLN D 98 -42.04 1.83 3.96
N LEU D 99 -43.08 1.08 3.60
CA LEU D 99 -43.99 1.63 2.61
C LEU D 99 -44.79 2.80 3.19
N ALA D 100 -45.16 2.69 4.46
CA ALA D 100 -45.91 3.77 5.09
C ALA D 100 -45.08 5.05 5.11
N GLY D 101 -43.77 4.95 5.35
CA GLY D 101 -42.95 6.14 5.36
C GLY D 101 -42.93 6.82 4.00
N VAL D 102 -42.74 6.02 2.96
CA VAL D 102 -42.78 6.52 1.59
C VAL D 102 -44.13 7.14 1.29
N VAL D 103 -45.21 6.43 1.64
CA VAL D 103 -46.53 6.99 1.35
C VAL D 103 -46.77 8.27 2.15
N ALA D 104 -46.30 8.33 3.41
CA ALA D 104 -46.46 9.56 4.17
C ALA D 104 -45.82 10.75 3.45
N VAL D 105 -44.61 10.57 2.92
CA VAL D 105 -43.96 11.68 2.23
C VAL D 105 -44.77 12.11 1.00
N GLU D 106 -45.25 11.15 0.21
CA GLU D 106 -45.98 11.52 -1.01
C GLU D 106 -47.23 12.31 -0.68
N VAL D 107 -48.03 11.80 0.27
CA VAL D 107 -49.33 12.36 0.56
C VAL D 107 -49.25 13.78 1.14
N THR D 108 -48.12 14.18 1.71
CA THR D 108 -47.97 15.55 2.19
C THR D 108 -47.31 16.47 1.19
N GLY D 109 -47.04 16.00 -0.04
CA GLY D 109 -46.43 16.84 -1.06
C GLY D 109 -44.94 16.62 -1.28
N GLY D 110 -44.39 15.53 -0.79
CA GLY D 110 -42.99 15.27 -0.94
C GLY D 110 -42.67 14.55 -2.24
N PRO D 111 -41.38 14.36 -2.46
CA PRO D 111 -40.93 13.69 -3.68
C PRO D 111 -41.39 12.24 -3.71
N GLU D 112 -41.36 11.66 -4.92
CA GLU D 112 -41.63 10.24 -5.08
C GLU D 112 -40.40 9.44 -4.65
N VAL D 113 -40.48 8.79 -3.50
CA VAL D 113 -39.40 7.95 -2.99
C VAL D 113 -39.63 6.55 -3.54
N PRO D 114 -38.71 6.02 -4.35
CA PRO D 114 -38.91 4.69 -4.92
C PRO D 114 -39.08 3.66 -3.83
N PHE D 115 -39.71 2.54 -4.19
CA PHE D 115 -39.92 1.44 -3.27
C PHE D 115 -39.65 0.11 -3.95
N HIS D 116 -38.72 -0.65 -3.38
CA HIS D 116 -38.35 -1.97 -3.85
C HIS D 116 -38.74 -3.01 -2.83
N PRO D 117 -39.74 -3.85 -3.08
CA PRO D 117 -40.25 -4.75 -2.04
C PRO D 117 -39.33 -5.95 -1.86
N GLY D 118 -39.65 -6.78 -0.84
CA GLY D 118 -38.88 -7.97 -0.52
C GLY D 118 -38.21 -8.02 0.86
N ARG D 119 -38.21 -6.98 1.70
CA ARG D 119 -37.57 -7.13 3.01
C ARG D 119 -38.24 -8.22 3.85
N GLU D 120 -37.44 -8.99 4.56
CA GLU D 120 -37.96 -10.07 5.39
C GLU D 120 -38.02 -9.62 6.84
N ASP D 121 -39.00 -10.14 7.58
CA ASP D 121 -39.11 -9.82 9.01
C ASP D 121 -38.06 -10.61 9.77
N LYS D 122 -37.19 -9.90 10.48
CA LYS D 122 -36.19 -10.53 11.34
C LYS D 122 -36.70 -10.66 12.77
N PRO D 123 -36.34 -11.77 13.45
CA PRO D 123 -36.81 -11.99 14.84
C PRO D 123 -36.15 -11.11 15.89
N GLN D 124 -34.84 -10.86 15.75
CA GLN D 124 -34.06 -10.19 16.79
C GLN D 124 -34.09 -8.69 16.61
N PRO D 125 -34.66 -7.92 17.54
CA PRO D 125 -34.61 -6.45 17.43
C PRO D 125 -33.25 -5.92 17.86
N PRO D 126 -32.87 -4.74 17.41
CA PRO D 126 -31.58 -4.19 17.80
C PRO D 126 -31.61 -3.76 19.25
N PRO D 127 -30.45 -3.48 19.85
CA PRO D 127 -30.43 -2.88 21.18
C PRO D 127 -30.84 -1.42 21.16
N GLU D 128 -31.50 -1.01 22.23
CA GLU D 128 -31.81 0.39 22.41
C GLU D 128 -30.53 1.20 22.39
N GLY D 129 -30.62 2.45 21.94
CA GLY D 129 -29.53 3.40 22.03
C GLY D 129 -29.04 3.96 20.70
N ARG D 130 -29.31 3.28 19.58
CA ARG D 130 -28.67 3.62 18.31
C ARG D 130 -29.19 4.93 17.73
N LEU D 131 -30.40 5.33 18.08
CA LEU D 131 -31.02 6.43 17.36
C LEU D 131 -30.45 7.75 17.83
N PRO D 132 -30.60 8.80 17.03
CA PRO D 132 -30.00 10.08 17.38
C PRO D 132 -30.65 10.71 18.60
N ASP D 133 -29.86 11.47 19.33
CA ASP D 133 -30.25 12.11 20.57
C ASP D 133 -30.33 13.60 20.29
N ALA D 134 -31.53 14.17 20.37
CA ALA D 134 -31.76 15.57 20.00
C ALA D 134 -30.91 16.57 20.78
N THR D 135 -30.27 16.17 21.89
CA THR D 135 -29.49 17.12 22.68
C THR D 135 -28.02 17.21 22.27
N LYS D 136 -27.54 16.31 21.42
CA LYS D 136 -26.14 16.34 21.00
C LYS D 136 -26.00 17.13 19.70
N GLY D 137 -24.77 17.20 19.18
CA GLY D 137 -24.50 17.96 17.97
C GLY D 137 -23.90 17.14 16.83
N SER D 138 -23.26 17.84 15.89
CA SER D 138 -22.84 17.25 14.62
C SER D 138 -21.97 16.01 14.81
N ASP D 139 -21.02 16.07 15.74
CA ASP D 139 -20.24 14.86 16.03
C ASP D 139 -21.16 13.68 16.31
N HIS D 140 -22.26 13.91 17.03
CA HIS D 140 -23.20 12.83 17.31
C HIS D 140 -23.93 12.40 16.04
N LEU D 141 -24.44 13.38 15.27
CA LEU D 141 -25.06 13.10 13.98
C LEU D 141 -24.18 12.20 13.13
N ARG D 142 -22.90 12.54 13.01
CA ARG D 142 -22.02 11.76 12.15
C ARG D 142 -21.77 10.35 12.70
N GLN D 143 -21.96 10.13 14.00
CA GLN D 143 -21.75 8.80 14.58
C GLN D 143 -22.94 7.88 14.30
N VAL D 144 -24.16 8.41 14.39
CA VAL D 144 -25.35 7.60 14.15
C VAL D 144 -25.53 7.34 12.65
N PHE D 145 -25.78 8.41 11.88
CA PHE D 145 -25.91 8.29 10.44
C PHE D 145 -24.61 7.82 9.80
N GLY D 146 -23.50 8.45 10.14
CA GLY D 146 -22.23 8.03 9.56
C GLY D 146 -21.81 6.63 9.94
N LYS D 147 -21.28 6.48 11.15
CA LYS D 147 -20.56 5.26 11.50
C LYS D 147 -21.49 4.05 11.56
N GLN D 148 -22.69 4.21 12.15
CA GLN D 148 -23.60 3.07 12.26
C GLN D 148 -24.35 2.81 10.97
N MET D 149 -24.98 3.85 10.43
CA MET D 149 -25.94 3.69 9.35
C MET D 149 -25.27 3.66 7.97
N GLY D 150 -24.09 4.27 7.85
CA GLY D 150 -23.42 4.30 6.58
C GLY D 150 -23.87 5.42 5.68
N LEU D 151 -24.67 6.35 6.19
CA LEU D 151 -25.19 7.46 5.40
C LEU D 151 -24.13 8.57 5.34
N SER D 152 -24.44 9.64 4.60
CA SER D 152 -23.46 10.66 4.28
C SER D 152 -23.89 11.98 4.87
N ASP D 153 -22.95 12.92 4.92
CA ASP D 153 -23.26 14.24 5.45
C ASP D 153 -24.39 14.90 4.65
N GLN D 154 -24.45 14.64 3.34
CA GLN D 154 -25.62 15.05 2.58
C GLN D 154 -26.88 14.42 3.17
N ASP D 155 -26.88 13.09 3.25
CA ASP D 155 -28.02 12.38 3.78
C ASP D 155 -28.41 12.94 5.13
N ILE D 156 -27.41 13.22 5.98
CA ILE D 156 -27.69 13.72 7.32
C ILE D 156 -28.55 14.98 7.24
N VAL D 157 -28.15 15.92 6.37
CA VAL D 157 -28.85 17.21 6.33
C VAL D 157 -30.17 17.12 5.60
N ALA D 158 -30.27 16.27 4.56
CA ALA D 158 -31.54 16.18 3.85
C ALA D 158 -32.56 15.45 4.69
N LEU D 159 -32.13 14.37 5.35
CA LEU D 159 -33.06 13.65 6.21
C LEU D 159 -33.62 14.58 7.29
N SER D 160 -32.75 15.38 7.93
CA SER D 160 -33.20 16.38 8.88
C SER D 160 -34.36 17.19 8.32
N GLY D 161 -34.33 17.50 7.02
CA GLY D 161 -35.46 18.12 6.38
C GLY D 161 -36.78 17.46 6.73
N GLY D 162 -36.72 16.17 7.12
CA GLY D 162 -37.94 15.42 7.45
C GLY D 162 -38.78 16.05 8.55
N HIS D 163 -38.15 16.83 9.44
CA HIS D 163 -38.93 17.60 10.42
C HIS D 163 -39.73 18.74 9.77
N THR D 164 -39.86 18.86 8.45
CA THR D 164 -40.87 19.78 7.91
C THR D 164 -42.28 19.27 8.17
N LEU D 165 -42.41 18.02 8.59
CA LEU D 165 -43.71 17.47 8.96
C LEU D 165 -43.76 17.34 10.47
N GLY D 166 -44.94 17.57 11.02
CA GLY D 166 -45.19 17.18 12.40
C GLY D 166 -44.68 18.19 13.41
N ARG D 167 -44.45 17.67 14.61
CA ARG D 167 -44.12 18.50 15.74
C ARG D 167 -43.59 17.57 16.81
N ALA D 168 -43.00 18.18 17.84
CA ALA D 168 -42.66 17.44 19.03
C ALA D 168 -43.84 17.52 19.99
N HIS D 169 -43.99 16.49 20.80
CA HIS D 169 -44.98 16.48 21.87
C HIS D 169 -44.24 16.27 23.18
N LYS D 170 -44.34 17.26 24.09
CA LYS D 170 -43.59 17.20 25.33
C LYS D 170 -43.74 15.85 26.02
N GLU D 171 -44.94 15.29 25.99
CA GLU D 171 -45.22 14.02 26.65
C GLU D 171 -44.39 12.86 26.08
N ARG D 172 -43.82 13.01 24.88
CA ARG D 172 -43.11 11.91 24.23
C ARG D 172 -41.60 12.01 24.35
N SER D 173 -41.01 13.15 23.97
CA SER D 173 -39.56 13.30 23.97
C SER D 173 -39.06 14.34 24.97
N GLY D 174 -39.95 15.19 25.47
CA GLY D 174 -39.57 16.32 26.30
C GLY D 174 -39.69 17.65 25.59
N PHE D 175 -39.56 17.65 24.25
CA PHE D 175 -39.69 18.88 23.48
C PHE D 175 -41.14 19.06 23.03
N GLU D 176 -41.43 20.24 22.46
CA GLU D 176 -42.82 20.53 22.11
C GLU D 176 -42.91 21.55 20.98
N GLY D 177 -43.80 21.30 20.01
CA GLY D 177 -44.12 22.26 18.99
C GLY D 177 -43.63 21.90 17.59
N PRO D 178 -44.18 22.56 16.57
CA PRO D 178 -43.79 22.27 15.19
C PRO D 178 -42.55 23.04 14.80
N TRP D 179 -41.73 22.41 13.95
CA TRP D 179 -40.63 23.14 13.35
C TRP D 179 -41.10 24.15 12.31
N THR D 180 -42.33 24.05 11.81
CA THR D 180 -42.77 24.89 10.70
C THR D 180 -44.23 25.27 10.87
N ARG D 181 -44.65 26.24 10.06
CA ARG D 181 -45.99 26.81 10.06
C ARG D 181 -47.03 25.93 9.37
N ASN D 182 -46.61 24.83 8.75
CA ASN D 182 -47.49 24.01 7.91
C ASN D 182 -47.04 22.58 8.07
N PRO D 183 -47.21 22.02 9.28
CA PRO D 183 -46.59 20.73 9.59
C PRO D 183 -47.16 19.53 8.84
N LEU D 184 -48.16 19.70 7.98
CA LEU D 184 -48.67 18.64 7.13
C LEU D 184 -48.28 18.84 5.67
N VAL D 185 -47.46 19.85 5.38
CA VAL D 185 -46.92 20.06 4.05
C VAL D 185 -45.44 19.68 4.10
N PHE D 186 -45.02 18.86 3.14
CA PHE D 186 -43.61 18.52 2.98
C PHE D 186 -43.01 19.58 2.06
N ASP D 187 -42.07 20.34 2.59
CA ASP D 187 -41.36 21.35 1.79
C ASP D 187 -40.03 21.63 2.47
N ASN D 188 -39.29 22.62 1.93
CA ASN D 188 -38.02 23.01 2.50
C ASN D 188 -38.16 24.06 3.60
N SER D 189 -39.37 24.25 4.14
CA SER D 189 -39.57 25.28 5.16
C SER D 189 -38.69 25.05 6.37
N TYR D 190 -38.52 23.79 6.78
CA TYR D 190 -37.64 23.50 7.90
C TYR D 190 -36.30 24.21 7.75
N PHE D 191 -35.75 24.28 6.55
CA PHE D 191 -34.43 24.89 6.46
C PHE D 191 -34.52 26.41 6.47
N LYS D 192 -35.64 26.98 6.02
CA LYS D 192 -35.80 28.42 6.13
C LYS D 192 -35.94 28.84 7.59
N GLU D 193 -36.92 28.26 8.30
CA GLU D 193 -37.09 28.55 9.72
C GLU D 193 -35.78 28.40 10.46
N LEU D 194 -35.07 27.31 10.22
CA LEU D 194 -33.79 27.07 10.89
C LEU D 194 -32.80 28.21 10.68
N LEU D 195 -32.91 28.95 9.58
CA LEU D 195 -31.91 29.99 9.30
C LEU D 195 -32.33 31.35 9.84
N SER D 196 -33.62 31.67 9.77
CA SER D 196 -34.10 32.94 10.33
C SER D 196 -34.11 32.96 11.87
N GLY D 197 -33.48 31.98 12.52
CA GLY D 197 -33.35 31.97 13.96
C GLY D 197 -34.63 31.56 14.69
N ASP D 198 -34.50 31.40 16.00
CA ASP D 198 -35.61 30.97 16.82
C ASP D 198 -36.73 31.99 16.81
N LYS D 199 -37.97 31.51 16.97
CA LYS D 199 -39.13 32.40 16.95
C LYS D 199 -40.30 31.71 17.64
N GLU D 200 -41.32 32.51 17.93
CA GLU D 200 -42.40 32.08 18.80
C GLU D 200 -43.32 31.09 18.09
N GLY D 201 -43.73 30.04 18.81
CA GLY D 201 -44.56 29.00 18.25
C GLY D 201 -43.84 27.90 17.50
N LEU D 202 -42.52 28.01 17.32
CA LEU D 202 -41.76 27.14 16.44
C LEU D 202 -40.55 26.61 17.19
N LEU D 203 -40.21 25.35 16.93
CA LEU D 203 -39.24 24.65 17.73
C LEU D 203 -37.94 24.44 16.94
N GLN D 204 -36.88 24.10 17.68
CA GLN D 204 -35.55 23.89 17.10
C GLN D 204 -34.70 23.11 18.11
N LEU D 205 -34.67 21.80 17.97
CA LEU D 205 -33.76 20.94 18.73
C LEU D 205 -32.34 21.46 18.60
N PRO D 206 -31.46 21.17 19.56
CA PRO D 206 -30.04 21.47 19.35
C PRO D 206 -29.47 20.77 18.13
N SER D 207 -29.90 19.52 17.88
CA SER D 207 -29.43 18.78 16.71
C SER D 207 -29.79 19.49 15.42
N ASP D 208 -30.95 20.13 15.37
CA ASP D 208 -31.23 21.03 14.26
C ASP D 208 -30.17 22.12 14.17
N LYS D 209 -29.80 22.72 15.32
CA LYS D 209 -28.84 23.81 15.33
C LYS D 209 -27.46 23.35 14.86
N ALA D 210 -27.07 22.12 15.21
CA ALA D 210 -25.78 21.61 14.74
C ALA D 210 -25.61 21.81 13.24
N LEU D 211 -26.70 21.76 12.48
CA LEU D 211 -26.57 21.92 11.03
C LEU D 211 -25.99 23.29 10.71
N LEU D 212 -26.44 24.32 11.43
CA LEU D 212 -26.04 25.69 11.15
C LEU D 212 -24.60 26.00 11.60
N SER D 213 -24.05 25.22 12.54
CA SER D 213 -22.73 25.49 13.07
C SER D 213 -21.65 24.62 12.47
N ASP D 214 -22.01 23.49 11.91
CA ASP D 214 -21.03 22.64 11.27
C ASP D 214 -20.72 23.21 9.90
N PRO D 215 -19.45 23.28 9.49
CA PRO D 215 -19.12 23.97 8.23
C PRO D 215 -19.57 23.20 7.00
N VAL D 216 -19.75 21.89 7.10
CA VAL D 216 -20.28 21.08 5.99
C VAL D 216 -21.80 21.10 5.97
N PHE D 217 -22.45 20.88 7.11
CA PHE D 217 -23.91 20.97 7.16
C PHE D 217 -24.40 22.36 6.78
N ARG D 218 -23.58 23.38 7.03
CA ARG D 218 -24.03 24.76 6.84
C ARG D 218 -24.41 25.06 5.40
N PRO D 219 -23.49 25.00 4.42
CA PRO D 219 -23.90 25.24 3.02
C PRO D 219 -25.09 24.40 2.57
N LEU D 220 -25.13 23.12 2.95
CA LEU D 220 -26.26 22.27 2.60
C LEU D 220 -27.57 22.89 3.02
N ALA D 221 -27.70 23.23 4.31
CA ALA D 221 -28.96 23.79 4.80
C ALA D 221 -29.40 24.97 3.95
N GLU D 222 -28.45 25.69 3.35
CA GLU D 222 -28.80 26.89 2.60
C GLU D 222 -29.20 26.58 1.17
N LYS D 223 -28.52 25.61 0.54
CA LYS D 223 -29.00 25.10 -0.75
C LYS D 223 -30.46 24.67 -0.65
N TYR D 224 -30.71 23.70 0.23
CA TYR D 224 -32.08 23.27 0.47
C TYR D 224 -32.97 24.44 0.83
N ALA D 225 -32.45 25.38 1.63
CA ALA D 225 -33.26 26.49 2.09
C ALA D 225 -33.73 27.36 0.93
N ALA D 226 -32.95 27.40 -0.16
CA ALA D 226 -33.26 28.23 -1.30
C ALA D 226 -33.67 27.46 -2.56
N ASP D 227 -33.51 26.13 -2.58
CA ASP D 227 -33.87 25.34 -3.77
C ASP D 227 -34.59 24.07 -3.34
N GLU D 228 -35.93 24.12 -3.34
CA GLU D 228 -36.71 22.98 -2.88
C GLU D 228 -36.47 21.75 -3.74
N ASP D 229 -36.14 21.94 -5.02
CA ASP D 229 -35.90 20.79 -5.88
C ASP D 229 -34.59 20.10 -5.51
N ALA D 230 -33.53 20.86 -5.24
CA ALA D 230 -32.33 20.22 -4.75
C ALA D 230 -32.58 19.53 -3.41
N PHE D 231 -33.47 20.09 -2.59
CA PHE D 231 -33.85 19.39 -1.37
C PHE D 231 -34.64 18.12 -1.69
N PHE D 232 -35.64 18.20 -2.59
CA PHE D 232 -36.43 17.01 -2.87
C PHE D 232 -35.59 15.90 -3.49
N ASP D 233 -34.63 16.26 -4.34
CA ASP D 233 -33.81 15.23 -4.97
C ASP D 233 -32.85 14.61 -3.96
N ASP D 234 -32.20 15.44 -3.13
CA ASP D 234 -31.33 14.88 -2.12
C ASP D 234 -32.14 14.11 -1.06
N TYR D 235 -33.33 14.60 -0.70
CA TYR D 235 -34.13 13.87 0.27
C TYR D 235 -34.64 12.55 -0.33
N LYS D 236 -35.23 12.61 -1.52
CA LYS D 236 -35.66 11.42 -2.26
C LYS D 236 -34.58 10.34 -2.19
N GLU D 237 -33.33 10.76 -2.34
CA GLU D 237 -32.18 9.87 -2.44
C GLU D 237 -31.76 9.30 -1.08
N ALA D 238 -31.66 10.14 -0.04
CA ALA D 238 -31.30 9.65 1.29
C ALA D 238 -32.42 8.82 1.91
N HIS D 239 -33.68 9.24 1.71
CA HIS D 239 -34.76 8.40 2.20
C HIS D 239 -34.70 7.00 1.59
N LEU D 240 -34.50 6.90 0.27
CA LEU D 240 -34.43 5.57 -0.34
C LEU D 240 -33.35 4.73 0.34
N LYS D 241 -32.14 5.30 0.47
CA LYS D 241 -31.03 4.57 1.07
C LYS D 241 -31.35 4.21 2.52
N LEU D 242 -31.78 5.21 3.30
CA LEU D 242 -32.21 4.95 4.68
C LEU D 242 -33.21 3.82 4.74
N SER D 243 -34.09 3.74 3.75
CA SER D 243 -35.16 2.74 3.79
C SER D 243 -34.68 1.37 3.36
N GLU D 244 -33.42 1.24 2.96
CA GLU D 244 -32.94 -0.03 2.46
C GLU D 244 -31.69 -0.53 3.17
N LEU D 245 -31.17 0.21 4.15
CA LEU D 245 -30.05 -0.22 4.97
C LEU D 245 -30.14 -1.71 5.25
N GLY D 246 -29.08 -2.44 4.93
CA GLY D 246 -29.01 -3.88 5.08
C GLY D 246 -29.76 -4.67 4.04
N PHE D 247 -30.61 -4.03 3.24
CA PHE D 247 -31.55 -4.72 2.38
C PHE D 247 -30.95 -4.90 0.99
N ALA D 248 -30.88 -6.14 0.54
CA ALA D 248 -30.67 -6.43 -0.88
C ALA D 248 -29.32 -5.94 -1.39
N ASP D 249 -28.29 -6.06 -0.55
CA ASP D 249 -26.97 -5.56 -0.93
C ASP D 249 -26.29 -6.52 -1.89
N ALA D 250 -25.22 -6.02 -2.53
CA ALA D 250 -24.39 -6.75 -3.51
C ALA D 250 -25.20 -6.95 -4.78
N MET E 1 31.28 -19.33 -30.28
CA MET E 1 31.68 -19.68 -28.92
C MET E 1 33.19 -19.62 -28.67
N ALA E 2 34.02 -19.45 -29.71
CA ALA E 2 35.46 -19.58 -29.58
C ALA E 2 36.13 -18.24 -29.34
N LYS E 3 37.28 -18.29 -28.67
CA LYS E 3 37.97 -17.10 -28.21
C LYS E 3 39.29 -16.92 -28.94
N SER E 4 39.80 -15.69 -28.89
CA SER E 4 41.14 -15.32 -29.33
C SER E 4 41.60 -14.21 -28.37
N TYR E 5 42.16 -14.63 -27.24
CA TYR E 5 42.49 -13.71 -26.17
C TYR E 5 43.67 -12.83 -26.55
N PRO E 6 43.65 -11.56 -26.18
CA PRO E 6 44.81 -10.68 -26.43
C PRO E 6 45.91 -10.91 -25.43
N THR E 7 47.14 -10.78 -25.91
CA THR E 7 48.31 -10.76 -25.06
C THR E 7 48.51 -9.34 -24.57
N VAL E 8 48.01 -9.06 -23.36
CA VAL E 8 48.18 -7.74 -22.77
C VAL E 8 49.64 -7.53 -22.42
N SER E 9 50.00 -6.28 -22.21
CA SER E 9 51.41 -5.94 -22.04
C SER E 9 51.95 -6.44 -20.70
N ALA E 10 53.28 -6.48 -20.62
CA ALA E 10 53.91 -6.86 -19.37
C ALA E 10 53.44 -5.97 -18.23
N GLU E 11 53.17 -4.70 -18.51
CA GLU E 11 52.77 -3.79 -17.44
C GLU E 11 51.32 -4.04 -17.02
N TYR E 12 50.46 -4.33 -17.99
CA TYR E 12 49.11 -4.71 -17.66
C TYR E 12 49.11 -6.01 -16.86
N GLN E 13 49.81 -7.03 -17.37
CA GLN E 13 49.81 -8.32 -16.68
C GLN E 13 50.30 -8.18 -15.24
N ASP E 14 51.35 -7.38 -15.03
CA ASP E 14 51.84 -7.17 -13.68
C ASP E 14 50.80 -6.48 -12.81
N ALA E 15 50.06 -5.54 -13.40
CA ALA E 15 48.99 -4.87 -12.66
C ALA E 15 47.91 -5.87 -12.24
N VAL E 16 47.51 -6.75 -13.17
CA VAL E 16 46.53 -7.80 -12.84
C VAL E 16 46.97 -8.56 -11.59
N GLU E 17 48.21 -9.04 -11.58
CA GLU E 17 48.65 -9.88 -10.47
C GLU E 17 48.81 -9.07 -9.20
N LYS E 18 49.17 -7.79 -9.30
CA LYS E 18 49.22 -6.99 -8.09
C LYS E 18 47.82 -6.71 -7.58
N ALA E 19 46.89 -6.45 -8.51
CA ALA E 19 45.48 -6.29 -8.18
C ALA E 19 44.90 -7.55 -7.51
N ARG E 20 45.06 -8.72 -8.14
CA ARG E 20 44.58 -9.96 -7.56
C ARG E 20 44.99 -10.07 -6.10
N ARG E 21 46.26 -9.82 -5.81
CA ARG E 21 46.73 -9.88 -4.43
C ARG E 21 46.02 -8.84 -3.58
N LYS E 22 45.96 -7.59 -4.06
CA LYS E 22 45.28 -6.56 -3.28
C LYS E 22 43.83 -6.97 -3.03
N LEU E 23 43.14 -7.40 -4.08
CA LEU E 23 41.78 -7.91 -3.95
C LEU E 23 41.67 -8.98 -2.89
N ARG E 24 42.58 -9.94 -2.89
CA ARG E 24 42.50 -11.05 -1.93
C ARG E 24 42.51 -10.51 -0.50
N ALA E 25 43.45 -9.60 -0.22
CA ALA E 25 43.55 -9.05 1.12
C ALA E 25 42.31 -8.22 1.45
N LEU E 26 41.91 -7.34 0.54
CA LEU E 26 40.74 -6.50 0.78
C LEU E 26 39.49 -7.33 1.08
N ILE E 27 39.35 -8.49 0.46
CA ILE E 27 38.08 -9.21 0.53
C ILE E 27 38.00 -10.07 1.78
N ALA E 28 39.11 -10.70 2.15
CA ALA E 28 39.15 -11.51 3.36
C ALA E 28 39.27 -10.65 4.61
N GLU E 29 39.72 -9.39 4.47
CA GLU E 29 39.64 -8.40 5.54
C GLU E 29 38.20 -7.94 5.75
N LYS E 30 37.58 -7.40 4.69
CA LYS E 30 36.22 -6.90 4.79
C LYS E 30 35.20 -8.02 4.84
N SER E 31 35.49 -9.16 4.21
CA SER E 31 34.54 -10.26 4.14
C SER E 31 33.31 -9.88 3.30
N CYS E 32 33.54 -9.13 2.22
CA CYS E 32 32.49 -8.77 1.25
C CYS E 32 32.59 -9.60 -0.03
N ALA E 33 33.16 -10.80 0.08
CA ALA E 33 33.24 -11.72 -1.06
C ALA E 33 31.91 -11.85 -1.79
N PRO E 34 30.78 -12.08 -1.10
CA PRO E 34 29.51 -12.24 -1.83
C PRO E 34 29.15 -11.04 -2.68
N LEU E 35 29.22 -9.84 -2.09
CA LEU E 35 28.86 -8.65 -2.85
C LEU E 35 29.74 -8.50 -4.08
N MET E 36 31.01 -8.87 -3.96
CA MET E 36 31.90 -8.73 -5.11
C MET E 36 31.55 -9.73 -6.21
N LEU E 37 31.13 -10.95 -5.85
CA LEU E 37 30.61 -11.88 -6.86
C LEU E 37 29.40 -11.28 -7.56
N ARG E 38 28.50 -10.63 -6.80
CA ARG E 38 27.27 -10.11 -7.41
C ARG E 38 27.59 -9.00 -8.39
N LEU E 39 28.53 -8.14 -8.03
CA LEU E 39 29.00 -7.10 -8.93
C LEU E 39 29.39 -7.71 -10.29
N ALA E 40 30.33 -8.65 -10.26
CA ALA E 40 30.78 -9.31 -11.49
C ALA E 40 29.61 -9.95 -12.21
N TRP E 41 28.80 -10.72 -11.50
CA TRP E 41 27.65 -11.35 -12.12
C TRP E 41 26.71 -10.31 -12.74
N HIS E 42 26.38 -9.26 -11.99
CA HIS E 42 25.55 -8.24 -12.59
C HIS E 42 26.33 -7.43 -13.63
N SER E 43 27.65 -7.27 -13.45
CA SER E 43 28.44 -6.58 -14.46
C SER E 43 28.46 -7.32 -15.79
N ALA E 44 28.32 -8.64 -15.77
CA ALA E 44 28.41 -9.42 -16.99
C ALA E 44 27.05 -9.90 -17.50
N GLY E 45 26.05 -9.99 -16.64
CA GLY E 45 24.77 -10.60 -16.96
C GLY E 45 23.89 -9.83 -17.93
N THR E 46 24.34 -8.67 -18.41
CA THR E 46 23.52 -7.86 -19.31
C THR E 46 23.79 -8.14 -20.77
N PHE E 47 24.47 -9.25 -21.07
CA PHE E 47 24.88 -9.51 -22.45
C PHE E 47 23.73 -10.10 -23.24
N ASP E 48 23.52 -9.56 -24.45
CA ASP E 48 22.55 -10.10 -25.38
C ASP E 48 23.27 -10.57 -26.64
N VAL E 49 23.32 -11.89 -26.82
CA VAL E 49 24.13 -12.47 -27.89
C VAL E 49 23.66 -11.96 -29.24
N SER E 50 22.35 -11.81 -29.42
CA SER E 50 21.82 -11.47 -30.74
C SER E 50 22.17 -10.05 -31.16
N SER E 51 22.52 -9.18 -30.22
CA SER E 51 22.83 -7.79 -30.53
C SER E 51 24.30 -7.40 -30.40
N LYS E 52 25.06 -8.07 -29.52
CA LYS E 52 26.43 -7.72 -29.11
C LYS E 52 26.47 -6.60 -28.08
N THR E 53 25.35 -6.30 -27.43
CA THR E 53 25.28 -5.25 -26.42
C THR E 53 25.35 -5.84 -25.01
N GLY E 54 25.61 -4.98 -24.04
CA GLY E 54 25.75 -5.47 -22.69
C GLY E 54 26.95 -6.40 -22.54
N GLY E 55 27.05 -6.95 -21.34
CA GLY E 55 28.18 -7.79 -21.00
C GLY E 55 29.18 -7.08 -20.11
N PRO E 56 30.19 -7.80 -19.63
CA PRO E 56 31.08 -7.25 -18.60
C PRO E 56 32.12 -6.29 -19.19
N PHE E 57 31.75 -5.01 -19.32
CA PHE E 57 32.64 -4.04 -19.94
C PHE E 57 32.71 -2.77 -19.11
N GLY E 58 32.70 -2.93 -17.79
CA GLY E 58 32.95 -1.85 -16.87
C GLY E 58 31.78 -0.93 -16.65
N THR E 59 30.64 -1.20 -17.29
CA THR E 59 29.47 -0.33 -17.27
C THR E 59 28.81 -0.22 -15.90
N MET E 60 29.25 -1.00 -14.90
CA MET E 60 28.88 -0.77 -13.51
C MET E 60 29.56 0.46 -12.91
N LYS E 61 30.43 1.15 -13.66
CA LYS E 61 31.12 2.33 -13.13
C LYS E 61 30.28 3.58 -13.31
N ASN E 62 29.62 3.71 -14.45
CA ASN E 62 28.72 4.84 -14.71
C ASN E 62 27.53 4.74 -13.76
N PRO E 63 27.31 5.74 -12.88
CA PRO E 63 26.22 5.62 -11.89
C PRO E 63 24.89 5.27 -12.52
N ALA E 64 24.75 5.50 -13.82
CA ALA E 64 23.53 5.15 -14.53
C ALA E 64 23.15 3.70 -14.26
N GLU E 65 24.11 2.77 -14.42
CA GLU E 65 23.81 1.36 -14.21
C GLU E 65 23.84 0.98 -12.73
N GLN E 66 24.50 1.78 -11.88
CA GLN E 66 24.24 1.70 -10.44
C GLN E 66 22.76 1.93 -10.12
N ALA E 67 22.04 2.56 -11.05
CA ALA E 67 20.67 3.01 -10.83
C ALA E 67 19.63 1.96 -11.20
N HIS E 68 19.98 0.97 -12.00
CA HIS E 68 19.04 -0.09 -12.32
C HIS E 68 18.54 -0.74 -11.02
N GLY E 69 17.30 -1.25 -11.08
CA GLY E 69 16.68 -1.79 -9.89
C GLY E 69 17.39 -3.04 -9.39
N ALA E 70 17.71 -3.96 -10.30
CA ALA E 70 18.43 -5.16 -9.91
C ALA E 70 19.81 -4.87 -9.33
N ASN E 71 20.29 -3.63 -9.42
CA ASN E 71 21.65 -3.30 -9.04
C ASN E 71 21.77 -2.52 -7.74
N ALA E 72 20.68 -2.37 -6.99
CA ALA E 72 20.77 -1.70 -5.70
C ALA E 72 21.81 -2.40 -4.83
N GLY E 73 22.74 -1.63 -4.28
CA GLY E 73 23.82 -2.14 -3.45
C GLY E 73 25.17 -2.23 -4.16
N LEU E 74 25.17 -2.50 -5.46
CA LEU E 74 26.43 -2.69 -6.19
C LEU E 74 27.30 -1.45 -6.15
N ASP E 75 26.68 -0.28 -6.27
CA ASP E 75 27.32 1.01 -6.03
C ASP E 75 28.19 0.97 -4.77
N ILE E 76 27.80 0.18 -3.76
CA ILE E 76 28.68 -0.05 -2.62
C ILE E 76 29.93 -0.79 -3.07
N ALA E 77 29.74 -1.86 -3.84
CA ALA E 77 30.87 -2.64 -4.31
C ALA E 77 31.81 -1.79 -5.15
N VAL E 78 31.23 -0.94 -6.02
CA VAL E 78 32.05 -0.12 -6.91
C VAL E 78 32.98 0.77 -6.09
N ARG E 79 32.42 1.57 -5.17
CA ARG E 79 33.26 2.42 -4.34
C ARG E 79 34.29 1.60 -3.59
N MET E 80 33.91 0.41 -3.15
CA MET E 80 34.83 -0.42 -2.38
C MET E 80 36.05 -0.82 -3.22
N LEU E 81 35.86 -1.03 -4.52
CA LEU E 81 36.99 -1.39 -5.39
C LEU E 81 37.67 -0.18 -6.02
N GLU E 82 37.04 1.01 -5.95
CA GLU E 82 37.65 2.20 -6.53
C GLU E 82 39.10 2.38 -6.09
N PRO E 83 39.44 2.27 -4.82
CA PRO E 83 40.87 2.41 -4.43
C PRO E 83 41.78 1.54 -5.25
N VAL E 84 41.33 0.32 -5.57
CA VAL E 84 42.17 -0.63 -6.28
C VAL E 84 42.43 -0.14 -7.70
N LYS E 85 41.43 0.47 -8.34
CA LYS E 85 41.67 1.09 -9.63
C LYS E 85 42.66 2.25 -9.48
N GLU E 86 42.58 2.98 -8.37
CA GLU E 86 43.48 4.11 -8.16
C GLU E 86 44.93 3.67 -8.15
N GLU E 87 45.23 2.58 -7.44
CA GLU E 87 46.60 2.09 -7.40
C GLU E 87 47.01 1.40 -8.70
N PHE E 88 46.08 1.04 -9.57
CA PHE E 88 46.42 0.37 -10.83
C PHE E 88 45.50 0.95 -11.91
N PRO E 89 45.61 2.25 -12.21
CA PRO E 89 44.67 2.87 -13.14
C PRO E 89 44.75 2.30 -14.55
N ILE E 90 45.82 1.60 -14.91
CA ILE E 90 45.90 1.01 -16.24
C ILE E 90 44.82 -0.05 -16.44
N LEU E 91 44.34 -0.65 -15.36
CA LEU E 91 43.31 -1.67 -15.48
C LEU E 91 42.01 -1.03 -15.92
N SER E 92 41.34 -1.65 -16.88
CA SER E 92 39.97 -1.27 -17.16
C SER E 92 39.06 -1.70 -16.02
N TYR E 93 38.00 -0.92 -15.79
CA TYR E 93 36.96 -1.33 -14.85
C TYR E 93 36.38 -2.69 -15.22
N ALA E 94 36.29 -2.96 -16.52
CA ALA E 94 35.79 -4.26 -16.98
C ALA E 94 36.62 -5.38 -16.38
N ASP E 95 37.95 -5.31 -16.54
CA ASP E 95 38.79 -6.35 -15.99
C ASP E 95 38.71 -6.38 -14.47
N LEU E 96 38.75 -5.21 -13.84
CA LEU E 96 38.78 -5.18 -12.38
C LEU E 96 37.56 -5.89 -11.78
N TYR E 97 36.37 -5.70 -12.35
CA TYR E 97 35.18 -6.24 -11.71
C TYR E 97 35.09 -7.76 -11.86
N GLN E 98 35.49 -8.30 -13.01
CA GLN E 98 35.53 -9.75 -13.19
C GLN E 98 36.62 -10.37 -12.33
N LEU E 99 37.78 -9.72 -12.25
CA LEU E 99 38.86 -10.27 -11.45
C LEU E 99 38.43 -10.39 -10.00
N ALA E 100 37.63 -9.43 -9.52
CA ALA E 100 37.13 -9.49 -8.15
C ALA E 100 36.14 -10.63 -7.99
N GLY E 101 35.24 -10.81 -8.96
CA GLY E 101 34.38 -11.98 -8.91
C GLY E 101 35.20 -13.26 -8.83
N VAL E 102 36.28 -13.33 -9.58
CA VAL E 102 37.11 -14.53 -9.57
C VAL E 102 37.82 -14.67 -8.24
N VAL E 103 38.34 -13.57 -7.70
CA VAL E 103 39.00 -13.66 -6.39
C VAL E 103 37.99 -13.91 -5.27
N ALA E 104 36.75 -13.44 -5.43
CA ALA E 104 35.73 -13.75 -4.43
C ALA E 104 35.49 -15.24 -4.32
N VAL E 105 35.45 -15.95 -5.46
CA VAL E 105 35.24 -17.39 -5.42
C VAL E 105 36.43 -18.09 -4.80
N GLU E 106 37.65 -17.65 -5.14
CA GLU E 106 38.84 -18.34 -4.65
C GLU E 106 39.00 -18.18 -3.15
N VAL E 107 38.89 -16.94 -2.67
CA VAL E 107 39.13 -16.64 -1.26
C VAL E 107 38.13 -17.33 -0.34
N THR E 108 36.91 -17.58 -0.82
CA THR E 108 35.94 -18.30 -0.01
C THR E 108 36.00 -19.80 -0.19
N GLY E 109 37.03 -20.32 -0.87
CA GLY E 109 37.19 -21.75 -1.05
C GLY E 109 36.63 -22.34 -2.33
N GLY E 110 36.24 -21.52 -3.29
CA GLY E 110 35.72 -22.05 -4.54
C GLY E 110 36.84 -22.42 -5.51
N PRO E 111 36.44 -22.90 -6.68
CA PRO E 111 37.43 -23.38 -7.66
C PRO E 111 38.15 -22.22 -8.33
N GLU E 112 39.20 -22.56 -9.07
CA GLU E 112 40.08 -21.56 -9.68
C GLU E 112 39.50 -21.24 -11.06
N VAL E 113 38.82 -20.10 -11.16
CA VAL E 113 38.25 -19.63 -12.42
C VAL E 113 39.38 -18.97 -13.20
N PRO E 114 39.72 -19.47 -14.38
CA PRO E 114 40.76 -18.81 -15.18
C PRO E 114 40.42 -17.34 -15.38
N PHE E 115 41.44 -16.49 -15.42
CA PHE E 115 41.22 -15.10 -15.75
C PHE E 115 42.12 -14.66 -16.89
N HIS E 116 41.50 -14.14 -17.96
CA HIS E 116 42.19 -13.57 -19.11
C HIS E 116 41.94 -12.09 -19.15
N PRO E 117 42.97 -11.26 -19.01
CA PRO E 117 42.77 -9.81 -18.98
C PRO E 117 42.59 -9.25 -20.38
N GLY E 118 42.19 -7.97 -20.43
CA GLY E 118 42.18 -7.21 -21.67
C GLY E 118 40.83 -6.66 -22.10
N ARG E 119 39.78 -6.85 -21.31
CA ARG E 119 38.49 -6.25 -21.64
C ARG E 119 38.66 -4.73 -21.74
N GLU E 120 37.98 -4.14 -22.72
CA GLU E 120 38.01 -2.68 -22.86
C GLU E 120 36.74 -2.09 -22.26
N ASP E 121 36.87 -0.89 -21.71
CA ASP E 121 35.77 -0.22 -21.02
C ASP E 121 34.87 0.47 -22.04
N LYS E 122 33.67 -0.10 -22.27
CA LYS E 122 32.71 0.43 -23.22
C LYS E 122 31.90 1.57 -22.61
N PRO E 123 31.40 2.50 -23.45
CA PRO E 123 30.69 3.67 -22.93
C PRO E 123 29.20 3.42 -22.67
N GLN E 124 28.54 2.71 -23.57
CA GLN E 124 27.08 2.63 -23.57
C GLN E 124 26.61 1.50 -22.65
N PRO E 125 26.04 1.81 -21.49
CA PRO E 125 25.42 0.75 -20.66
C PRO E 125 24.30 0.07 -21.42
N PRO E 126 23.96 -1.16 -21.06
CA PRO E 126 22.84 -1.83 -21.71
C PRO E 126 21.51 -1.38 -21.15
N PRO E 127 20.39 -1.70 -21.80
CA PRO E 127 19.08 -1.32 -21.28
C PRO E 127 18.70 -2.13 -20.04
N GLU E 128 17.96 -1.49 -19.14
CA GLU E 128 17.51 -2.14 -17.91
C GLU E 128 16.59 -3.33 -18.22
N GLY E 129 16.34 -4.14 -17.20
CA GLY E 129 15.45 -5.27 -17.32
C GLY E 129 16.00 -6.46 -18.07
N ARG E 130 17.33 -6.59 -18.14
CA ARG E 130 17.96 -7.74 -18.75
C ARG E 130 18.22 -8.86 -17.76
N LEU E 131 18.52 -8.51 -16.50
CA LEU E 131 18.94 -9.50 -15.53
C LEU E 131 17.74 -10.33 -15.06
N PRO E 132 18.00 -11.48 -14.44
CA PRO E 132 16.90 -12.35 -14.00
C PRO E 132 15.92 -11.63 -13.08
N ASP E 133 14.79 -12.30 -12.85
CA ASP E 133 13.70 -11.85 -11.98
C ASP E 133 13.47 -12.93 -10.93
N ALA E 134 13.76 -12.62 -9.65
CA ALA E 134 13.71 -13.64 -8.62
C ALA E 134 12.32 -14.24 -8.40
N THR E 135 11.29 -13.71 -9.05
CA THR E 135 9.93 -14.21 -8.85
C THR E 135 9.41 -15.04 -10.01
N LYS E 136 10.06 -15.02 -11.17
CA LYS E 136 9.63 -15.81 -12.31
C LYS E 136 10.26 -17.20 -12.25
N GLY E 137 10.16 -17.96 -13.34
CA GLY E 137 10.50 -19.38 -13.28
C GLY E 137 11.41 -19.89 -14.38
N SER E 138 11.39 -21.23 -14.54
CA SER E 138 12.32 -21.89 -15.46
C SER E 138 12.29 -21.25 -16.85
N ASP E 139 11.11 -20.94 -17.37
CA ASP E 139 11.01 -20.35 -18.69
C ASP E 139 11.71 -18.99 -18.73
N HIS E 140 11.74 -18.30 -17.60
CA HIS E 140 12.37 -16.98 -17.54
C HIS E 140 13.89 -17.11 -17.57
N LEU E 141 14.42 -18.05 -16.79
CA LEU E 141 15.87 -18.26 -16.73
C LEU E 141 16.42 -18.62 -18.10
N ARG E 142 15.69 -19.46 -18.85
CA ARG E 142 16.13 -19.79 -20.20
C ARG E 142 16.01 -18.62 -21.15
N GLN E 143 15.16 -17.64 -20.85
CA GLN E 143 15.14 -16.44 -21.66
C GLN E 143 16.35 -15.56 -21.35
N VAL E 144 16.65 -15.37 -20.06
CA VAL E 144 17.75 -14.51 -19.67
C VAL E 144 19.10 -15.19 -19.93
N PHE E 145 19.28 -16.38 -19.37
CA PHE E 145 20.54 -17.09 -19.55
C PHE E 145 20.61 -17.72 -20.94
N GLY E 146 19.54 -18.39 -21.35
CA GLY E 146 19.60 -19.19 -22.57
C GLY E 146 19.64 -18.36 -23.84
N LYS E 147 18.67 -17.47 -24.03
CA LYS E 147 18.56 -16.74 -25.29
C LYS E 147 19.37 -15.45 -25.30
N GLN E 148 19.27 -14.63 -24.24
CA GLN E 148 20.03 -13.38 -24.23
C GLN E 148 21.53 -13.62 -24.07
N MET E 149 21.91 -14.54 -23.19
CA MET E 149 23.30 -14.67 -22.77
C MET E 149 24.09 -15.71 -23.55
N GLY E 150 23.46 -16.79 -23.99
CA GLY E 150 24.14 -17.83 -24.71
C GLY E 150 24.55 -19.01 -23.86
N LEU E 151 24.44 -18.89 -22.55
CA LEU E 151 24.79 -19.97 -21.66
C LEU E 151 23.83 -21.14 -21.83
N SER E 152 24.23 -22.29 -21.29
CA SER E 152 23.48 -23.53 -21.39
C SER E 152 22.68 -23.75 -20.11
N ASP E 153 21.79 -24.73 -20.18
CA ASP E 153 21.04 -25.11 -18.99
C ASP E 153 21.95 -25.67 -17.90
N GLN E 154 23.12 -26.22 -18.26
CA GLN E 154 24.10 -26.61 -17.25
C GLN E 154 24.67 -25.37 -16.58
N ASP E 155 25.02 -24.37 -17.37
CA ASP E 155 25.49 -23.11 -16.82
C ASP E 155 24.49 -22.52 -15.84
N ILE E 156 23.22 -22.52 -16.22
CA ILE E 156 22.21 -21.89 -15.39
C ILE E 156 22.25 -22.46 -13.99
N VAL E 157 22.18 -23.80 -13.88
CA VAL E 157 22.13 -24.44 -12.59
C VAL E 157 23.44 -24.21 -11.81
N ALA E 158 24.58 -24.40 -12.47
CA ALA E 158 25.84 -24.27 -11.77
C ALA E 158 26.01 -22.87 -11.22
N LEU E 159 25.70 -21.88 -12.03
CA LEU E 159 25.85 -20.49 -11.60
C LEU E 159 24.91 -20.19 -10.44
N SER E 160 23.68 -20.75 -10.47
CA SER E 160 22.75 -20.54 -9.37
C SER E 160 23.39 -20.86 -8.03
N GLY E 161 24.28 -21.85 -8.00
CA GLY E 161 24.99 -22.18 -6.77
C GLY E 161 25.88 -21.07 -6.26
N GLY E 162 26.11 -20.02 -7.04
CA GLY E 162 26.75 -18.84 -6.49
C GLY E 162 25.98 -18.24 -5.32
N HIS E 163 24.72 -18.60 -5.14
CA HIS E 163 24.01 -18.13 -3.97
C HIS E 163 24.47 -18.81 -2.69
N THR E 164 25.39 -19.79 -2.77
CA THR E 164 26.05 -20.27 -1.57
C THR E 164 26.81 -19.17 -0.85
N LEU E 165 26.96 -18.02 -1.48
CA LEU E 165 27.61 -16.86 -0.89
C LEU E 165 26.57 -15.79 -0.56
N GLY E 166 26.83 -15.06 0.51
CA GLY E 166 26.10 -13.83 0.74
C GLY E 166 24.67 -14.08 1.19
N ARG E 167 23.85 -13.04 1.00
CA ARG E 167 22.49 -13.01 1.53
C ARG E 167 21.71 -11.95 0.76
N ALA E 168 20.39 -11.99 0.93
CA ALA E 168 19.53 -10.91 0.47
C ALA E 168 19.39 -9.84 1.55
N HIS E 169 19.23 -8.60 1.10
CA HIS E 169 19.07 -7.43 1.96
C HIS E 169 17.78 -6.71 1.57
N LYS E 170 16.95 -6.38 2.56
CA LYS E 170 15.61 -5.83 2.28
C LYS E 170 15.70 -4.51 1.53
N GLU E 171 16.66 -3.66 1.88
CA GLU E 171 16.78 -2.37 1.25
C GLU E 171 17.25 -2.45 -0.21
N ARG E 172 17.44 -3.65 -0.76
CA ARG E 172 17.96 -3.83 -2.12
C ARG E 172 16.96 -4.53 -3.03
N SER E 173 16.42 -5.67 -2.61
CA SER E 173 15.50 -6.42 -3.45
C SER E 173 14.26 -6.90 -2.70
N GLY E 174 14.07 -6.50 -1.46
CA GLY E 174 12.92 -6.98 -0.71
C GLY E 174 13.21 -8.23 0.09
N PHE E 175 13.76 -9.26 -0.56
CA PHE E 175 14.07 -10.50 0.14
C PHE E 175 15.13 -10.23 1.21
N GLU E 176 15.32 -11.21 2.10
CA GLU E 176 16.28 -11.04 3.19
C GLU E 176 16.73 -12.42 3.64
N GLY E 177 18.01 -12.50 4.02
CA GLY E 177 18.56 -13.70 4.57
C GLY E 177 19.43 -14.51 3.63
N PRO E 178 20.27 -15.35 4.23
CA PRO E 178 21.19 -16.18 3.45
C PRO E 178 20.51 -17.46 3.02
N TRP E 179 21.05 -18.01 1.91
CA TRP E 179 20.64 -19.31 1.39
C TRP E 179 21.26 -20.47 2.15
N THR E 180 22.39 -20.26 2.82
CA THR E 180 23.13 -21.36 3.41
C THR E 180 23.53 -21.03 4.84
N ARG E 181 23.95 -22.06 5.57
CA ARG E 181 24.42 -21.87 6.93
C ARG E 181 25.73 -21.10 6.98
N ASN E 182 26.54 -21.20 5.93
CA ASN E 182 27.90 -20.66 5.92
C ASN E 182 28.08 -19.70 4.75
N PRO E 183 27.37 -18.55 4.76
CA PRO E 183 27.28 -17.72 3.55
C PRO E 183 28.60 -17.04 3.20
N LEU E 184 29.68 -17.46 3.86
CA LEU E 184 31.02 -17.00 3.51
C LEU E 184 31.89 -18.12 2.98
N VAL E 185 31.32 -19.29 2.74
CA VAL E 185 32.07 -20.45 2.25
C VAL E 185 31.47 -20.88 0.91
N PHE E 186 32.33 -21.06 -0.08
CA PHE E 186 31.90 -21.51 -1.40
C PHE E 186 31.92 -23.04 -1.43
N ASP E 187 30.74 -23.65 -1.29
CA ASP E 187 30.61 -25.09 -1.45
C ASP E 187 29.29 -25.35 -2.15
N ASN E 188 28.78 -26.59 -2.05
CA ASN E 188 27.54 -26.96 -2.72
C ASN E 188 26.34 -27.00 -1.77
N SER E 189 26.44 -26.34 -0.62
CA SER E 189 25.32 -26.28 0.33
C SER E 189 24.06 -25.73 -0.32
N TYR E 190 24.21 -24.69 -1.15
CA TYR E 190 23.03 -24.06 -1.73
C TYR E 190 22.11 -25.10 -2.35
N PHE E 191 22.68 -26.13 -2.95
CA PHE E 191 21.83 -27.15 -3.54
C PHE E 191 21.24 -28.04 -2.47
N LYS E 192 22.01 -28.35 -1.43
CA LYS E 192 21.47 -29.17 -0.35
C LYS E 192 20.31 -28.46 0.33
N GLU E 193 20.39 -27.13 0.50
CA GLU E 193 19.31 -26.38 1.13
C GLU E 193 18.07 -26.32 0.25
N LEU E 194 18.26 -26.17 -1.06
CA LEU E 194 17.12 -26.20 -1.97
C LEU E 194 16.35 -27.51 -1.86
N LEU E 195 17.05 -28.63 -1.72
CA LEU E 195 16.38 -29.93 -1.80
C LEU E 195 15.66 -30.29 -0.49
N SER E 196 16.22 -29.89 0.67
CA SER E 196 15.59 -30.17 1.96
C SER E 196 14.38 -29.29 2.22
N GLY E 197 13.99 -28.43 1.29
CA GLY E 197 12.83 -27.59 1.49
C GLY E 197 13.12 -26.34 2.31
N ASP E 198 12.09 -25.51 2.43
CA ASP E 198 12.20 -24.29 3.21
C ASP E 198 12.43 -24.64 4.68
N LYS E 199 13.06 -23.70 5.40
CA LYS E 199 13.33 -23.90 6.81
C LYS E 199 13.72 -22.55 7.44
N GLU E 200 13.78 -22.56 8.78
CA GLU E 200 13.98 -21.33 9.54
C GLU E 200 15.39 -20.82 9.34
N GLY E 201 15.51 -19.53 9.01
CA GLY E 201 16.80 -18.86 8.92
C GLY E 201 17.43 -18.82 7.54
N LEU E 202 16.87 -19.55 6.56
CA LEU E 202 17.41 -19.65 5.21
C LEU E 202 16.40 -19.12 4.21
N LEU E 203 16.91 -18.52 3.16
CA LEU E 203 16.07 -18.03 2.08
C LEU E 203 16.11 -18.98 0.88
N GLN E 204 15.10 -18.85 0.04
CA GLN E 204 15.04 -19.55 -1.25
C GLN E 204 14.19 -18.70 -2.18
N LEU E 205 14.78 -18.26 -3.29
CA LEU E 205 14.02 -17.47 -4.22
C LEU E 205 13.06 -18.38 -4.97
N PRO E 206 12.03 -17.81 -5.60
CA PRO E 206 11.27 -18.61 -6.57
C PRO E 206 12.15 -19.10 -7.71
N SER E 207 13.04 -18.25 -8.22
CA SER E 207 14.02 -18.69 -9.20
C SER E 207 14.80 -19.90 -8.69
N ASP E 208 15.18 -19.90 -7.41
CA ASP E 208 15.83 -21.08 -6.86
C ASP E 208 14.89 -22.28 -6.90
N LYS E 209 13.66 -22.11 -6.40
CA LYS E 209 12.70 -23.21 -6.38
C LYS E 209 12.51 -23.78 -7.77
N ALA E 210 12.56 -22.93 -8.79
CA ALA E 210 12.35 -23.36 -10.17
C ALA E 210 13.19 -24.60 -10.52
N LEU E 211 14.45 -24.63 -10.11
CA LEU E 211 15.31 -25.73 -10.51
C LEU E 211 14.81 -27.06 -9.98
N LEU E 212 14.00 -27.07 -8.94
CA LEU E 212 13.44 -28.34 -8.48
C LEU E 212 12.23 -28.75 -9.33
N SER E 213 11.51 -27.77 -9.89
CA SER E 213 10.35 -28.07 -10.73
C SER E 213 10.77 -28.61 -12.10
N ASP E 214 11.80 -28.00 -12.71
CA ASP E 214 12.23 -28.38 -14.04
C ASP E 214 12.84 -29.78 -14.06
N PRO E 215 12.67 -30.53 -15.15
CA PRO E 215 13.27 -31.88 -15.25
C PRO E 215 14.70 -31.89 -15.75
N VAL E 216 15.19 -30.81 -16.34
CA VAL E 216 16.60 -30.70 -16.73
C VAL E 216 17.45 -30.11 -15.59
N PHE E 217 16.91 -29.15 -14.85
CA PHE E 217 17.64 -28.55 -13.73
C PHE E 217 17.70 -29.50 -12.54
N ARG E 218 16.55 -30.07 -12.17
CA ARG E 218 16.43 -30.96 -11.03
C ARG E 218 17.61 -31.93 -10.98
N PRO E 219 17.83 -32.72 -12.05
CA PRO E 219 18.97 -33.65 -12.04
C PRO E 219 20.31 -32.98 -11.79
N LEU E 220 20.55 -31.83 -12.42
CA LEU E 220 21.83 -31.15 -12.18
C LEU E 220 21.93 -30.69 -10.73
N ALA E 221 20.83 -30.16 -10.18
CA ALA E 221 20.83 -29.78 -8.78
C ALA E 221 21.15 -30.97 -7.90
N GLU E 222 20.53 -32.12 -8.19
CA GLU E 222 20.81 -33.31 -7.39
C GLU E 222 22.27 -33.73 -7.54
N LYS E 223 22.80 -33.67 -8.76
CA LYS E 223 24.20 -34.01 -8.99
C LYS E 223 25.12 -33.12 -8.15
N TYR E 224 24.93 -31.80 -8.23
CA TYR E 224 25.78 -30.88 -7.47
C TYR E 224 25.63 -31.10 -5.97
N ALA E 225 24.39 -31.28 -5.50
CA ALA E 225 24.18 -31.56 -4.09
C ALA E 225 25.01 -32.75 -3.65
N ALA E 226 25.07 -33.79 -4.48
CA ALA E 226 25.80 -35.00 -4.13
C ALA E 226 27.28 -34.94 -4.48
N ASP E 227 27.68 -34.15 -5.49
CA ASP E 227 29.05 -34.20 -6.01
C ASP E 227 29.67 -32.80 -6.10
N GLU E 228 30.36 -32.40 -5.02
CA GLU E 228 30.93 -31.07 -4.99
C GLU E 228 31.95 -30.88 -6.09
N ASP E 229 32.72 -31.92 -6.41
CA ASP E 229 33.72 -31.80 -7.49
C ASP E 229 33.05 -31.43 -8.79
N ALA E 230 31.95 -32.11 -9.14
CA ALA E 230 31.31 -31.85 -10.42
C ALA E 230 30.70 -30.45 -10.44
N PHE E 231 30.08 -30.04 -9.32
CA PHE E 231 29.67 -28.66 -9.14
C PHE E 231 30.85 -27.71 -9.38
N PHE E 232 31.97 -27.93 -8.69
CA PHE E 232 33.07 -26.99 -8.86
C PHE E 232 33.50 -26.92 -10.32
N ASP E 233 33.51 -28.07 -11.02
CA ASP E 233 33.99 -28.06 -12.40
C ASP E 233 32.99 -27.36 -13.30
N ASP E 234 31.71 -27.70 -13.17
CA ASP E 234 30.68 -27.03 -13.94
C ASP E 234 30.57 -25.56 -13.52
N TYR E 235 30.80 -25.25 -12.24
CA TYR E 235 30.75 -23.86 -11.84
C TYR E 235 31.93 -23.08 -12.44
N LYS E 236 33.15 -23.60 -12.31
CA LYS E 236 34.31 -22.93 -12.88
C LYS E 236 34.15 -22.69 -14.38
N GLU E 237 33.52 -23.64 -15.07
CA GLU E 237 33.34 -23.52 -16.51
C GLU E 237 32.31 -22.43 -16.85
N ALA E 238 31.17 -22.42 -16.16
CA ALA E 238 30.16 -21.40 -16.44
C ALA E 238 30.63 -20.01 -16.02
N HIS E 239 31.21 -19.89 -14.83
CA HIS E 239 31.68 -18.59 -14.42
C HIS E 239 32.65 -18.00 -15.45
N LEU E 240 33.52 -18.83 -16.02
CA LEU E 240 34.48 -18.28 -16.97
C LEU E 240 33.78 -17.76 -18.22
N LYS E 241 32.76 -18.48 -18.71
CA LYS E 241 32.02 -17.99 -19.87
C LYS E 241 31.25 -16.72 -19.51
N LEU E 242 30.52 -16.73 -18.40
CA LEU E 242 29.91 -15.52 -17.91
C LEU E 242 30.89 -14.36 -18.01
N SER E 243 32.00 -14.45 -17.28
CA SER E 243 32.96 -13.36 -17.14
C SER E 243 33.55 -12.87 -18.46
N GLU E 244 33.20 -13.54 -19.56
CA GLU E 244 33.86 -13.28 -20.85
C GLU E 244 32.85 -13.17 -21.99
N LEU E 245 31.57 -12.94 -21.68
CA LEU E 245 30.55 -12.80 -22.72
C LEU E 245 30.83 -11.55 -23.56
N GLY E 246 30.88 -11.75 -24.88
CA GLY E 246 31.20 -10.64 -25.75
C GLY E 246 32.62 -10.15 -25.68
N PHE E 247 33.50 -10.84 -24.96
CA PHE E 247 34.91 -10.43 -24.85
C PHE E 247 35.79 -11.39 -25.63
N ALA E 248 36.72 -10.84 -26.40
CA ALA E 248 37.76 -11.62 -27.05
C ALA E 248 37.21 -12.73 -27.93
N ASP E 249 36.08 -12.49 -28.58
CA ASP E 249 35.48 -13.48 -29.48
C ASP E 249 36.31 -13.64 -30.74
N ALA E 250 36.41 -14.88 -31.21
CA ALA E 250 37.32 -15.21 -32.30
C ALA E 250 36.56 -15.20 -33.62
N MET F 1 -26.08 -28.63 24.61
CA MET F 1 -24.84 -28.98 25.31
C MET F 1 -24.56 -30.48 25.22
N ALA F 2 -25.58 -31.24 24.84
CA ALA F 2 -25.55 -32.68 24.88
C ALA F 2 -25.01 -33.29 23.57
N LYS F 3 -24.35 -34.45 23.69
CA LYS F 3 -23.83 -35.15 22.53
C LYS F 3 -24.62 -36.43 22.25
N SER F 4 -24.60 -36.83 20.99
CA SER F 4 -25.15 -38.12 20.52
C SER F 4 -24.13 -38.70 19.54
N TYR F 5 -23.13 -39.40 20.07
CA TYR F 5 -22.00 -39.82 19.28
C TYR F 5 -22.41 -40.89 18.27
N PRO F 6 -21.82 -40.89 17.08
CA PRO F 6 -22.07 -41.96 16.12
C PRO F 6 -21.21 -43.18 16.39
N THR F 7 -21.78 -44.35 16.11
CA THR F 7 -21.02 -45.59 16.21
C THR F 7 -20.43 -45.88 14.83
N VAL F 8 -19.15 -45.57 14.65
CA VAL F 8 -18.57 -45.75 13.35
C VAL F 8 -18.39 -47.25 13.09
N SER F 9 -18.22 -47.58 11.82
CA SER F 9 -18.10 -48.97 11.42
C SER F 9 -16.88 -49.62 12.06
N ALA F 10 -16.87 -50.95 12.01
CA ALA F 10 -15.70 -51.70 12.47
C ALA F 10 -14.45 -51.30 11.71
N GLU F 11 -14.55 -51.21 10.37
CA GLU F 11 -13.38 -50.86 9.58
C GLU F 11 -12.86 -49.47 9.92
N TYR F 12 -13.76 -48.51 10.16
CA TYR F 12 -13.31 -47.19 10.56
C TYR F 12 -12.63 -47.22 11.93
N GLN F 13 -13.24 -47.91 12.90
CA GLN F 13 -12.64 -47.97 14.23
C GLN F 13 -11.29 -48.67 14.19
N ASP F 14 -11.10 -49.60 13.26
CA ASP F 14 -9.81 -50.25 13.11
C ASP F 14 -8.76 -49.28 12.53
N ALA F 15 -9.18 -48.33 11.68
CA ALA F 15 -8.23 -47.37 11.14
C ALA F 15 -7.87 -46.30 12.17
N VAL F 16 -8.83 -45.87 12.98
CA VAL F 16 -8.54 -44.95 14.07
C VAL F 16 -7.46 -45.54 14.98
N GLU F 17 -7.65 -46.78 15.44
CA GLU F 17 -6.65 -47.34 16.34
C GLU F 17 -5.31 -47.46 15.63
N LYS F 18 -5.32 -47.92 14.38
CA LYS F 18 -4.06 -48.06 13.66
C LYS F 18 -3.39 -46.72 13.48
N ALA F 19 -4.18 -45.69 13.14
CA ALA F 19 -3.64 -44.35 12.99
C ALA F 19 -3.10 -43.82 14.30
N ARG F 20 -3.86 -43.97 15.39
CA ARG F 20 -3.34 -43.60 16.70
C ARG F 20 -1.95 -44.15 16.90
N ARG F 21 -1.77 -45.43 16.61
CA ARG F 21 -0.47 -46.04 16.77
C ARG F 21 0.55 -45.39 15.84
N LYS F 22 0.20 -45.21 14.57
CA LYS F 22 1.13 -44.53 13.66
C LYS F 22 1.48 -43.15 14.19
N LEU F 23 0.46 -42.40 14.62
CA LEU F 23 0.69 -41.06 15.15
C LEU F 23 1.69 -41.07 16.30
N ARG F 24 1.55 -42.02 17.23
CA ARG F 24 2.46 -42.06 18.36
C ARG F 24 3.88 -42.19 17.88
N ALA F 25 4.15 -43.16 17.01
CA ALA F 25 5.49 -43.37 16.46
C ALA F 25 6.02 -42.10 15.81
N LEU F 26 5.18 -41.44 15.01
CA LEU F 26 5.54 -40.20 14.35
C LEU F 26 5.90 -39.14 15.37
N ILE F 27 4.86 -38.62 16.03
CA ILE F 27 5.01 -37.52 16.97
C ILE F 27 6.19 -37.76 17.89
N ALA F 28 6.24 -38.93 18.52
CA ALA F 28 7.32 -39.21 19.47
C ALA F 28 8.67 -39.05 18.79
N GLU F 29 8.80 -39.59 17.57
CA GLU F 29 10.05 -39.56 16.83
C GLU F 29 10.45 -38.13 16.45
N LYS F 30 9.57 -37.42 15.73
CA LYS F 30 9.87 -36.09 15.22
C LYS F 30 9.80 -35.00 16.29
N SER F 31 9.23 -35.29 17.46
CA SER F 31 9.05 -34.31 18.52
C SER F 31 8.30 -33.08 18.02
N CYS F 32 7.20 -33.32 17.31
CA CYS F 32 6.32 -32.26 16.81
C CYS F 32 5.00 -32.20 17.56
N ALA F 33 4.91 -32.81 18.73
CA ALA F 33 3.68 -32.76 19.51
C ALA F 33 3.15 -31.33 19.66
N PRO F 34 3.96 -30.31 19.98
CA PRO F 34 3.38 -28.97 20.16
C PRO F 34 2.76 -28.44 18.88
N LEU F 35 3.43 -28.61 17.75
CA LEU F 35 2.82 -28.18 16.49
C LEU F 35 1.54 -28.96 16.24
N MET F 36 1.53 -30.23 16.61
CA MET F 36 0.37 -31.07 16.39
C MET F 36 -0.82 -30.58 17.25
N LEU F 37 -0.59 -30.38 18.55
CA LEU F 37 -1.66 -29.86 19.39
C LEU F 37 -2.20 -28.53 18.85
N ARG F 38 -1.31 -27.69 18.30
CA ARG F 38 -1.77 -26.40 17.78
C ARG F 38 -2.50 -26.55 16.46
N LEU F 39 -2.15 -27.56 15.65
CA LEU F 39 -2.95 -27.84 14.45
C LEU F 39 -4.36 -28.24 14.83
N ALA F 40 -4.50 -29.02 15.89
CA ALA F 40 -5.83 -29.44 16.32
C ALA F 40 -6.60 -28.27 16.91
N TRP F 41 -5.92 -27.47 17.73
CA TRP F 41 -6.53 -26.27 18.29
C TRP F 41 -6.97 -25.30 17.19
N HIS F 42 -6.10 -25.03 16.23
CA HIS F 42 -6.41 -24.05 15.20
C HIS F 42 -7.47 -24.58 14.22
N SER F 43 -7.44 -25.88 13.95
CA SER F 43 -8.47 -26.52 13.13
C SER F 43 -9.84 -26.58 13.82
N ALA F 44 -9.91 -26.31 15.12
CA ALA F 44 -11.15 -26.44 15.87
C ALA F 44 -11.63 -25.16 16.53
N GLY F 45 -10.72 -24.24 16.87
CA GLY F 45 -11.10 -22.98 17.49
C GLY F 45 -11.85 -22.00 16.61
N THR F 46 -12.01 -22.30 15.32
CA THR F 46 -12.72 -21.42 14.39
C THR F 46 -14.24 -21.61 14.41
N PHE F 47 -14.78 -22.36 15.36
CA PHE F 47 -16.20 -22.66 15.36
C PHE F 47 -17.00 -21.49 15.91
N ASP F 48 -18.07 -21.14 15.20
CA ASP F 48 -18.99 -20.09 15.61
C ASP F 48 -20.36 -20.72 15.82
N VAL F 49 -20.80 -20.79 17.08
CA VAL F 49 -22.06 -21.48 17.36
C VAL F 49 -23.22 -20.71 16.78
N SER F 50 -23.10 -19.40 16.66
CA SER F 50 -24.16 -18.61 16.01
C SER F 50 -24.43 -19.12 14.61
N SER F 51 -23.42 -19.10 13.75
CA SER F 51 -23.54 -19.45 12.34
C SER F 51 -23.42 -20.95 12.06
N LYS F 52 -23.06 -21.77 13.05
CA LYS F 52 -22.80 -23.19 12.84
C LYS F 52 -21.77 -23.42 11.72
N THR F 53 -20.78 -22.53 11.63
CA THR F 53 -19.73 -22.63 10.63
C THR F 53 -18.36 -22.67 11.32
N GLY F 54 -17.37 -23.14 10.56
CA GLY F 54 -16.07 -23.41 11.12
C GLY F 54 -16.10 -24.60 12.08
N GLY F 55 -14.92 -24.97 12.55
CA GLY F 55 -14.78 -26.01 13.54
C GLY F 55 -13.97 -27.18 13.03
N PRO F 56 -13.83 -28.19 13.88
CA PRO F 56 -12.95 -29.31 13.55
C PRO F 56 -13.53 -30.20 12.46
N PHE F 57 -13.59 -29.69 11.23
CA PHE F 57 -14.19 -30.47 10.17
C PHE F 57 -13.28 -30.56 8.96
N GLY F 58 -11.98 -30.61 9.22
CA GLY F 58 -10.99 -30.95 8.22
C GLY F 58 -10.64 -29.84 7.26
N THR F 59 -11.20 -28.65 7.44
CA THR F 59 -11.02 -27.58 6.47
C THR F 59 -9.60 -27.00 6.46
N MET F 60 -8.74 -27.36 7.40
CA MET F 60 -7.38 -26.84 7.39
C MET F 60 -6.50 -27.50 6.35
N LYS F 61 -6.94 -28.63 5.77
CA LYS F 61 -6.28 -29.18 4.59
C LYS F 61 -6.49 -28.30 3.36
N ASN F 62 -7.49 -27.45 3.39
CA ASN F 62 -7.69 -26.49 2.30
C ASN F 62 -6.59 -25.45 2.30
N PRO F 63 -5.80 -25.31 1.22
CA PRO F 63 -4.72 -24.31 1.23
C PRO F 63 -5.21 -22.89 1.51
N ALA F 64 -6.48 -22.61 1.23
CA ALA F 64 -7.06 -21.33 1.65
C ALA F 64 -6.93 -21.13 3.16
N GLU F 65 -7.32 -22.14 3.96
CA GLU F 65 -7.26 -21.98 5.42
C GLU F 65 -5.85 -22.07 5.96
N GLN F 66 -4.97 -22.87 5.34
CA GLN F 66 -3.56 -22.84 5.71
C GLN F 66 -2.99 -21.45 5.53
N ALA F 67 -3.43 -20.75 4.47
CA ALA F 67 -2.92 -19.43 4.15
C ALA F 67 -3.20 -18.41 5.25
N HIS F 68 -4.34 -18.53 5.95
CA HIS F 68 -4.69 -17.58 7.01
C HIS F 68 -3.46 -17.17 7.82
N GLY F 69 -3.39 -15.89 8.18
CA GLY F 69 -2.23 -15.39 8.90
C GLY F 69 -2.03 -16.03 10.26
N ALA F 70 -3.12 -16.53 10.88
CA ALA F 70 -2.96 -17.23 12.14
C ALA F 70 -2.40 -18.64 11.98
N ASN F 71 -2.51 -19.23 10.79
CA ASN F 71 -2.14 -20.63 10.54
C ASN F 71 -0.74 -20.78 9.94
N ALA F 72 0.18 -19.86 10.23
CA ALA F 72 1.53 -19.94 9.67
C ALA F 72 2.28 -21.09 10.30
N GLY F 73 2.77 -22.01 9.47
CA GLY F 73 3.48 -23.20 9.93
C GLY F 73 2.64 -24.47 9.96
N LEU F 74 1.32 -24.35 10.05
CA LEU F 74 0.46 -25.54 10.08
C LEU F 74 0.49 -26.29 8.76
N ASP F 75 0.91 -25.65 7.67
CA ASP F 75 1.19 -26.38 6.45
C ASP F 75 2.26 -27.43 6.69
N ILE F 76 3.11 -27.23 7.69
CA ILE F 76 4.05 -28.27 8.08
C ILE F 76 3.31 -29.44 8.72
N ALA F 77 2.40 -29.14 9.66
CA ALA F 77 1.59 -30.18 10.28
C ALA F 77 0.84 -30.97 9.23
N VAL F 78 0.18 -30.26 8.30
CA VAL F 78 -0.59 -30.95 7.26
C VAL F 78 0.31 -31.88 6.46
N ARG F 79 1.44 -31.36 5.97
CA ARG F 79 2.41 -32.17 5.25
C ARG F 79 2.78 -33.43 6.05
N MET F 80 3.02 -33.25 7.36
CA MET F 80 3.54 -34.35 8.15
C MET F 80 2.50 -35.45 8.34
N LEU F 81 1.22 -35.07 8.39
CA LEU F 81 0.18 -36.07 8.64
C LEU F 81 -0.25 -36.78 7.37
N GLU F 82 0.02 -36.20 6.20
CA GLU F 82 -0.46 -36.77 4.96
C GLU F 82 -0.12 -38.25 4.80
N PRO F 83 1.11 -38.70 5.05
CA PRO F 83 1.38 -40.14 4.86
C PRO F 83 0.44 -40.99 5.70
N VAL F 84 0.07 -40.50 6.88
CA VAL F 84 -0.90 -41.19 7.72
C VAL F 84 -2.23 -41.32 7.00
N LYS F 85 -2.77 -40.20 6.51
CA LYS F 85 -3.92 -40.26 5.63
C LYS F 85 -3.68 -41.23 4.48
N GLU F 86 -2.48 -41.17 3.88
CA GLU F 86 -2.16 -42.06 2.78
C GLU F 86 -2.50 -43.50 3.14
N GLU F 87 -2.11 -43.93 4.34
CA GLU F 87 -2.21 -45.33 4.73
C GLU F 87 -3.61 -45.69 5.21
N PHE F 88 -4.34 -44.78 5.84
CA PHE F 88 -5.70 -45.02 6.28
C PHE F 88 -6.62 -43.99 5.62
N PRO F 89 -6.77 -44.06 4.29
CA PRO F 89 -7.57 -43.05 3.59
C PRO F 89 -9.02 -43.00 4.03
N ILE F 90 -9.53 -44.07 4.63
CA ILE F 90 -10.91 -44.03 5.10
C ILE F 90 -11.11 -42.93 6.13
N LEU F 91 -10.06 -42.52 6.84
CA LEU F 91 -10.25 -41.48 7.84
C LEU F 91 -10.54 -40.14 7.18
N SER F 92 -11.36 -39.33 7.84
CA SER F 92 -11.47 -37.95 7.42
C SER F 92 -10.33 -37.15 8.02
N TYR F 93 -9.91 -36.11 7.30
CA TYR F 93 -8.94 -35.20 7.88
C TYR F 93 -9.46 -34.63 9.18
N ALA F 94 -10.79 -34.46 9.28
CA ALA F 94 -11.38 -33.93 10.50
C ALA F 94 -11.03 -34.80 11.70
N ASP F 95 -11.26 -36.10 11.61
CA ASP F 95 -10.87 -36.99 12.70
C ASP F 95 -9.34 -37.03 12.83
N LEU F 96 -8.67 -37.19 11.70
CA LEU F 96 -7.21 -37.30 11.71
C LEU F 96 -6.55 -36.14 12.45
N TYR F 97 -7.01 -34.91 12.20
CA TYR F 97 -6.35 -33.76 12.80
C TYR F 97 -6.67 -33.63 14.29
N GLN F 98 -7.91 -33.97 14.69
CA GLN F 98 -8.26 -33.99 16.10
C GLN F 98 -7.56 -35.12 16.84
N LEU F 99 -7.27 -36.23 16.16
CA LEU F 99 -6.62 -37.36 16.82
C LEU F 99 -5.13 -37.12 17.04
N ALA F 100 -4.50 -36.30 16.21
CA ALA F 100 -3.13 -35.90 16.49
C ALA F 100 -3.06 -35.01 17.71
N GLY F 101 -4.02 -34.11 17.88
CA GLY F 101 -4.04 -33.34 19.12
C GLY F 101 -4.10 -34.24 20.33
N VAL F 102 -5.06 -35.14 20.34
CA VAL F 102 -5.19 -36.10 21.44
C VAL F 102 -3.89 -36.87 21.63
N VAL F 103 -3.35 -37.42 20.55
CA VAL F 103 -2.11 -38.20 20.68
C VAL F 103 -0.94 -37.31 21.15
N ALA F 104 -0.90 -36.05 20.69
CA ALA F 104 0.15 -35.13 21.12
C ALA F 104 0.14 -34.95 22.63
N VAL F 105 -1.04 -34.72 23.20
CA VAL F 105 -1.17 -34.57 24.64
C VAL F 105 -0.68 -35.83 25.35
N GLU F 106 -1.15 -36.98 24.89
CA GLU F 106 -0.78 -38.24 25.55
C GLU F 106 0.72 -38.47 25.54
N VAL F 107 1.32 -38.53 24.35
CA VAL F 107 2.76 -38.80 24.20
C VAL F 107 3.62 -37.89 25.07
N THR F 108 3.24 -36.62 25.23
CA THR F 108 4.07 -35.73 26.03
C THR F 108 3.83 -35.88 27.54
N GLY F 109 3.01 -36.83 27.97
CA GLY F 109 2.73 -37.01 29.39
C GLY F 109 1.43 -36.42 29.86
N GLY F 110 0.55 -36.02 28.95
CA GLY F 110 -0.71 -35.42 29.32
C GLY F 110 -1.81 -36.43 29.57
N PRO F 111 -2.97 -35.96 29.99
CA PRO F 111 -4.09 -36.87 30.30
C PRO F 111 -4.68 -37.51 29.06
N GLU F 112 -5.36 -38.64 29.27
CA GLU F 112 -6.11 -39.27 28.20
C GLU F 112 -7.30 -38.40 27.87
N VAL F 113 -7.26 -37.76 26.71
CA VAL F 113 -8.42 -37.07 26.17
C VAL F 113 -9.22 -38.09 25.38
N PRO F 114 -10.46 -38.38 25.77
CA PRO F 114 -11.29 -39.29 24.97
C PRO F 114 -11.35 -38.86 23.50
N PHE F 115 -11.53 -39.84 22.62
CA PHE F 115 -11.71 -39.57 21.20
C PHE F 115 -12.92 -40.33 20.66
N HIS F 116 -13.89 -39.57 20.16
CA HIS F 116 -15.08 -40.12 19.56
C HIS F 116 -15.07 -39.82 18.07
N PRO F 117 -14.94 -40.81 17.21
CA PRO F 117 -14.71 -40.56 15.79
C PRO F 117 -16.02 -40.26 15.07
N GLY F 118 -15.88 -39.98 13.76
CA GLY F 118 -17.03 -39.77 12.89
C GLY F 118 -17.19 -38.38 12.32
N ARG F 119 -16.18 -37.53 12.42
CA ARG F 119 -16.29 -36.20 11.84
C ARG F 119 -16.17 -36.25 10.31
N GLU F 120 -16.97 -35.42 9.64
CA GLU F 120 -16.97 -35.33 8.18
C GLU F 120 -16.19 -34.11 7.72
N ASP F 121 -15.52 -34.27 6.59
CA ASP F 121 -14.80 -33.14 5.99
C ASP F 121 -15.80 -32.24 5.28
N LYS F 122 -15.77 -30.99 5.60
CA LYS F 122 -16.67 -30.10 4.90
C LYS F 122 -15.93 -29.36 3.79
N PRO F 123 -16.65 -28.89 2.80
CA PRO F 123 -15.98 -28.18 1.68
C PRO F 123 -15.57 -26.75 2.02
N GLN F 124 -16.40 -26.02 2.78
CA GLN F 124 -16.30 -24.57 2.86
C GLN F 124 -15.55 -24.12 4.12
N PRO F 125 -14.27 -23.80 4.04
CA PRO F 125 -13.53 -23.38 5.25
C PRO F 125 -14.17 -22.15 5.86
N PRO F 126 -13.97 -21.92 7.15
CA PRO F 126 -14.51 -20.73 7.78
C PRO F 126 -13.93 -19.48 7.14
N PRO F 127 -14.47 -18.31 7.44
CA PRO F 127 -13.83 -17.06 7.01
C PRO F 127 -12.73 -16.67 7.97
N GLU F 128 -11.58 -16.26 7.42
CA GLU F 128 -10.46 -15.79 8.23
C GLU F 128 -10.95 -14.82 9.29
N GLY F 129 -10.36 -14.89 10.47
CA GLY F 129 -10.66 -13.95 11.54
C GLY F 129 -11.53 -14.44 12.67
N ARG F 130 -11.66 -15.76 12.86
CA ARG F 130 -12.36 -16.30 14.03
C ARG F 130 -11.41 -16.65 15.17
N LEU F 131 -10.14 -16.91 14.86
CA LEU F 131 -9.21 -17.39 15.86
C LEU F 131 -8.85 -16.27 16.83
N PRO F 132 -8.43 -16.61 18.04
CA PRO F 132 -8.12 -15.58 19.03
C PRO F 132 -6.92 -14.76 18.60
N ASP F 133 -6.76 -13.63 19.30
CA ASP F 133 -5.75 -12.63 18.97
C ASP F 133 -4.82 -12.50 20.16
N ALA F 134 -3.52 -12.75 19.92
CA ALA F 134 -2.54 -12.79 21.00
C ALA F 134 -2.40 -11.44 21.70
N THR F 135 -2.89 -10.35 21.10
CA THR F 135 -2.68 -9.02 21.64
C THR F 135 -3.85 -8.53 22.50
N LYS F 136 -5.05 -9.04 22.29
CA LYS F 136 -6.19 -8.55 23.05
C LYS F 136 -6.22 -9.20 24.44
N GLY F 137 -7.37 -9.15 25.10
CA GLY F 137 -7.44 -9.65 26.46
C GLY F 137 -8.78 -10.25 26.83
N SER F 138 -9.03 -10.34 28.14
CA SER F 138 -10.16 -11.08 28.69
C SER F 138 -11.45 -10.89 27.90
N ASP F 139 -11.80 -9.63 27.61
CA ASP F 139 -12.98 -9.38 26.78
C ASP F 139 -12.88 -10.13 25.46
N HIS F 140 -11.70 -10.10 24.83
CA HIS F 140 -11.51 -10.82 23.57
C HIS F 140 -11.61 -12.34 23.77
N LEU F 141 -10.88 -12.86 24.75
CA LEU F 141 -10.94 -14.28 25.07
C LEU F 141 -12.39 -14.74 25.28
N ARG F 142 -13.10 -14.10 26.20
CA ARG F 142 -14.49 -14.46 26.40
C ARG F 142 -15.31 -14.31 25.13
N GLN F 143 -14.82 -13.52 24.17
CA GLN F 143 -15.51 -13.33 22.91
C GLN F 143 -15.23 -14.48 21.94
N VAL F 144 -13.98 -14.93 21.88
CA VAL F 144 -13.61 -15.96 20.91
C VAL F 144 -14.00 -17.35 21.42
N PHE F 145 -13.68 -17.65 22.68
CA PHE F 145 -14.08 -18.93 23.27
C PHE F 145 -15.56 -18.95 23.62
N GLY F 146 -16.04 -17.93 24.33
CA GLY F 146 -17.41 -17.91 24.80
C GLY F 146 -18.42 -17.73 23.69
N LYS F 147 -18.42 -16.56 23.06
CA LYS F 147 -19.48 -16.21 22.13
C LYS F 147 -19.43 -17.06 20.86
N GLN F 148 -18.24 -17.22 20.28
CA GLN F 148 -18.16 -17.97 19.03
C GLN F 148 -18.12 -19.48 19.28
N MET F 149 -17.30 -19.92 20.25
CA MET F 149 -17.07 -21.36 20.43
C MET F 149 -17.97 -21.99 21.47
N GLY F 150 -18.58 -21.19 22.34
CA GLY F 150 -19.49 -21.73 23.34
C GLY F 150 -18.84 -22.31 24.57
N LEU F 151 -17.53 -22.09 24.77
CA LEU F 151 -16.83 -22.62 25.93
C LEU F 151 -16.99 -21.69 27.12
N SER F 152 -16.63 -22.20 28.29
CA SER F 152 -16.79 -21.49 29.56
C SER F 152 -15.47 -20.81 29.95
N ASP F 153 -15.56 -19.98 30.99
CA ASP F 153 -14.37 -19.35 31.52
C ASP F 153 -13.36 -20.38 31.98
N GLN F 154 -13.84 -21.52 32.51
CA GLN F 154 -12.92 -22.56 32.98
C GLN F 154 -12.23 -23.25 31.80
N ASP F 155 -12.95 -23.46 30.69
CA ASP F 155 -12.31 -24.02 29.50
C ASP F 155 -11.18 -23.11 29.04
N ILE F 156 -11.40 -21.80 29.12
CA ILE F 156 -10.44 -20.82 28.65
C ILE F 156 -9.14 -20.95 29.43
N VAL F 157 -9.24 -21.00 30.75
CA VAL F 157 -8.05 -21.12 31.58
C VAL F 157 -7.34 -22.44 31.32
N ALA F 158 -8.08 -23.56 31.44
CA ALA F 158 -7.48 -24.88 31.27
C ALA F 158 -6.86 -25.03 29.89
N LEU F 159 -7.64 -24.72 28.85
CA LEU F 159 -7.14 -24.85 27.47
C LEU F 159 -5.90 -24.00 27.25
N SER F 160 -5.85 -22.82 27.88
CA SER F 160 -4.65 -21.99 27.79
C SER F 160 -3.43 -22.75 28.23
N GLY F 161 -3.59 -23.66 29.20
CA GLY F 161 -2.46 -24.46 29.63
C GLY F 161 -1.79 -25.23 28.52
N GLY F 162 -2.45 -25.38 27.36
CA GLY F 162 -1.82 -26.03 26.23
C GLY F 162 -0.48 -25.43 25.88
N HIS F 163 -0.26 -24.16 26.21
CA HIS F 163 1.03 -23.53 25.95
C HIS F 163 2.17 -24.15 26.77
N THR F 164 1.87 -25.05 27.71
CA THR F 164 2.93 -25.85 28.32
C THR F 164 3.71 -26.65 27.28
N LEU F 165 3.20 -26.72 26.06
CA LEU F 165 3.89 -27.38 24.96
C LEU F 165 4.32 -26.34 23.92
N GLY F 166 5.50 -26.51 23.36
CA GLY F 166 5.91 -25.70 22.24
C GLY F 166 6.37 -24.31 22.61
N ARG F 167 6.50 -23.49 21.57
CA ARG F 167 7.12 -22.18 21.68
C ARG F 167 6.55 -21.30 20.57
N ALA F 168 6.83 -20.01 20.66
CA ALA F 168 6.49 -19.09 19.58
C ALA F 168 7.64 -19.00 18.59
N HIS F 169 7.30 -18.68 17.36
CA HIS F 169 8.28 -18.56 16.29
C HIS F 169 8.07 -17.23 15.56
N LYS F 170 9.18 -16.56 15.23
CA LYS F 170 9.14 -15.27 14.53
C LYS F 170 8.71 -15.45 13.09
N GLU F 171 9.18 -16.53 12.46
CA GLU F 171 8.77 -16.85 11.10
C GLU F 171 7.27 -17.08 10.98
N ARG F 172 6.56 -17.25 12.09
CA ARG F 172 5.14 -17.60 12.07
C ARG F 172 4.35 -16.45 12.67
N SER F 173 4.15 -16.41 13.98
CA SER F 173 3.44 -15.29 14.61
C SER F 173 4.35 -14.11 14.90
N GLY F 174 5.67 -14.30 14.84
CA GLY F 174 6.58 -13.20 15.02
C GLY F 174 7.03 -12.99 16.43
N PHE F 175 6.24 -13.44 17.41
CA PHE F 175 6.70 -13.65 18.77
C PHE F 175 7.67 -14.82 18.81
N GLU F 176 8.41 -14.94 19.92
CA GLU F 176 9.43 -15.98 19.99
C GLU F 176 9.59 -16.45 21.43
N GLY F 177 9.93 -17.73 21.58
CA GLY F 177 10.30 -18.29 22.85
C GLY F 177 9.24 -19.20 23.44
N PRO F 178 9.67 -20.11 24.31
CA PRO F 178 8.74 -21.06 24.93
C PRO F 178 8.12 -20.48 26.19
N TRP F 179 6.92 -20.97 26.52
CA TRP F 179 6.27 -20.53 27.74
C TRP F 179 6.85 -21.22 28.98
N THR F 180 7.42 -22.42 28.84
CA THR F 180 7.89 -23.21 29.97
C THR F 180 9.27 -23.77 29.68
N ARG F 181 9.90 -24.27 30.74
CA ARG F 181 11.25 -24.82 30.60
C ARG F 181 11.25 -26.23 30.03
N ASN F 182 10.08 -26.88 29.98
CA ASN F 182 9.93 -28.23 29.48
C ASN F 182 8.94 -28.20 28.32
N PRO F 183 9.33 -27.56 27.21
CA PRO F 183 8.38 -27.35 26.11
C PRO F 183 7.83 -28.64 25.48
N LEU F 184 8.32 -29.83 25.85
CA LEU F 184 7.81 -31.08 25.29
C LEU F 184 7.11 -31.96 26.32
N VAL F 185 6.84 -31.44 27.51
CA VAL F 185 6.19 -32.19 28.59
C VAL F 185 4.85 -31.51 28.91
N PHE F 186 3.79 -32.31 28.96
CA PHE F 186 2.49 -31.78 29.33
C PHE F 186 2.36 -31.81 30.85
N ASP F 187 2.46 -30.64 31.46
CA ASP F 187 2.25 -30.49 32.89
C ASP F 187 1.64 -29.10 33.14
N ASN F 188 1.54 -28.73 34.41
CA ASN F 188 0.92 -27.47 34.79
C ASN F 188 1.92 -26.31 34.90
N SER F 189 3.05 -26.38 34.20
CA SER F 189 4.07 -25.35 34.39
C SER F 189 3.65 -24.00 33.81
N TYR F 190 2.91 -24.00 32.71
CA TYR F 190 2.45 -22.75 32.13
C TYR F 190 1.84 -21.85 33.19
N PHE F 191 1.00 -22.41 34.08
CA PHE F 191 0.39 -21.59 35.11
C PHE F 191 1.40 -21.14 36.15
N LYS F 192 2.29 -22.03 36.61
CA LYS F 192 3.30 -21.62 37.58
C LYS F 192 4.14 -20.47 37.04
N GLU F 193 4.57 -20.57 35.77
CA GLU F 193 5.38 -19.50 35.19
C GLU F 193 4.61 -18.19 35.15
N LEU F 194 3.33 -18.23 34.80
CA LEU F 194 2.55 -17.00 34.67
C LEU F 194 2.41 -16.28 36.02
N LEU F 195 2.07 -17.04 37.09
CA LEU F 195 1.97 -16.49 38.44
C LEU F 195 3.34 -16.20 39.07
N SER F 196 4.40 -16.28 38.27
CA SER F 196 5.74 -15.96 38.71
C SER F 196 6.33 -14.75 37.98
N GLY F 197 5.57 -14.13 37.07
CA GLY F 197 6.01 -12.95 36.37
C GLY F 197 6.95 -13.24 35.22
N ASP F 198 7.23 -12.20 34.42
CA ASP F 198 8.13 -12.33 33.27
C ASP F 198 9.52 -12.77 33.72
N LYS F 199 10.24 -13.41 32.79
CA LYS F 199 11.58 -13.91 33.03
C LYS F 199 12.20 -14.28 31.70
N GLU F 200 13.51 -14.08 31.58
CA GLU F 200 14.21 -14.27 30.32
C GLU F 200 14.05 -15.69 29.78
N GLY F 201 13.88 -15.79 28.46
CA GLY F 201 13.68 -17.06 27.79
C GLY F 201 12.25 -17.55 27.79
N LEU F 202 11.37 -16.96 28.60
CA LEU F 202 9.99 -17.40 28.78
C LEU F 202 9.02 -16.39 28.20
N LEU F 203 8.34 -16.77 27.13
CA LEU F 203 7.28 -15.94 26.59
C LEU F 203 6.09 -15.92 27.55
N GLN F 204 5.40 -14.77 27.58
CA GLN F 204 4.10 -14.67 28.25
C GLN F 204 3.32 -13.58 27.52
N LEU F 205 2.63 -13.98 26.44
CA LEU F 205 1.83 -13.09 25.62
C LEU F 205 0.83 -12.30 26.46
N PRO F 206 0.16 -11.31 25.84
CA PRO F 206 -0.87 -10.53 26.57
C PRO F 206 -2.09 -11.37 26.94
N SER F 207 -2.66 -12.02 25.93
CA SER F 207 -3.74 -12.98 26.16
C SER F 207 -3.39 -13.94 27.30
N ASP F 208 -2.10 -14.21 27.51
CA ASP F 208 -1.71 -14.99 28.69
C ASP F 208 -1.88 -14.17 29.97
N LYS F 209 -1.50 -12.89 29.93
CA LYS F 209 -1.55 -12.08 31.15
C LYS F 209 -2.99 -11.83 31.59
N ALA F 210 -3.93 -11.78 30.65
CA ALA F 210 -5.33 -11.52 31.00
C ALA F 210 -5.82 -12.47 32.08
N LEU F 211 -5.22 -13.66 32.17
CA LEU F 211 -5.63 -14.62 33.19
C LEU F 211 -5.25 -14.16 34.59
N LEU F 212 -4.17 -13.39 34.70
CA LEU F 212 -3.76 -12.88 36.01
C LEU F 212 -4.60 -11.70 36.43
N SER F 213 -4.94 -10.84 35.47
CA SER F 213 -5.78 -9.68 35.74
C SER F 213 -7.23 -10.08 35.98
N ASP F 214 -7.75 -10.97 35.15
CA ASP F 214 -9.18 -11.28 35.19
C ASP F 214 -9.58 -11.86 36.54
N PRO F 215 -10.76 -11.51 37.05
CA PRO F 215 -11.13 -11.94 38.41
C PRO F 215 -11.47 -13.42 38.52
N VAL F 216 -12.05 -14.02 37.48
CA VAL F 216 -12.46 -15.42 37.55
C VAL F 216 -11.36 -16.32 37.00
N PHE F 217 -10.58 -15.80 36.04
CA PHE F 217 -9.45 -16.55 35.48
C PHE F 217 -8.40 -16.82 36.54
N ARG F 218 -7.97 -15.77 37.24
CA ARG F 218 -6.85 -15.82 38.18
C ARG F 218 -7.06 -16.95 39.17
N PRO F 219 -8.18 -16.96 39.89
CA PRO F 219 -8.46 -18.07 40.82
C PRO F 219 -8.25 -19.44 40.19
N LEU F 220 -8.76 -19.64 38.96
CA LEU F 220 -8.50 -20.89 38.23
C LEU F 220 -7.01 -21.15 38.06
N ALA F 221 -6.27 -20.14 37.59
CA ALA F 221 -4.85 -20.35 37.33
C ALA F 221 -4.14 -20.85 38.58
N GLU F 222 -4.35 -20.16 39.71
CA GLU F 222 -3.68 -20.58 40.93
C GLU F 222 -4.08 -21.99 41.33
N LYS F 223 -5.31 -22.38 41.01
CA LYS F 223 -5.72 -23.77 41.23
C LYS F 223 -4.86 -24.73 40.42
N TYR F 224 -4.82 -24.53 39.10
CA TYR F 224 -3.99 -25.39 38.25
C TYR F 224 -2.51 -25.27 38.63
N ALA F 225 -2.08 -24.07 38.99
CA ALA F 225 -0.69 -23.93 39.47
C ALA F 225 -0.46 -24.75 40.74
N ALA F 226 -1.49 -24.91 41.58
CA ALA F 226 -1.33 -25.66 42.82
C ALA F 226 -1.49 -27.16 42.64
N ASP F 227 -2.34 -27.61 41.70
CA ASP F 227 -2.83 -28.99 41.66
C ASP F 227 -2.84 -29.52 40.23
N GLU F 228 -1.88 -30.38 39.89
CA GLU F 228 -1.73 -30.86 38.52
C GLU F 228 -2.91 -31.74 38.10
N ASP F 229 -3.35 -32.63 39.01
CA ASP F 229 -4.56 -33.41 38.75
C ASP F 229 -5.77 -32.52 38.49
N ALA F 230 -5.92 -31.43 39.23
CA ALA F 230 -7.01 -30.51 38.94
C ALA F 230 -6.90 -29.96 37.52
N PHE F 231 -5.69 -29.58 37.12
CA PHE F 231 -5.48 -29.10 35.76
C PHE F 231 -5.80 -30.18 34.73
N PHE F 232 -5.29 -31.41 34.94
CA PHE F 232 -5.47 -32.47 33.95
C PHE F 232 -6.95 -32.78 33.74
N ASP F 233 -7.71 -32.85 34.83
CA ASP F 233 -9.13 -33.13 34.72
C ASP F 233 -9.82 -32.03 33.92
N ASP F 234 -9.64 -30.77 34.32
CA ASP F 234 -10.26 -29.67 33.59
C ASP F 234 -9.79 -29.62 32.15
N TYR F 235 -8.49 -29.82 31.90
CA TYR F 235 -7.99 -29.70 30.53
C TYR F 235 -8.52 -30.83 29.65
N LYS F 236 -8.62 -32.03 30.21
CA LYS F 236 -9.20 -33.16 29.50
C LYS F 236 -10.59 -32.81 29.01
N GLU F 237 -11.43 -32.32 29.92
CA GLU F 237 -12.76 -31.83 29.62
C GLU F 237 -12.74 -30.79 28.51
N ALA F 238 -12.14 -29.63 28.80
CA ALA F 238 -12.05 -28.54 27.82
C ALA F 238 -11.55 -29.03 26.47
N HIS F 239 -10.45 -29.78 26.46
CA HIS F 239 -9.94 -30.26 25.17
C HIS F 239 -10.98 -31.12 24.46
N LEU F 240 -11.61 -32.04 25.19
CA LEU F 240 -12.64 -32.85 24.54
C LEU F 240 -13.70 -31.96 23.91
N LYS F 241 -14.20 -30.98 24.65
CA LYS F 241 -15.21 -30.07 24.09
C LYS F 241 -14.67 -29.35 22.86
N LEU F 242 -13.50 -28.72 22.99
CA LEU F 242 -12.93 -28.02 21.84
C LEU F 242 -12.84 -28.95 20.63
N SER F 243 -12.53 -30.22 20.86
CA SER F 243 -12.28 -31.13 19.74
C SER F 243 -13.55 -31.61 19.07
N GLU F 244 -14.73 -31.28 19.61
CA GLU F 244 -16.00 -31.76 19.09
C GLU F 244 -17.01 -30.65 18.87
N LEU F 245 -16.57 -29.41 18.74
CA LEU F 245 -17.50 -28.31 18.53
C LEU F 245 -18.25 -28.49 17.21
N GLY F 246 -19.57 -28.36 17.26
CA GLY F 246 -20.37 -28.64 16.09
C GLY F 246 -20.45 -30.09 15.68
N PHE F 247 -19.75 -30.99 16.37
CA PHE F 247 -19.74 -32.39 16.02
C PHE F 247 -20.71 -33.16 16.92
N ALA F 248 -21.64 -33.88 16.32
CA ALA F 248 -22.35 -34.90 17.05
C ALA F 248 -23.24 -34.30 18.16
N ASP F 249 -23.91 -33.20 17.85
CA ASP F 249 -24.75 -32.55 18.83
C ASP F 249 -26.10 -33.26 18.90
N ALA F 250 -26.63 -33.43 20.11
CA ALA F 250 -27.79 -34.31 20.30
C ALA F 250 -29.12 -33.62 20.08
CHA HEM G . 10.24 20.15 -16.87
CHB HEM G . 11.34 23.33 -20.34
CHC HEM G . 13.72 26.04 -17.11
CHD HEM G . 12.24 23.07 -13.62
C1A HEM G . 10.33 20.76 -18.08
C2A HEM G . 9.78 20.27 -19.32
C3A HEM G . 10.08 21.13 -20.28
C4A HEM G . 10.84 22.22 -19.70
CMA HEM G . 9.69 21.03 -21.78
CAA HEM G . 8.97 18.94 -19.49
CBA HEM G . 7.51 19.25 -19.15
CGA HEM G . 6.67 18.00 -19.18
O1A HEM G . 6.39 17.46 -18.08
O2A HEM G . 6.25 17.54 -20.28
C1B HEM G . 12.14 24.28 -19.78
C2B HEM G . 12.87 25.28 -20.50
C3B HEM G . 13.53 26.03 -19.58
C4B HEM G . 13.23 25.52 -18.28
CMB HEM G . 12.86 25.41 -22.05
CAB HEM G . 14.49 27.24 -19.76
CBB HEM G . 14.88 27.64 -20.96
C1C HEM G . 13.47 25.54 -15.87
C2C HEM G . 13.82 26.11 -14.60
C3C HEM G . 13.40 25.28 -13.63
C4C HEM G . 12.78 24.14 -14.28
CMC HEM G . 14.52 27.47 -14.46
CAC HEM G . 13.50 25.38 -12.09
CBC HEM G . 14.24 26.30 -11.50
C1D HEM G . 11.62 21.97 -14.19
C2D HEM G . 11.23 20.73 -13.52
C3D HEM G . 10.68 19.94 -14.41
C4D HEM G . 10.71 20.64 -15.69
CMD HEM G . 11.42 20.40 -12.04
CAD HEM G . 10.12 18.51 -14.15
CBD HEM G . 8.60 18.47 -13.95
CGD HEM G . 8.11 17.07 -13.71
O1D HEM G . 6.87 16.86 -13.81
O2D HEM G . 8.93 16.19 -13.41
NA HEM G . 10.97 21.94 -18.34
NB HEM G . 12.38 24.46 -18.44
NC HEM G . 12.85 24.34 -15.65
ND HEM G . 11.30 21.88 -15.54
FE HEM G . 12.09 23.11 -17.08
HHB HEM G . 11.11 23.43 -21.29
HHC HEM G . 14.28 26.84 -17.17
HHD HEM G . 12.28 23.09 -12.64
HMA HEM G . 10.27 21.61 -22.31
HMAA HEM G . 8.75 21.31 -21.90
HMAB HEM G . 9.80 20.10 -22.09
HAA HEM G . 9.32 18.27 -18.88
HAAA HEM G . 9.05 18.63 -20.40
HBA HEM G . 7.16 19.88 -19.80
HBAA HEM G . 7.47 19.64 -18.27
HMB HEM G . 12.20 24.80 -22.42
HMBA HEM G . 13.74 25.19 -22.40
HMBB HEM G . 12.64 26.33 -22.30
HAB HEM G . 14.82 27.71 -18.98
HBB HEM G . 15.48 28.39 -21.06
HBBA HEM G . 14.55 27.17 -21.75
HMC HEM G . 14.69 27.84 -15.34
HMCA HEM G . 15.37 27.35 -14.00
HMCB HEM G . 13.96 28.08 -13.96
HAC HEM G . 13.01 24.76 -11.55
HBC HEM G . 14.75 26.93 -12.04
HBCA HEM G . 14.30 26.35 -10.53
HMD HEM G . 11.11 19.48 -11.86
HMDA HEM G . 10.90 21.02 -11.50
HMDB HEM G . 12.37 20.46 -11.81
HAD HEM G . 10.35 17.95 -14.90
HADA HEM G . 10.54 18.16 -13.35
HBD HEM G . 8.37 19.02 -13.19
HBDA HEM G . 8.18 18.83 -14.75
HHA HEM G . 9.80 19.27 -16.85
NA NA H . 18.94 14.34 -10.11
CHA HEM I . 8.10 1.01 16.30
CHB HEM I . 7.70 0.00 20.99
CHC HEM I . 8.80 4.58 22.11
CHD HEM I . 9.16 5.59 17.41
C1A HEM I . 7.91 0.33 17.47
C2A HEM I . 7.58 -1.07 17.61
C3A HEM I . 7.45 -1.36 18.91
C4A HEM I . 7.72 -0.15 19.64
CMA HEM I . 7.09 -2.73 19.55
CAA HEM I . 7.37 -2.06 16.43
CBA HEM I . 8.70 -2.52 15.86
CGA HEM I . 8.41 -3.14 14.50
O1A HEM I . 9.13 -2.86 13.50
O2A HEM I . 7.43 -3.93 14.39
C1B HEM I . 7.91 1.17 21.66
C2B HEM I . 7.75 1.33 23.08
C3B HEM I . 8.06 2.59 23.38
C4B HEM I . 8.43 3.27 22.16
CMB HEM I . 7.29 0.16 23.99
CAB HEM I . 8.04 3.34 24.75
CBB HEM I . 7.60 2.75 25.84
C1C HEM I . 9.06 5.23 20.94
C2C HEM I . 9.62 6.55 20.82
C3C HEM I . 9.74 6.81 19.52
C4C HEM I . 9.25 5.67 18.78
CMC HEM I . 10.00 7.44 22.03
CAC HEM I . 10.25 8.11 18.84
CBC HEM I . 10.37 9.22 19.54
C1D HEM I . 8.94 4.45 16.68
C2D HEM I . 9.05 4.30 15.24
C3D HEM I . 8.71 3.02 14.94
C4D HEM I . 8.44 2.34 16.18
CMD HEM I . 9.45 5.46 14.30
CAD HEM I . 8.75 2.26 13.58
CBD HEM I . 7.69 2.44 12.50
CGD HEM I . 8.19 1.71 11.24
O1D HEM I . 9.23 0.97 11.29
O2D HEM I . 7.57 1.87 10.14
NA HEM I . 7.99 0.86 18.73
NB HEM I . 8.33 2.37 21.13
NC HEM I . 8.86 4.72 19.68
ND HEM I . 8.57 3.24 17.21
FE HEM I . 8.40 2.81 19.24
HHB HEM I . 7.51 -0.80 21.53
HHC HEM I . 8.89 5.07 22.95
HHD HEM I . 9.27 6.43 16.91
HMA HEM I . 7.47 -2.78 20.45
HMAA HEM I . 7.46 -3.45 19.00
HMAB HEM I . 6.11 -2.82 19.60
HAA HEM I . 6.86 -1.61 15.74
HAAA HEM I . 6.88 -2.84 16.75
HBA HEM I . 9.29 -1.76 15.75
HBAA HEM I . 9.11 -3.16 16.44
HMB HEM I . 7.24 -0.66 23.47
HMBA HEM I . 6.42 0.37 24.37
HMBB HEM I . 7.94 0.05 24.71
HAB HEM I . 8.37 4.25 24.79
HBB HEM I . 7.59 3.22 26.68
HBBA HEM I . 7.27 1.84 25.79
HMC HEM I . 9.81 6.97 22.86
HMCA HEM I . 9.49 8.26 22.01
HMCB HEM I . 10.95 7.64 21.99
HAC HEM I . 10.49 8.10 17.92
HBC HEM I . 10.13 9.24 20.47
HBCA HEM I . 10.69 10.04 19.11
HMD HEM I . 9.23 5.22 13.37
HMDA HEM I . 10.41 5.61 14.37
HMDB HEM I . 8.97 6.27 14.55
HAD HEM I . 9.59 2.50 13.17
HADA HEM I . 8.74 1.32 13.80
HBD HEM I . 6.85 2.05 12.79
HBDA HEM I . 7.56 3.38 12.30
HHA HEM I . 7.99 0.50 15.48
NA NA J . 1.10 9.99 11.30
CHA HEM K . -2.03 -0.98 -30.88
CHB HEM K . -1.18 -5.72 -30.78
CHC HEM K . -5.81 -6.65 -29.75
CHD HEM K . -6.71 -1.93 -29.99
C1A HEM K . -1.37 -2.18 -30.85
C2A HEM K . 0.07 -2.40 -30.87
C3A HEM K . 0.27 -3.72 -30.84
C4A HEM K . -0.99 -4.37 -30.81
CMA HEM K . 1.63 -4.45 -30.85
CAA HEM K . 1.18 -1.34 -30.92
CBA HEM K . 1.06 -0.22 -29.89
CGA HEM K . 2.33 0.59 -30.03
O1A HEM K . 2.27 1.84 -29.86
O2A HEM K . 3.40 -0.02 -30.34
C1B HEM K . -2.36 -6.37 -30.57
C2B HEM K . -2.55 -7.81 -30.61
C3B HEM K . -3.83 -8.06 -30.31
C4B HEM K . -4.49 -6.80 -30.07
CMB HEM K . -1.41 -8.81 -30.94
CAB HEM K . -4.59 -9.40 -30.25
CBB HEM K . -4.04 -10.55 -30.64
C1C HEM K . -6.46 -5.44 -29.65
C2C HEM K . -7.80 -5.22 -29.18
C3C HEM K . -8.03 -3.91 -29.22
C4C HEM K . -6.86 -3.28 -29.76
CMC HEM K . -8.76 -6.31 -28.66
CAC HEM K . -9.34 -3.21 -28.84
CBC HEM K . -10.48 -3.82 -29.12
C1D HEM K . -5.51 -1.30 -30.24
C2D HEM K . -5.40 0.12 -30.41
C3D HEM K . -4.11 0.40 -30.66
C4D HEM K . -3.39 -0.85 -30.66
CMD HEM K . -6.57 1.13 -30.29
CAD HEM K . -3.52 1.80 -30.90
CBD HEM K . -2.71 2.20 -29.66
CGD HEM K . -2.01 3.50 -29.88
O1D HEM K . -0.95 3.65 -29.22
O2D HEM K . -2.47 4.35 -30.70
NA HEM K . -1.98 -3.41 -30.81
NB HEM K . -3.55 -5.78 -30.23
NC HEM K . -5.91 -4.24 -30.01
ND HEM K . -4.28 -1.88 -30.40
FE HEM K . -3.92 -3.95 -30.53
HHB HEM K . -0.40 -6.28 -30.95
HHC HEM K . -6.33 -7.46 -29.58
HHD HEM K . -7.51 -1.38 -29.95
HMA HEM K . 2.19 -4.10 -31.58
HMAA HEM K . 1.49 -5.41 -31.00
HMAB HEM K . 2.09 -4.32 -30.00
HAA HEM K . 1.19 -0.95 -31.80
HAAA HEM K . 2.03 -1.80 -30.76
HBA HEM K . 0.99 -0.58 -29.00
HBAA HEM K . 0.28 0.32 -30.09
HMB HEM K . -0.56 -8.33 -30.97
HMBA HEM K . -1.59 -9.21 -31.80
HMBB HEM K . -1.38 -9.49 -30.25
HAB HEM K . -5.50 -9.42 -29.91
HBB HEM K . -4.55 -11.39 -30.59
HBBA HEM K . -3.14 -10.57 -30.99
HMC HEM K . -8.25 -7.09 -28.39
HMCA HEM K . -9.37 -6.57 -29.38
HMCB HEM K . -9.27 -5.97 -27.91
HAC HEM K . -9.33 -2.34 -28.42
HBC HEM K . -10.47 -4.69 -29.54
HBCA HEM K . -11.33 -3.41 -28.89
HMD HEM K . -7.26 0.89 -30.94
HMDA HEM K . -6.24 2.03 -30.48
HMDB HEM K . -6.96 1.09 -29.39
HAD HEM K . -2.95 1.79 -31.68
HADA HEM K . -4.24 2.44 -31.03
HBD HEM K . -2.04 1.50 -29.49
HBDA HEM K . -3.30 2.27 -28.90
HHA HEM K . -1.51 -0.17 -31.05
NA NA L . -9.94 3.59 -39.02
CHA HEM M . -40.03 14.15 15.50
CHB HEM M . -35.42 13.92 16.96
CHC HEM M . -34.20 12.68 12.42
CHD HEM M . -38.82 12.55 11.11
C1A HEM M . -38.91 14.21 16.29
C2A HEM M . -38.86 14.57 17.69
C3A HEM M . -37.59 14.50 18.10
C4A HEM M . -36.77 14.11 16.99
CMA HEM M . -37.05 14.81 19.53
CAA HEM M . -40.09 14.95 18.53
CBA HEM M . -40.88 13.68 18.85
CGA HEM M . -42.10 14.10 19.65
O1A HEM M . -43.24 13.87 19.14
O2A HEM M . -41.96 14.69 20.77
C1B HEM M . -34.69 13.65 15.81
C2B HEM M . -33.25 13.74 15.66
C3B HEM M . -32.92 13.40 14.41
C4B HEM M . -34.16 13.09 13.72
CMB HEM M . -32.31 14.15 16.83
CAB HEM M . -31.55 13.30 13.67
CBB HEM M . -30.42 13.70 14.24
C1C HEM M . -35.34 12.49 11.70
C2C HEM M . -35.37 12.00 10.35
C3C HEM M . -36.65 11.94 9.96
C4C HEM M . -37.46 12.41 11.07
CMC HEM M . -34.08 11.61 9.61
CAC HEM M . -37.25 11.50 8.61
CBC HEM M . -36.52 11.40 7.52
C1D HEM M . -39.58 13.04 12.15
C2D HEM M . -40.99 13.37 12.17
C3D HEM M . -41.32 13.82 13.38
C4D HEM M . -40.12 13.78 14.19
CMD HEM M . -41.98 13.24 11.00
CAD HEM M . -42.73 14.28 13.87
CBD HEM M . -43.57 13.16 14.51
CGD HEM M . -44.98 13.59 14.89
O1D HEM M . -45.66 12.79 15.62
O2D HEM M . -45.43 14.68 14.48
NA HEM M . -37.63 13.95 15.90
NB HEM M . -35.23 13.26 14.59
NC HEM M . -36.63 12.73 12.11
ND HEM M . -39.09 13.30 13.41
FE HEM M . -37.09 13.40 13.99
HHB HEM M . -34.92 13.98 17.80
HHC HEM M . -33.35 12.50 11.97
HHD HEM M . -39.31 12.25 10.31
HMA HEM M . -36.21 14.34 19.67
HMAA HEM M . -37.70 14.51 20.20
HMAB HEM M . -36.91 15.77 19.63
HAA HEM M . -40.65 15.56 18.03
HAAA HEM M . -39.81 15.38 19.36
HBA HEM M . -41.16 13.25 18.03
HBAA HEM M . -40.34 13.08 19.38
HMB HEM M . -32.83 14.26 17.64
HMBA HEM M . -31.87 14.99 16.60
HMBB HEM M . -31.64 13.46 16.96
HAB HEM M . -31.52 12.95 12.78
HBB HEM M . -29.58 13.64 13.76
HBBA HEM M . -30.43 14.07 15.14
HMC HEM M . -33.94 12.20 8.85
HMCA HEM M . -34.13 10.69 9.30
HMCB HEM M . -33.32 11.69 10.21
HAC HEM M . -38.18 11.28 8.57
HBC HEM M . -35.58 11.61 7.55
HBCA HEM M . -36.94 11.12 6.68
HMD HEM M . -42.03 12.29 10.73
HMDA HEM M . -42.86 13.55 11.28
HMDB HEM M . -41.66 13.77 10.24
HAD HEM M . -43.22 14.62 13.10
HADA HEM M . -42.62 14.99 14.52
HBD HEM M . -43.63 12.43 13.88
HBDA HEM M . -43.11 12.86 15.31
HHA HEM M . -40.87 14.41 15.93
NA NA N . -43.89 21.62 6.62
CHA HEM O . 22.09 -11.82 -4.40
CHB HEM O . 18.71 -12.90 -7.65
CHC HEM O . 22.00 -15.43 -10.12
CHD HEM O . 25.39 -14.21 -6.99
C1A HEM O . 20.89 -11.86 -5.04
C2A HEM O . 19.66 -11.21 -4.64
C3A HEM O . 18.71 -11.51 -5.54
C4A HEM O . 19.32 -12.36 -6.54
CMA HEM O . 17.23 -11.05 -5.52
CAA HEM O . 19.43 -10.32 -3.39
CBA HEM O . 20.43 -9.17 -3.24
CGA HEM O . 20.20 -8.48 -1.91
O1A HEM O . 21.18 -8.03 -1.26
O2A HEM O . 19.03 -8.39 -1.47
C1B HEM O . 19.31 -13.77 -8.52
C2B HEM O . 18.62 -14.67 -9.42
C3B HEM O . 19.54 -15.38 -10.08
C4B HEM O . 20.83 -14.93 -9.63
CMB HEM O . 17.07 -14.75 -9.52
CAB HEM O . 19.41 -16.47 -11.16
CBB HEM O . 18.23 -16.81 -11.66
C1C HEM O . 23.22 -15.27 -9.55
C2C HEM O . 24.49 -15.69 -10.09
C3C HEM O . 25.45 -15.33 -9.22
C4C HEM O . 24.78 -14.71 -8.11
CMC HEM O . 24.61 -16.39 -11.45
CAC HEM O . 26.98 -15.54 -9.28
CBC HEM O . 27.52 -16.48 -10.05
C1D HEM O . 24.74 -13.56 -5.97
C2D HEM O . 25.31 -13.32 -4.66
C3D HEM O . 24.42 -12.65 -3.94
C4D HEM O . 23.24 -12.46 -4.77
CMD HEM O . 26.71 -13.75 -4.19
CAD HEM O . 24.64 -12.22 -2.47
CBD HEM O . 25.06 -10.77 -2.36
CGD HEM O . 25.36 -10.41 -0.93
O1D HEM O . 25.48 -11.33 -0.06
O2D HEM O . 25.50 -9.19 -0.65
NA HEM O . 20.64 -12.56 -6.21
NB HEM O . 20.66 -13.95 -8.68
NC HEM O . 23.43 -14.68 -8.34
ND HEM O . 23.47 -13.02 -6.01
FE HEM O . 21.92 -13.84 -7.25
HHB HEM O . 17.78 -12.64 -7.84
HHC HEM O . 21.96 -15.94 -10.96
HHD HEM O . 26.36 -14.33 -6.90
HMA HEM O . 16.80 -11.27 -6.37
HMAA HEM O . 17.20 -10.08 -5.39
HMAB HEM O . 16.76 -11.48 -4.78
HAA HEM O . 19.49 -10.88 -2.60
HAAA HEM O . 18.54 -9.94 -3.45
HBA HEM O . 20.31 -8.54 -3.97
HBAA HEM O . 21.33 -9.52 -3.27
HMB HEM O . 16.68 -14.44 -8.68
HMBA HEM O . 16.81 -15.67 -9.68
HMBB HEM O . 16.76 -14.19 -10.25
HAB HEM O . 20.20 -16.91 -11.48
HBB HEM O . 18.18 -17.50 -12.35
HBBA HEM O . 17.43 -16.38 -11.35
HMC HEM O . 23.77 -16.34 -11.93
HMCA HEM O . 24.86 -17.32 -11.32
HMCB HEM O . 25.30 -15.94 -11.98
HAC HEM O . 27.55 -14.97 -8.75
HBC HEM O . 26.96 -17.06 -10.59
HBCA HEM O . 28.49 -16.59 -10.07
HMD HEM O . 27.34 -13.70 -4.93
HMDA HEM O . 26.67 -14.67 -3.85
HMDB HEM O . 27.01 -13.15 -3.47
HAD HEM O . 23.81 -12.34 -1.99
HADA HEM O . 25.33 -12.78 -2.08
HBD HEM O . 25.86 -10.62 -2.90
HBDA HEM O . 24.35 -10.20 -2.70
HHA HEM O . 22.14 -11.27 -3.58
NA NA P . 27.83 -21.18 1.43
CHA HEM Q . 1.72 -21.68 20.09
CHB HEM Q . -1.31 -17.94 20.35
CHC HEM Q . -4.64 -20.70 22.61
CHD HEM Q . -1.73 -24.54 21.90
C1A HEM Q . 1.22 -20.42 20.00
C2A HEM Q . 1.90 -19.23 19.54
C3A HEM Q . 1.05 -18.21 19.58
C4A HEM Q . -0.19 -18.70 20.12
CMA HEM Q . 1.34 -16.75 19.19
CAA HEM Q . 3.34 -19.19 19.01
CBA HEM Q . 3.21 -19.83 17.63
CGA HEM Q . 4.38 -19.45 16.78
O1A HEM Q . 4.86 -20.36 16.05
O2A HEM Q . 4.85 -18.28 16.82
C1B HEM Q . -2.44 -18.35 21.02
C2B HEM Q . -3.53 -17.47 21.39
C3B HEM Q . -4.44 -18.20 22.03
C4B HEM Q . -4.00 -19.60 22.07
CMB HEM Q . -3.58 -15.95 21.11
CAB HEM Q . -5.76 -17.60 22.57
CBB HEM Q . -6.51 -18.32 23.39
C1C HEM Q . -4.18 -22.01 22.55
C2C HEM Q . -4.91 -23.24 22.90
C3C HEM Q . -4.10 -24.30 22.69
C4C HEM Q . -2.82 -23.77 22.22
CMC HEM Q . -6.36 -23.28 23.41
CAC HEM Q . -4.37 -25.81 22.90
CBC HEM Q . -5.41 -26.26 23.61
C1D HEM Q . -0.51 -24.11 21.38
C2D HEM Q . 0.69 -24.91 21.13
C3D HEM Q . 1.63 -24.11 20.61
C4D HEM Q . 1.07 -22.80 20.55
CMD HEM Q . 0.86 -26.44 21.39
CAD HEM Q . 3.08 -24.51 20.21
CBD HEM Q . 3.23 -24.88 18.72
CGD HEM Q . 4.67 -25.10 18.21
O1D HEM Q . 5.66 -24.87 18.95
O2D HEM Q . 4.88 -25.52 17.03
NA HEM Q . -0.06 -20.05 20.37
NB HEM Q . -2.75 -19.63 21.44
NC HEM Q . -2.92 -22.39 22.15
ND HEM Q . -0.23 -22.82 21.01
FE HEM Q . -1.43 -21.16 21.51
HHB HEM Q . -1.31 -17.02 20.00
HHC HEM Q . -5.49 -20.54 23.08
HHD HEM Q . -1.81 -25.51 22.06
HMA HEM Q . 1.64 -16.24 19.98
HMAA HEM Q . 0.52 -16.34 18.84
HMAB HEM Q . 2.03 -16.72 18.50
HAA HEM Q . 3.66 -18.28 18.94
HAAA HEM Q . 3.94 -19.69 19.57
HBA HEM Q . 2.39 -19.51 17.21
HBAA HEM Q . 3.18 -20.79 17.74
HMB HEM Q . -3.56 -15.47 21.96
HMBA HEM Q . -4.41 -15.74 20.64
HMBB HEM Q . -2.82 -15.70 20.57
HAB HEM Q . -6.04 -16.72 22.32
HBB HEM Q . -7.34 -17.95 23.74
HBBA HEM Q . -6.24 -19.20 23.65
HMC HEM Q . -6.71 -22.38 23.44
HMCA HEM Q . -6.37 -23.67 24.30
HMCB HEM Q . -6.89 -23.82 22.81
HAC HEM Q . -3.76 -26.44 22.51
HBC HEM Q . -6.03 -25.63 24.01
HBCA HEM Q . -5.54 -27.21 23.73
HMD HEM Q . 0.60 -26.65 22.31
HMDA HEM Q . 1.79 -26.70 21.24
HMDB HEM Q . 0.29 -26.94 20.77
HAD HEM Q . 3.68 -23.78 20.40
HADA HEM Q . 3.35 -25.29 20.73
HBD HEM Q . 2.72 -25.69 18.56
HBDA HEM Q . 2.84 -24.15 18.21
HHA HEM Q . 2.65 -21.81 19.81
NA NA R . 5.41 -27.69 29.50
#